data_4NEH
#
_entry.id   4NEH
#
_cell.length_a   126.967
_cell.length_b   131.444
_cell.length_c   190.477
_cell.angle_alpha   90.00
_cell.angle_beta   90.00
_cell.angle_gamma   90.00
#
_symmetry.space_group_name_H-M   'P 21 21 21'
#
loop_
_entity.id
_entity.type
_entity.pdbx_description
1 polymer 'Integrin alpha-X'
2 polymer 'Integrin beta-2'
3 branched 2-acetamido-2-deoxy-beta-D-glucopyranose-(1-4)-2-acetamido-2-deoxy-beta-D-glucopyranose
4 branched beta-D-mannopyranose-(1-4)-2-acetamido-2-deoxy-beta-D-glucopyranose-(1-4)-2-acetamido-2-deoxy-beta-D-glucopyranose
5 branched alpha-D-mannopyranose-(1-2)-alpha-D-mannopyranose-(1-3)-[alpha-D-mannopyranose-(1-3)-alpha-D-mannopyranose-(1-6)]beta-D-mannopyranose-(1-4)-2-acetamido-2-deoxy-beta-D-glucopyranose-(1-4)-2-acetamido-2-deoxy-beta-D-glucopyranose
6 non-polymer 'CALCIUM ION'
7 non-polymer 'MAGNESIUM ION'
8 non-polymer 2-acetamido-2-deoxy-beta-D-glucopyranose
9 non-polymer 'CHLORIDE ION'
10 non-polymer 'SODIUM ION'
11 water water
#
loop_
_entity_poly.entity_id
_entity_poly.type
_entity_poly.pdbx_seq_one_letter_code
_entity_poly.pdbx_strand_id
1 'polypeptide(L)'
;FNLDTEELTAFRVDSAGFGDSVVQYANSWVVVGAPQKITAADQTGGLYQCGYSTGACEPIGLQVPPEAVNMSLGLSLAST
TSPSQLLACGPTVHHECGRNMYLTGLCFLLGPTQLTQRLPVSRQECPRQEQDIVFLIDGSGSISSRNFATMMNFVRAVIS
QFQRPSTQFSLMQFSNKFQTHFTFEEFRRSSNPLSLLASVHQLQGFTYTATAIQNVVHRLFHASYGARRDAAKILIVITD
GKKEGDSLDYKDVIPMADAAGIIRYAIGVGLAFQNRNSWKELNDIASKPSQEHIFKVEDFDALKDIQNQLKEKIFAIEGT
ETTSSSSFELEMAQEGFSAVFTPDGPVLGAVGSFTWSGGAFLYPPNMDPTFINMSQENVDMRDSYLGYSTELALWKGVQS
LVLGAPRYQHTGKAVIFTQVSRQWRMKAEVTGTQIGSYFGASLCSVDVDSDGSTDLVLIGAPHYYEQTRGGQVSVCPLPR
GWRRWWCDAVLYGEQGHPWGRFGAALTVLGDVNGDKLTDVVIGAPGEEENRGAVYLFHGVLGPSISPSHSQRIAGSQLSS
RLQYFGQALSGGQDLTQDGLVDLAVGARGQVLLLRTRPVLWVGVSMQFIPAEIPRSAFECREQVVSEQTLVQSNICLYID
KRSKNLLGSRDLQSSVTLDLALDPGRLSPRATFQETKTRSLSRVRVLGLKAHCENFNLLLPSCVEDSVTPITLRLNFTLV
GKPLLAFRNLRPMLAADAQRYFTASLPFEKNCGADHICQDNLGISFSFPGLKSLLVGSNLELNAEVMVWNDGEDSYGTTI
TFSHPAGLSYRYVAEGQKQGQLRSLHLTCDSAPVGSQGTWSTSCRINHLIFRGGAQITFLATFDVSPKAVLGDRLLLTAN
VSSESNTPRTSKTTFQLELPVKYAVYTVVSSHEQFTKYLCFSESEEKESHVAMHRYQVNNLGQRDLPVSINFWVPVELNQ
EAVWMDVEVSHPQNPSLRCSSEKIAPPASDFLAHIQKNPVLDCSIAGCLRFRCDVPSFSVQEELDFTLKGNLSFGWVRQI
LQKKVSVVSVAEITFDTSVYSQLPGQEAFMRAQTTTVLEKYKPGPAALQTLFQG
;
A
2 'polypeptide(L)'
;QECTKFKVSSCRECIESGPGCTWCQKLNFTGPGDPDSIRCDTRPQLLMRGCAADDIMDPTSLAETQEDHNGGQKQLSPQK
VTLYLRPGQAAAFNVTFRRAKGYPIDLYYLMDLSYSMLDDLRNVKKLGGDLLRALNEITESGRIGFGSFVDKTVLPFVNT
HPDKLRNPCPNKEKECQPPFAFRHVLKLTDNSNQFQTEVGKQLISGNLDAPEGGLDAMMQVAACPEEIGWRKVTRLLVFA
TDDGFHFAGDGKLGAILTPNDGRCHLEDNLYKRSNEFDYPSVGQLAHKLAENNIQPIFAVTSRMVKTYEKLTEIIPKSAV
GELSEDSSNVVQLIKNAYNKLSSRVFLDHNALPDTLKVTYDSFCSNGVTHRNQPRGDCDGVQINVPITFQVKVTATECIQ
EQSFVIRALGFTDIVTVQVLPQCECRCRDQSRDRSLCHGKGFLECGICRCDTGYIGKNCECQTQGRSSQELEGSCRKDNN
SIICSGLGDCVCGQCLCHTSDVPGKLIYGQYCECDTINCERYNGQVCGGPGRGLCFCGKCRCHPGFEGSACQCERTTEGC
LNPRRVECSGRGRCRCNVCECHSGYQLPLCQECPGCPSPCGKYISCAECLKFEKGPFGKNCSAACPGLQLSNNPVKGRTC
KERDSEGCWVAYTLEQQDGMDRYLIYVDESRECCGGPAALQTLFQG
;
B
#
# COMPACT_ATOMS: atom_id res chain seq x y z
N PHE A 1 -6.69 9.71 20.93
CA PHE A 1 -6.88 10.97 21.64
C PHE A 1 -6.58 10.84 23.13
N ASN A 2 -6.58 9.62 23.64
CA ASN A 2 -6.41 9.40 25.08
C ASN A 2 -5.00 8.96 25.47
N LEU A 3 -4.02 9.24 24.61
CA LEU A 3 -2.63 9.06 24.98
C LEU A 3 -2.19 10.22 25.85
N ASP A 4 -1.67 9.91 27.04
CA ASP A 4 -1.27 10.94 28.00
C ASP A 4 0.06 11.58 27.60
N THR A 5 0.04 12.90 27.41
CA THR A 5 1.24 13.63 26.98
C THR A 5 1.86 14.45 28.10
N GLU A 6 1.19 14.48 29.25
CA GLU A 6 1.68 15.28 30.38
C GLU A 6 2.44 14.42 31.39
N GLU A 7 1.73 13.50 32.06
CA GLU A 7 2.40 12.56 32.94
C GLU A 7 3.03 11.46 32.08
N LEU A 8 4.33 11.31 32.19
CA LEU A 8 5.09 10.55 31.21
C LEU A 8 6.36 9.93 31.81
N THR A 9 6.87 8.89 31.17
CA THR A 9 8.12 8.26 31.60
C THR A 9 9.16 8.28 30.50
N ALA A 10 10.34 8.83 30.79
CA ALA A 10 11.40 8.95 29.80
C ALA A 10 12.67 8.29 30.30
N PHE A 11 13.15 7.30 29.55
CA PHE A 11 14.36 6.58 29.92
C PHE A 11 15.55 7.13 29.13
N ARG A 12 16.62 7.50 29.84
CA ARG A 12 17.83 8.00 29.21
C ARG A 12 19.04 7.18 29.62
N VAL A 13 19.80 6.71 28.63
CA VAL A 13 21.06 6.01 28.87
C VAL A 13 22.13 6.53 27.91
N ASP A 14 23.34 6.72 28.44
CA ASP A 14 24.46 7.29 27.68
C ASP A 14 24.90 6.41 26.51
N SER A 15 24.55 5.13 26.56
CA SER A 15 25.01 4.15 25.58
C SER A 15 24.67 4.51 24.13
N ALA A 16 25.60 4.25 23.23
CA ALA A 16 25.43 4.60 21.83
C ALA A 16 24.37 3.74 21.15
N GLY A 17 23.42 4.40 20.49
CA GLY A 17 22.38 3.71 19.77
C GLY A 17 21.19 3.34 20.65
N PHE A 18 21.17 3.88 21.86
CA PHE A 18 20.07 3.62 22.77
C PHE A 18 18.76 4.17 22.22
N GLY A 19 17.74 3.34 22.20
CA GLY A 19 16.42 3.76 21.72
C GLY A 19 16.19 3.45 20.26
N ASP A 20 17.20 2.88 19.61
CA ASP A 20 17.09 2.50 18.20
C ASP A 20 16.10 1.35 18.02
N SER A 21 15.92 0.55 19.05
CA SER A 21 14.95 -0.54 19.02
C SER A 21 14.34 -0.76 20.40
N VAL A 22 13.02 -0.84 20.46
CA VAL A 22 12.31 -1.07 21.70
C VAL A 22 11.28 -2.20 21.58
N VAL A 23 10.93 -2.81 22.71
CA VAL A 23 9.90 -3.83 22.75
C VAL A 23 9.39 -4.02 24.19
N GLN A 24 8.08 -4.10 24.34
CA GLN A 24 7.49 -4.38 25.65
C GLN A 24 7.69 -5.86 25.98
N TYR A 25 7.93 -6.16 27.25
CA TYR A 25 8.30 -7.51 27.64
C TYR A 25 7.69 -7.95 28.97
N ALA A 26 6.95 -9.07 28.91
CA ALA A 26 6.41 -9.73 30.10
C ALA A 26 5.54 -8.82 30.96
N ASN A 27 4.93 -7.81 30.35
CA ASN A 27 4.10 -6.85 31.05
C ASN A 27 4.82 -6.20 32.23
N SER A 28 6.13 -6.07 32.12
CA SER A 28 6.94 -5.57 33.22
C SER A 28 7.96 -4.54 32.76
N TRP A 29 8.60 -4.83 31.64
CA TRP A 29 9.73 -4.01 31.21
C TRP A 29 9.57 -3.48 29.79
N VAL A 30 10.28 -2.39 29.51
CA VAL A 30 10.58 -2.01 28.14
C VAL A 30 12.02 -2.43 27.88
N VAL A 31 12.21 -3.39 26.99
CA VAL A 31 13.57 -3.79 26.62
C VAL A 31 14.09 -2.90 25.50
N VAL A 32 15.23 -2.28 25.72
CA VAL A 32 15.78 -1.32 24.77
C VAL A 32 17.16 -1.77 24.29
N GLY A 33 17.39 -1.67 22.98
CA GLY A 33 18.67 -2.02 22.41
C GLY A 33 19.55 -0.80 22.18
N ALA A 34 20.86 -1.01 22.28
CA ALA A 34 21.83 0.03 21.97
C ALA A 34 22.92 -0.58 21.10
N PRO A 35 22.62 -0.78 19.81
CA PRO A 35 23.43 -1.57 18.86
C PRO A 35 24.87 -1.09 18.70
N GLN A 36 25.11 0.20 18.93
CA GLN A 36 26.41 0.78 18.63
C GLN A 36 27.31 0.87 19.87
N LYS A 37 26.75 0.56 21.03
CA LYS A 37 27.50 0.56 22.28
C LYS A 37 28.61 -0.49 22.28
N ILE A 38 29.83 -0.07 22.60
CA ILE A 38 30.96 -1.00 22.72
C ILE A 38 31.01 -1.58 24.13
N THR A 39 30.51 -2.80 24.27
CA THR A 39 30.42 -3.46 25.58
C THR A 39 31.74 -4.12 25.98
N ALA A 40 32.53 -4.51 25.00
CA ALA A 40 33.79 -5.19 25.27
C ALA A 40 34.73 -5.11 24.07
N ALA A 41 35.84 -5.82 24.14
CA ALA A 41 36.80 -5.87 23.05
C ALA A 41 36.21 -6.58 21.84
N ASP A 42 36.10 -5.85 20.74
CA ASP A 42 35.53 -6.39 19.50
C ASP A 42 34.10 -6.90 19.69
N GLN A 43 33.37 -6.25 20.60
CA GLN A 43 31.96 -6.55 20.82
C GLN A 43 31.16 -5.25 20.86
N THR A 44 30.07 -5.21 20.09
CA THR A 44 29.19 -4.04 20.09
C THR A 44 27.74 -4.44 20.37
N GLY A 45 26.95 -3.48 20.84
CA GLY A 45 25.55 -3.71 21.13
C GLY A 45 25.29 -4.10 22.57
N GLY A 46 24.32 -3.44 23.19
CA GLY A 46 23.96 -3.72 24.56
C GLY A 46 22.45 -3.71 24.78
N LEU A 47 21.99 -4.47 25.77
CA LEU A 47 20.58 -4.54 26.09
C LEU A 47 20.27 -3.88 27.43
N TYR A 48 19.06 -3.36 27.55
CA TYR A 48 18.60 -2.75 28.79
C TYR A 48 17.14 -3.09 29.03
N GLN A 49 16.76 -3.28 30.30
CA GLN A 49 15.35 -3.40 30.63
C GLN A 49 14.93 -2.23 31.52
N CYS A 50 13.78 -1.63 31.19
CA CYS A 50 13.35 -0.40 31.83
C CYS A 50 12.01 -0.57 32.54
N GLY A 51 11.97 -0.23 33.82
CA GLY A 51 10.77 -0.39 34.62
C GLY A 51 10.03 0.92 34.83
N TYR A 52 8.75 0.81 35.15
CA TYR A 52 7.90 1.98 35.36
C TYR A 52 7.99 2.49 36.79
N SER A 53 7.98 1.56 37.75
CA SER A 53 8.11 1.90 39.16
C SER A 53 9.45 2.58 39.43
N THR A 54 10.53 1.92 38.99
CA THR A 54 11.88 2.45 39.17
C THR A 54 12.08 3.71 38.32
N GLY A 55 11.64 3.66 37.07
CA GLY A 55 11.80 4.78 36.17
C GLY A 55 13.22 4.88 35.64
N ALA A 56 14.00 3.81 35.87
CA ALA A 56 15.39 3.77 35.41
C ALA A 56 15.64 2.50 34.61
N CYS A 57 16.84 2.40 34.04
CA CYS A 57 17.17 1.27 33.18
C CYS A 57 18.38 0.49 33.70
N GLU A 58 18.25 -0.84 33.72
CA GLU A 58 19.35 -1.72 34.10
C GLU A 58 19.75 -2.59 32.91
N PRO A 59 21.06 -2.83 32.73
CA PRO A 59 21.54 -3.63 31.61
C PRO A 59 21.21 -5.11 31.77
N ILE A 60 21.05 -5.81 30.65
CA ILE A 60 20.79 -7.25 30.68
C ILE A 60 22.09 -8.00 30.39
N GLY A 61 22.54 -8.80 31.36
CA GLY A 61 23.78 -9.54 31.23
C GLY A 61 23.65 -10.76 30.36
N LEU A 62 24.53 -10.87 29.36
CA LEU A 62 24.51 -12.01 28.45
C LEU A 62 25.93 -12.50 28.15
N GLN A 63 26.12 -13.81 28.20
CA GLN A 63 27.39 -14.41 27.80
C GLN A 63 27.51 -14.41 26.29
N VAL A 64 28.26 -13.45 25.77
CA VAL A 64 28.46 -13.32 24.33
C VAL A 64 29.71 -14.06 23.87
N PRO A 65 29.53 -15.01 22.94
CA PRO A 65 30.64 -15.81 22.39
C PRO A 65 31.74 -14.94 21.80
N PRO A 66 33.00 -15.37 21.93
CA PRO A 66 34.12 -14.65 21.33
C PRO A 66 34.08 -14.70 19.81
N GLU A 67 33.29 -15.62 19.27
CA GLU A 67 33.12 -15.78 17.83
C GLU A 67 32.22 -14.69 17.25
N ALA A 68 31.44 -14.06 18.13
CA ALA A 68 30.51 -13.01 17.71
C ALA A 68 31.15 -11.63 17.78
N VAL A 69 31.67 -11.16 16.66
CA VAL A 69 32.37 -9.89 16.61
C VAL A 69 31.46 -8.79 16.07
N ASN A 70 31.25 -7.76 16.88
CA ASN A 70 30.50 -6.58 16.49
C ASN A 70 29.09 -6.90 15.96
N MET A 71 28.33 -7.62 16.77
CA MET A 71 26.99 -8.08 16.39
C MET A 71 26.01 -6.95 16.10
N SER A 72 26.24 -5.80 16.71
CA SER A 72 25.23 -4.75 16.81
C SER A 72 24.02 -5.34 17.52
N LEU A 73 24.28 -5.97 18.66
CA LEU A 73 23.23 -6.59 19.46
C LEU A 73 22.16 -5.59 19.88
N GLY A 74 20.90 -5.92 19.63
CA GLY A 74 19.80 -5.06 19.99
C GLY A 74 19.31 -4.22 18.82
N LEU A 75 19.87 -4.50 17.64
CA LEU A 75 19.45 -3.82 16.42
C LEU A 75 18.01 -4.21 16.08
N SER A 76 17.63 -5.42 16.45
CA SER A 76 16.25 -5.88 16.29
C SER A 76 15.80 -6.67 17.53
N LEU A 77 14.56 -6.42 17.95
CA LEU A 77 14.00 -7.08 19.12
C LEU A 77 12.62 -7.66 18.81
N ALA A 78 12.19 -8.62 19.63
CA ALA A 78 10.87 -9.21 19.49
C ALA A 78 10.47 -9.89 20.79
N SER A 79 9.16 -9.99 21.01
CA SER A 79 8.67 -10.65 22.22
C SER A 79 7.29 -11.23 22.04
N THR A 80 6.94 -12.18 22.90
CA THR A 80 5.61 -12.78 22.91
C THR A 80 5.17 -12.99 24.36
N THR A 81 3.86 -13.12 24.56
CA THR A 81 3.30 -13.30 25.91
C THR A 81 2.60 -14.63 26.09
N SER A 82 2.76 -15.54 25.14
CA SER A 82 2.20 -16.87 25.26
CA SER A 82 2.15 -16.84 25.30
C SER A 82 2.96 -17.58 26.39
N PRO A 83 4.19 -18.06 26.10
CA PRO A 83 4.84 -17.93 27.41
C PRO A 83 5.69 -16.65 27.30
N SER A 84 5.89 -15.88 28.36
CA SER A 84 6.65 -14.63 28.19
C SER A 84 8.06 -14.95 27.71
N GLN A 85 8.40 -14.45 26.52
CA GLN A 85 9.74 -14.66 25.97
C GLN A 85 10.31 -13.42 25.30
N LEU A 86 11.63 -13.29 25.33
CA LEU A 86 12.33 -12.17 24.70
C LEU A 86 13.35 -12.64 23.68
N LEU A 87 13.44 -11.92 22.57
CA LEU A 87 14.38 -12.27 21.51
C LEU A 87 15.19 -11.05 21.08
N ALA A 88 16.51 -11.11 21.27
CA ALA A 88 17.39 -10.00 20.98
C ALA A 88 18.52 -10.44 20.07
N CYS A 89 18.64 -9.78 18.92
CA CYS A 89 19.49 -10.27 17.85
C CYS A 89 20.56 -9.27 17.45
N GLY A 90 21.72 -9.79 17.05
CA GLY A 90 22.78 -8.99 16.49
C GLY A 90 23.13 -9.50 15.11
N PRO A 91 22.62 -8.82 14.06
CA PRO A 91 22.69 -9.28 12.67
C PRO A 91 23.96 -8.88 11.92
N THR A 92 24.89 -8.20 12.59
CA THR A 92 26.10 -7.76 11.89
C THR A 92 27.35 -8.45 12.42
N VAL A 93 27.23 -9.74 12.76
CA VAL A 93 28.36 -10.50 13.26
C VAL A 93 29.44 -10.67 12.19
N HIS A 94 30.63 -10.15 12.47
CA HIS A 94 31.75 -10.26 11.54
C HIS A 94 32.50 -11.58 11.74
N HIS A 95 32.45 -12.43 10.73
CA HIS A 95 33.11 -13.73 10.78
C HIS A 95 34.21 -13.81 9.74
N GLU A 96 35.44 -14.03 10.19
CA GLU A 96 36.57 -14.09 9.26
C GLU A 96 36.85 -15.52 8.81
N CYS A 97 36.56 -15.80 7.55
CA CYS A 97 36.88 -17.09 6.96
C CYS A 97 37.94 -16.93 5.88
N GLY A 98 39.18 -17.28 6.21
CA GLY A 98 40.28 -17.08 5.29
C GLY A 98 40.56 -15.60 5.15
N ARG A 99 40.53 -15.10 3.92
CA ARG A 99 40.70 -13.68 3.66
C ARG A 99 39.39 -13.05 3.25
N ASN A 100 38.30 -13.78 3.48
CA ASN A 100 36.95 -13.25 3.31
C ASN A 100 36.38 -12.84 4.65
N MET A 101 35.53 -11.82 4.65
CA MET A 101 34.83 -11.40 5.86
C MET A 101 33.34 -11.66 5.71
N TYR A 102 32.80 -12.54 6.55
CA TYR A 102 31.39 -12.89 6.46
C TYR A 102 30.54 -12.03 7.37
N LEU A 103 29.26 -11.90 7.05
CA LEU A 103 28.35 -11.14 7.89
C LEU A 103 27.14 -12.00 8.25
N THR A 104 27.20 -12.60 9.42
CA THR A 104 26.10 -13.43 9.89
C THR A 104 25.42 -12.78 11.09
N GLY A 105 24.55 -13.51 11.76
CA GLY A 105 23.83 -12.97 12.91
C GLY A 105 23.70 -13.94 14.06
N LEU A 106 23.43 -13.40 15.25
CA LEU A 106 23.24 -14.20 16.45
C LEU A 106 22.14 -13.62 17.32
N CYS A 107 21.25 -14.49 17.80
CA CYS A 107 20.13 -14.06 18.63
C CYS A 107 20.11 -14.77 19.97
N PHE A 108 19.47 -14.15 20.95
CA PHE A 108 19.35 -14.72 22.28
C PHE A 108 17.90 -14.86 22.68
N LEU A 109 17.49 -16.06 23.06
CA LEU A 109 16.13 -16.30 23.50
C LEU A 109 16.08 -16.30 25.03
N LEU A 110 15.33 -15.34 25.59
CA LEU A 110 15.25 -15.18 27.03
C LEU A 110 13.85 -15.44 27.54
N GLY A 111 13.77 -15.86 28.81
CA GLY A 111 12.50 -16.13 29.45
C GLY A 111 12.70 -16.44 30.92
N PRO A 112 11.71 -16.10 31.75
CA PRO A 112 11.78 -16.33 33.20
C PRO A 112 11.84 -17.81 33.59
N THR A 113 11.07 -18.65 32.90
CA THR A 113 10.99 -20.06 33.27
C THR A 113 11.93 -20.95 32.46
N GLN A 114 12.79 -20.31 31.66
CA GLN A 114 13.74 -21.03 30.82
C GLN A 114 15.15 -20.46 30.94
N LEU A 115 16.13 -21.29 30.59
CA LEU A 115 17.52 -20.84 30.55
C LEU A 115 17.82 -20.20 29.20
N THR A 116 18.61 -19.13 29.21
CA THR A 116 18.91 -18.39 27.99
C THR A 116 19.62 -19.25 26.94
N GLN A 117 19.06 -19.28 25.74
CA GLN A 117 19.63 -20.04 24.64
C GLN A 117 19.87 -19.13 23.43
N ARG A 118 20.59 -19.65 22.44
CA ARG A 118 20.98 -18.86 21.28
C ARG A 118 20.40 -19.37 19.97
N LEU A 119 20.23 -18.46 19.02
CA LEU A 119 19.77 -18.79 17.67
C LEU A 119 20.57 -18.02 16.62
N PRO A 120 21.09 -18.73 15.60
CA PRO A 120 21.02 -20.20 15.45
C PRO A 120 21.87 -20.92 16.49
N VAL A 121 21.50 -22.16 16.80
CA VAL A 121 22.13 -22.91 17.87
C VAL A 121 23.61 -23.16 17.59
N SER A 122 23.98 -23.19 16.31
CA SER A 122 25.35 -23.49 15.93
C SER A 122 26.10 -22.27 15.42
N ARG A 123 27.40 -22.21 15.73
CA ARG A 123 28.28 -21.19 15.18
C ARG A 123 28.36 -21.34 13.66
N GLN A 124 28.50 -20.24 12.95
CA GLN A 124 28.63 -20.28 11.49
C GLN A 124 29.91 -20.98 11.09
N GLU A 125 29.82 -21.87 10.12
CA GLU A 125 30.97 -22.65 9.66
C GLU A 125 31.72 -21.97 8.51
N CYS A 126 33.03 -22.15 8.49
CA CYS A 126 33.85 -21.72 7.36
C CYS A 126 33.93 -22.87 6.35
N PRO A 127 34.04 -22.54 5.06
CA PRO A 127 34.17 -23.57 4.03
C PRO A 127 35.43 -24.40 4.24
N ARG A 128 35.27 -25.69 4.46
CA ARG A 128 36.42 -26.56 4.71
C ARG A 128 36.89 -27.24 3.43
N GLN A 129 38.21 -27.30 3.26
CA GLN A 129 38.81 -27.94 2.09
C GLN A 129 38.72 -29.46 2.20
N GLU A 130 38.10 -30.07 1.21
CA GLU A 130 38.05 -31.53 1.13
C GLU A 130 39.46 -32.09 1.01
N GLN A 131 39.75 -33.13 1.78
CA GLN A 131 41.04 -33.79 1.69
C GLN A 131 40.93 -35.30 1.87
N ASP A 132 41.36 -36.04 0.85
CA ASP A 132 41.40 -37.49 0.91
C ASP A 132 42.74 -37.94 1.46
N ILE A 133 42.71 -38.50 2.67
CA ILE A 133 43.94 -38.85 3.36
C ILE A 133 44.13 -40.37 3.45
N VAL A 134 45.24 -40.87 2.90
CA VAL A 134 45.53 -42.29 2.96
C VAL A 134 46.66 -42.60 3.92
N PHE A 135 46.38 -43.46 4.89
CA PHE A 135 47.42 -44.01 5.75
C PHE A 135 48.06 -45.23 5.08
N LEU A 136 49.39 -45.20 4.96
CA LEU A 136 50.14 -46.35 4.49
C LEU A 136 51.15 -46.75 5.56
N ILE A 137 50.83 -47.79 6.32
CA ILE A 137 51.62 -48.13 7.50
C ILE A 137 52.47 -49.40 7.32
N ASP A 138 53.70 -49.31 7.81
CA ASP A 138 54.65 -50.42 7.74
C ASP A 138 54.33 -51.49 8.76
N GLY A 139 53.99 -52.68 8.28
CA GLY A 139 53.73 -53.81 9.16
C GLY A 139 54.77 -54.91 9.02
N SER A 140 55.97 -54.53 8.58
CA SER A 140 57.04 -55.49 8.34
C SER A 140 57.54 -56.13 9.62
N GLY A 141 58.41 -57.13 9.48
CA GLY A 141 58.98 -57.82 10.62
C GLY A 141 59.89 -56.94 11.45
N SER A 142 60.38 -55.86 10.85
CA SER A 142 61.27 -54.94 11.54
C SER A 142 60.50 -54.07 12.54
N ILE A 143 59.21 -53.89 12.29
CA ILE A 143 58.34 -53.19 13.23
C ILE A 143 57.98 -54.14 14.36
N SER A 144 58.07 -53.67 15.59
CA SER A 144 57.91 -54.56 16.73
C SER A 144 56.84 -54.13 17.72
N SER A 145 55.75 -54.89 17.76
CA SER A 145 54.72 -54.81 18.79
C SER A 145 54.30 -53.40 19.19
N ARG A 146 54.98 -52.86 20.20
CA ARG A 146 54.64 -51.56 20.76
C ARG A 146 54.80 -50.47 19.72
N ASN A 147 55.86 -50.61 18.93
CA ASN A 147 56.09 -49.71 17.82
C ASN A 147 54.91 -49.70 16.87
N PHE A 148 54.41 -50.88 16.54
CA PHE A 148 53.22 -51.01 15.71
C PHE A 148 52.00 -50.46 16.45
N ALA A 149 51.93 -50.76 17.74
CA ALA A 149 50.84 -50.28 18.59
C ALA A 149 50.82 -48.76 18.65
N THR A 150 52.01 -48.16 18.69
CA THR A 150 52.14 -46.71 18.71
C THR A 150 51.72 -46.14 17.36
N MET A 151 52.02 -46.88 16.30
CA MET A 151 51.65 -46.48 14.94
C MET A 151 50.13 -46.41 14.79
N MET A 152 49.43 -47.36 15.40
CA MET A 152 47.98 -47.39 15.34
C MET A 152 47.38 -46.29 16.23
N ASN A 153 48.02 -46.01 17.35
CA ASN A 153 47.58 -44.94 18.23
C ASN A 153 47.80 -43.58 17.59
N PHE A 154 48.79 -43.51 16.71
CA PHE A 154 49.01 -42.32 15.89
C PHE A 154 47.83 -42.14 14.93
N VAL A 155 47.40 -43.25 14.34
CA VAL A 155 46.30 -43.24 13.38
C VAL A 155 44.99 -42.83 14.06
N ARG A 156 44.73 -43.42 15.22
CA ARG A 156 43.54 -43.09 16.00
C ARG A 156 43.50 -41.60 16.35
N ALA A 157 44.67 -41.06 16.70
CA ALA A 157 44.78 -39.66 17.07
C ALA A 157 44.44 -38.75 15.89
N VAL A 158 45.09 -38.99 14.76
CA VAL A 158 44.91 -38.15 13.58
C VAL A 158 43.47 -38.16 13.08
N ILE A 159 42.86 -39.35 13.02
CA ILE A 159 41.49 -39.48 12.55
C ILE A 159 40.53 -38.66 13.41
N SER A 160 40.80 -38.62 14.70
CA SER A 160 39.96 -37.87 15.64
C SER A 160 40.17 -36.36 15.52
N GLN A 161 41.24 -35.96 14.84
CA GLN A 161 41.61 -34.55 14.73
C GLN A 161 40.98 -33.86 13.52
N PHE A 162 40.27 -34.62 12.70
CA PHE A 162 39.68 -34.08 11.47
C PHE A 162 38.18 -34.29 11.40
N GLN A 163 37.47 -33.29 10.89
CA GLN A 163 36.01 -33.29 10.85
C GLN A 163 35.49 -34.05 9.63
N ARG A 164 34.26 -34.52 9.70
CA ARG A 164 33.62 -35.22 8.60
C ARG A 164 32.42 -34.43 8.09
N PRO A 165 32.14 -34.52 6.77
CA PRO A 165 32.88 -35.27 5.78
C PRO A 165 33.90 -34.42 5.02
N SER A 166 34.41 -33.38 5.67
CA SER A 166 35.44 -32.54 5.07
C SER A 166 36.66 -33.40 4.75
N THR A 167 37.10 -34.14 5.76
CA THR A 167 38.21 -35.07 5.63
C THR A 167 37.74 -36.50 5.79
N GLN A 168 38.23 -37.38 4.94
CA GLN A 168 37.97 -38.80 5.13
C GLN A 168 39.22 -39.61 4.84
N PHE A 169 39.30 -40.79 5.44
CA PHE A 169 40.54 -41.53 5.52
C PHE A 169 40.48 -42.90 4.86
N SER A 170 41.66 -43.40 4.50
CA SER A 170 41.82 -44.74 3.98
C SER A 170 43.11 -45.34 4.56
N LEU A 171 43.07 -46.62 4.90
CA LEU A 171 44.22 -47.26 5.55
C LEU A 171 44.67 -48.53 4.85
N MET A 172 45.90 -48.53 4.37
CA MET A 172 46.51 -49.76 3.84
C MET A 172 47.79 -50.09 4.60
N GLN A 173 47.83 -51.29 5.18
CA GLN A 173 49.05 -51.79 5.79
C GLN A 173 49.86 -52.55 4.75
N PHE A 174 51.17 -52.34 4.75
CA PHE A 174 52.01 -53.00 3.76
C PHE A 174 53.17 -53.75 4.40
N SER A 175 53.67 -54.73 3.68
CA SER A 175 54.88 -55.45 4.05
C SER A 175 55.46 -56.03 2.77
N ASN A 176 55.39 -57.34 2.64
CA ASN A 176 55.55 -57.97 1.34
C ASN A 176 54.16 -58.34 0.85
N LYS A 177 53.22 -58.26 1.79
CA LYS A 177 51.80 -58.45 1.52
C LYS A 177 51.08 -57.12 1.71
N PHE A 178 50.07 -56.85 0.89
CA PHE A 178 49.31 -55.61 1.01
C PHE A 178 47.89 -55.89 1.48
N GLN A 179 47.40 -55.06 2.40
CA GLN A 179 46.00 -55.16 2.84
C GLN A 179 45.39 -53.78 3.08
N THR A 180 44.32 -53.47 2.34
CA THR A 180 43.57 -52.25 2.55
C THR A 180 42.51 -52.48 3.61
N HIS A 181 42.76 -51.98 4.82
CA HIS A 181 41.85 -52.21 5.94
C HIS A 181 40.52 -51.48 5.75
N PHE A 182 40.57 -50.28 5.19
CA PHE A 182 39.35 -49.63 4.72
C PHE A 182 39.64 -48.62 3.62
N THR A 183 38.69 -48.48 2.69
CA THR A 183 38.80 -47.52 1.60
C THR A 183 37.99 -46.27 1.92
N PHE A 184 38.15 -45.23 1.10
CA PHE A 184 37.41 -43.99 1.28
C PHE A 184 35.91 -44.24 1.26
N GLU A 185 35.49 -45.17 0.41
CA GLU A 185 34.08 -45.53 0.31
C GLU A 185 33.60 -46.18 1.61
N GLU A 186 34.38 -47.13 2.13
CA GLU A 186 34.03 -47.82 3.37
C GLU A 186 34.04 -46.85 4.55
N PHE A 187 35.01 -45.94 4.56
CA PHE A 187 35.10 -44.95 5.62
C PHE A 187 33.91 -44.02 5.62
N ARG A 188 33.48 -43.62 4.43
CA ARG A 188 32.35 -42.72 4.25
CA ARG A 188 32.36 -42.72 4.27
C ARG A 188 31.05 -43.35 4.78
N ARG A 189 30.94 -44.67 4.63
CA ARG A 189 29.75 -45.39 5.06
C ARG A 189 29.75 -45.78 6.54
N SER A 190 30.88 -45.54 7.21
CA SER A 190 31.03 -45.98 8.60
C SER A 190 30.28 -45.10 9.60
N SER A 191 29.62 -45.75 10.56
CA SER A 191 28.99 -45.03 11.67
C SER A 191 30.07 -44.56 12.63
N ASN A 192 30.77 -45.52 13.24
CA ASN A 192 31.93 -45.22 14.06
C ASN A 192 33.22 -45.67 13.35
N PRO A 193 33.93 -44.71 12.75
CA PRO A 193 35.15 -44.98 11.98
C PRO A 193 36.26 -45.62 12.82
N LEU A 194 36.31 -45.28 14.10
CA LEU A 194 37.38 -45.76 14.97
C LEU A 194 37.20 -47.24 15.33
N SER A 195 36.07 -47.81 14.90
CA SER A 195 35.80 -49.23 15.12
C SER A 195 36.54 -50.08 14.09
N LEU A 196 36.91 -49.47 12.98
CA LEU A 196 37.60 -50.16 11.91
C LEU A 196 39.06 -50.44 12.27
N LEU A 197 39.59 -49.67 13.21
CA LEU A 197 41.00 -49.77 13.58
C LEU A 197 41.24 -50.86 14.63
N ALA A 198 40.17 -51.33 15.25
CA ALA A 198 40.28 -52.34 16.31
C ALA A 198 40.71 -53.70 15.75
N SER A 199 40.35 -53.95 14.49
CA SER A 199 40.57 -55.26 13.89
C SER A 199 41.94 -55.39 13.23
N VAL A 200 42.64 -54.27 13.07
CA VAL A 200 43.93 -54.25 12.37
C VAL A 200 45.00 -55.05 13.11
N HIS A 201 45.56 -56.05 12.42
CA HIS A 201 46.63 -56.86 12.97
C HIS A 201 47.87 -56.79 12.07
N GLN A 202 49.05 -56.94 12.67
CA GLN A 202 50.30 -56.83 11.92
C GLN A 202 50.51 -58.02 11.00
N LEU A 203 51.09 -57.77 9.82
CA LEU A 203 51.26 -58.80 8.81
C LEU A 203 52.65 -59.44 8.85
N GLN A 204 53.55 -58.86 9.63
CA GLN A 204 54.95 -59.29 9.65
C GLN A 204 55.53 -59.23 8.24
N GLY A 205 56.48 -60.10 7.93
CA GLY A 205 57.01 -60.19 6.58
C GLY A 205 58.05 -59.14 6.23
N PHE A 206 58.25 -58.93 4.93
CA PHE A 206 59.31 -58.03 4.46
C PHE A 206 58.79 -56.59 4.37
N THR A 207 59.52 -55.74 3.65
CA THR A 207 59.14 -54.33 3.55
C THR A 207 59.24 -53.76 2.13
N TYR A 208 58.15 -53.85 1.39
CA TYR A 208 58.10 -53.33 0.02
C TYR A 208 57.51 -51.92 0.00
N THR A 209 58.23 -50.97 0.60
CA THR A 209 57.72 -49.61 0.77
C THR A 209 57.44 -48.91 -0.56
N ALA A 210 58.38 -49.02 -1.49
CA ALA A 210 58.27 -48.35 -2.78
C ALA A 210 57.06 -48.86 -3.56
N THR A 211 56.92 -50.18 -3.63
CA THR A 211 55.82 -50.78 -4.39
C THR A 211 54.48 -50.43 -3.75
N ALA A 212 54.43 -50.43 -2.42
CA ALA A 212 53.22 -50.07 -1.69
C ALA A 212 52.72 -48.67 -2.04
N ILE A 213 53.65 -47.72 -2.14
CA ILE A 213 53.30 -46.36 -2.50
C ILE A 213 52.70 -46.34 -3.90
N GLN A 214 53.31 -47.08 -4.83
CA GLN A 214 52.80 -47.21 -6.19
C GLN A 214 51.39 -47.80 -6.20
N ASN A 215 51.19 -48.83 -5.39
CA ASN A 215 49.88 -49.47 -5.28
C ASN A 215 48.84 -48.48 -4.79
N VAL A 216 49.20 -47.72 -3.75
CA VAL A 216 48.31 -46.72 -3.20
C VAL A 216 47.96 -45.64 -4.22
N VAL A 217 49.00 -45.10 -4.86
CA VAL A 217 48.82 -44.04 -5.86
C VAL A 217 47.95 -44.49 -7.02
N HIS A 218 48.15 -45.72 -7.47
N HIS A 218 48.15 -45.72 -7.47
CA HIS A 218 47.43 -46.26 -8.61
CA HIS A 218 47.45 -46.25 -8.64
C HIS A 218 45.98 -46.60 -8.29
C HIS A 218 46.08 -46.88 -8.32
N ARG A 219 45.74 -46.99 -7.04
CA ARG A 219 44.43 -47.54 -6.66
C ARG A 219 43.60 -46.67 -5.72
N LEU A 220 44.09 -46.46 -4.51
CA LEU A 220 43.28 -45.92 -3.41
C LEU A 220 42.77 -44.49 -3.63
N PHE A 221 43.34 -43.77 -4.58
CA PHE A 221 42.94 -42.38 -4.84
C PHE A 221 41.99 -42.28 -6.03
N HIS A 222 41.46 -43.42 -6.47
CA HIS A 222 40.49 -43.48 -7.57
CA HIS A 222 40.50 -43.42 -7.57
C HIS A 222 39.08 -43.26 -7.03
N ALA A 223 38.17 -42.83 -7.90
CA ALA A 223 36.78 -42.61 -7.50
C ALA A 223 36.10 -43.92 -7.18
N SER A 224 36.58 -44.99 -7.80
CA SER A 224 36.05 -46.33 -7.59
C SER A 224 36.32 -46.81 -6.16
N TYR A 225 37.35 -46.25 -5.55
CA TYR A 225 37.67 -46.56 -4.16
C TYR A 225 37.07 -45.54 -3.21
N GLY A 226 36.36 -44.56 -3.76
CA GLY A 226 35.63 -43.59 -2.96
C GLY A 226 36.28 -42.23 -2.86
N ALA A 227 37.39 -42.05 -3.57
CA ALA A 227 38.11 -40.77 -3.53
C ALA A 227 37.34 -39.68 -4.27
N ARG A 228 37.60 -38.43 -3.88
CA ARG A 228 36.93 -37.28 -4.49
C ARG A 228 37.91 -36.53 -5.39
N ARG A 229 37.42 -36.04 -6.52
CA ARG A 229 38.28 -35.38 -7.51
C ARG A 229 38.76 -34.02 -7.03
N ASP A 230 37.90 -33.31 -6.30
CA ASP A 230 38.21 -31.96 -5.86
C ASP A 230 38.96 -31.93 -4.54
N ALA A 231 39.08 -33.08 -3.89
CA ALA A 231 39.74 -33.18 -2.59
C ALA A 231 41.25 -33.19 -2.71
N ALA A 232 41.93 -32.59 -1.74
CA ALA A 232 43.39 -32.62 -1.71
C ALA A 232 43.86 -34.02 -1.36
N LYS A 233 44.83 -34.53 -2.12
CA LYS A 233 45.30 -35.89 -1.92
C LYS A 233 46.49 -35.92 -0.98
N ILE A 234 46.34 -36.61 0.15
CA ILE A 234 47.41 -36.69 1.15
C ILE A 234 47.78 -38.13 1.46
N LEU A 235 49.07 -38.43 1.41
CA LEU A 235 49.58 -39.76 1.70
C LEU A 235 50.53 -39.75 2.90
N ILE A 236 50.12 -40.42 3.98
CA ILE A 236 50.94 -40.51 5.17
C ILE A 236 51.62 -41.87 5.29
N VAL A 237 52.91 -41.91 5.01
CA VAL A 237 53.67 -43.15 5.12
C VAL A 237 54.30 -43.26 6.50
N ILE A 238 53.94 -44.31 7.23
CA ILE A 238 54.48 -44.55 8.56
C ILE A 238 55.38 -45.78 8.53
N THR A 239 56.68 -45.56 8.49
CA THR A 239 57.64 -46.66 8.36
C THR A 239 58.88 -46.44 9.22
N ASP A 240 59.61 -47.52 9.49
CA ASP A 240 60.84 -47.43 10.26
C ASP A 240 62.03 -47.05 9.37
N GLY A 241 61.72 -46.72 8.12
CA GLY A 241 62.70 -46.15 7.21
C GLY A 241 63.68 -47.11 6.59
N LYS A 242 63.48 -48.41 6.78
CA LYS A 242 64.36 -49.41 6.18
C LYS A 242 63.60 -50.28 5.17
N LYS A 243 63.82 -50.01 3.89
CA LYS A 243 63.16 -50.75 2.81
C LYS A 243 64.01 -51.93 2.37
N GLU A 244 63.52 -53.15 2.60
CA GLU A 244 64.27 -54.34 2.25
C GLU A 244 63.43 -55.32 1.44
N GLY A 245 63.92 -55.68 0.25
CA GLY A 245 63.27 -56.69 -0.58
C GLY A 245 62.52 -56.13 -1.77
N ASP A 246 62.24 -54.82 -1.76
CA ASP A 246 61.49 -54.19 -2.84
C ASP A 246 62.32 -54.11 -4.12
N SER A 247 61.73 -54.59 -5.22
CA SER A 247 62.37 -54.50 -6.53
C SER A 247 62.20 -53.11 -7.15
N LEU A 248 61.51 -52.22 -6.45
CA LEU A 248 61.34 -50.85 -6.92
C LEU A 248 62.01 -49.86 -5.96
N ASP A 249 62.33 -48.68 -6.45
CA ASP A 249 62.88 -47.62 -5.62
C ASP A 249 61.99 -46.40 -5.71
N TYR A 250 62.19 -45.46 -4.80
CA TYR A 250 61.34 -44.27 -4.72
C TYR A 250 61.47 -43.40 -5.96
N LYS A 251 62.63 -43.47 -6.62
CA LYS A 251 62.85 -42.74 -7.87
C LYS A 251 61.88 -43.22 -8.95
N ASP A 252 61.34 -44.41 -8.76
CA ASP A 252 60.45 -45.02 -9.74
C ASP A 252 58.98 -44.69 -9.48
N VAL A 253 58.62 -44.52 -8.21
CA VAL A 253 57.22 -44.38 -7.83
C VAL A 253 56.82 -42.95 -7.45
N ILE A 254 57.76 -42.17 -6.92
CA ILE A 254 57.45 -40.83 -6.43
C ILE A 254 57.10 -39.81 -7.53
N PRO A 255 57.83 -39.80 -8.66
CA PRO A 255 57.42 -38.87 -9.72
C PRO A 255 55.95 -39.01 -10.16
N MET A 256 55.44 -40.23 -10.14
CA MET A 256 54.03 -40.46 -10.49
C MET A 256 53.12 -39.86 -9.42
N ALA A 257 53.55 -39.96 -8.17
CA ALA A 257 52.80 -39.42 -7.04
C ALA A 257 52.74 -37.90 -7.08
N ASP A 258 53.84 -37.29 -7.56
CA ASP A 258 53.90 -35.84 -7.68
C ASP A 258 53.02 -35.34 -8.82
N ALA A 259 52.98 -36.09 -9.92
CA ALA A 259 52.15 -35.73 -11.06
C ALA A 259 50.67 -35.85 -10.70
N ALA A 260 50.38 -36.69 -9.70
CA ALA A 260 49.01 -36.89 -9.24
C ALA A 260 48.61 -35.82 -8.22
N GLY A 261 49.57 -34.98 -7.85
CA GLY A 261 49.32 -33.92 -6.89
C GLY A 261 49.13 -34.44 -5.48
N ILE A 262 49.89 -35.47 -5.12
CA ILE A 262 49.75 -36.10 -3.82
C ILE A 262 50.78 -35.58 -2.81
N ILE A 263 50.28 -34.88 -1.79
CA ILE A 263 51.13 -34.40 -0.71
C ILE A 263 51.48 -35.56 0.22
N ARG A 264 52.77 -35.73 0.49
CA ARG A 264 53.24 -36.93 1.19
C ARG A 264 53.97 -36.61 2.49
N TYR A 265 53.47 -37.19 3.58
CA TYR A 265 54.11 -37.07 4.88
C TYR A 265 54.86 -38.34 5.23
N ALA A 266 56.11 -38.20 5.66
CA ALA A 266 56.91 -39.34 6.09
C ALA A 266 57.02 -39.36 7.61
N ILE A 267 56.30 -40.28 8.24
CA ILE A 267 56.33 -40.41 9.70
C ILE A 267 57.27 -41.53 10.10
N GLY A 268 58.31 -41.18 10.85
CA GLY A 268 59.37 -42.11 11.19
C GLY A 268 59.12 -42.92 12.45
N VAL A 269 59.50 -44.20 12.39
CA VAL A 269 59.33 -45.12 13.50
C VAL A 269 60.66 -45.68 13.95
N GLY A 270 60.91 -45.67 15.27
CA GLY A 270 62.10 -46.28 15.82
C GLY A 270 63.39 -45.56 15.47
N LEU A 271 64.35 -46.30 14.91
CA LEU A 271 65.66 -45.75 14.60
C LEU A 271 65.69 -45.02 13.26
N ALA A 272 64.52 -44.70 12.73
CA ALA A 272 64.39 -44.15 11.39
C ALA A 272 65.08 -42.81 11.20
N PHE A 273 65.18 -42.03 12.28
CA PHE A 273 65.69 -40.68 12.19
C PHE A 273 67.21 -40.59 12.30
N GLN A 274 67.80 -41.44 13.14
CA GLN A 274 69.23 -41.37 13.40
C GLN A 274 70.07 -41.97 12.29
N ASN A 275 69.70 -43.17 11.84
CA ASN A 275 70.41 -43.84 10.75
C ASN A 275 70.40 -42.99 9.47
N ARG A 276 71.52 -42.98 8.75
CA ARG A 276 71.65 -42.18 7.54
C ARG A 276 70.82 -42.73 6.39
N ASN A 277 70.80 -44.05 6.26
CA ASN A 277 70.04 -44.70 5.21
C ASN A 277 68.54 -44.46 5.40
N SER A 278 68.09 -44.61 6.64
CA SER A 278 66.69 -44.43 6.98
C SER A 278 66.25 -42.98 6.83
N TRP A 279 67.14 -42.06 7.18
CA TRP A 279 66.82 -40.63 7.10
C TRP A 279 66.66 -40.17 5.66
N LYS A 280 67.51 -40.66 4.77
CA LYS A 280 67.39 -40.33 3.35
C LYS A 280 66.09 -40.90 2.81
N GLU A 281 65.73 -42.08 3.29
CA GLU A 281 64.52 -42.76 2.89
C GLU A 281 63.29 -41.91 3.23
N LEU A 282 63.30 -41.32 4.41
CA LEU A 282 62.22 -40.43 4.84
C LEU A 282 62.19 -39.16 3.99
N ASN A 283 63.36 -38.72 3.55
CA ASN A 283 63.47 -37.53 2.70
C ASN A 283 62.92 -37.78 1.30
N ASP A 284 63.15 -38.98 0.79
CA ASP A 284 62.68 -39.34 -0.55
C ASP A 284 61.16 -39.47 -0.58
N ILE A 285 60.60 -40.06 0.46
CA ILE A 285 59.15 -40.27 0.56
C ILE A 285 58.39 -38.96 0.73
N ALA A 286 58.87 -38.11 1.63
CA ALA A 286 58.17 -36.88 2.00
C ALA A 286 58.16 -35.85 0.87
N SER A 287 57.17 -34.98 0.90
CA SER A 287 57.09 -33.89 -0.07
C SER A 287 58.01 -32.75 0.34
N LYS A 288 58.15 -31.76 -0.54
CA LYS A 288 59.00 -30.60 -0.27
C LYS A 288 58.15 -29.39 0.14
N PRO A 289 58.64 -28.61 1.12
CA PRO A 289 59.89 -28.75 1.87
C PRO A 289 59.88 -29.96 2.82
N SER A 290 61.00 -30.66 2.90
CA SER A 290 61.06 -31.97 3.55
C SER A 290 60.81 -31.94 5.06
N GLN A 291 61.51 -31.06 5.77
CA GLN A 291 61.43 -31.00 7.23
CA GLN A 291 61.41 -31.03 7.23
C GLN A 291 60.02 -30.64 7.70
N GLU A 292 59.24 -30.02 6.82
CA GLU A 292 57.87 -29.64 7.16
C GLU A 292 56.91 -30.82 6.97
N HIS A 293 57.37 -31.86 6.31
CA HIS A 293 56.54 -33.02 6.02
C HIS A 293 57.06 -34.30 6.68
N ILE A 294 58.03 -34.17 7.57
CA ILE A 294 58.58 -35.31 8.29
C ILE A 294 58.38 -35.17 9.80
N PHE A 295 57.86 -36.21 10.44
CA PHE A 295 57.58 -36.16 11.87
C PHE A 295 57.82 -37.49 12.56
N LYS A 296 58.01 -37.44 13.88
CA LYS A 296 58.11 -38.65 14.69
C LYS A 296 56.74 -39.30 14.81
N VAL A 297 56.73 -40.61 15.00
CA VAL A 297 55.48 -41.35 15.15
C VAL A 297 54.83 -41.02 16.49
N GLU A 298 55.63 -40.50 17.42
CA GLU A 298 55.15 -40.14 18.74
C GLU A 298 54.41 -38.80 18.74
N ASP A 299 54.69 -37.97 17.73
CA ASP A 299 54.06 -36.66 17.63
C ASP A 299 52.68 -36.78 16.99
N PHE A 300 51.64 -36.83 17.83
CA PHE A 300 50.28 -37.00 17.33
C PHE A 300 49.68 -35.69 16.82
N ASP A 301 50.30 -34.57 17.19
CA ASP A 301 49.80 -33.26 16.81
C ASP A 301 50.49 -32.76 15.55
N ALA A 302 51.29 -33.63 14.94
CA ALA A 302 52.11 -33.28 13.78
C ALA A 302 51.30 -32.69 12.63
N LEU A 303 50.23 -33.37 12.25
CA LEU A 303 49.44 -32.98 11.09
C LEU A 303 48.47 -31.84 11.39
N LYS A 304 47.76 -31.97 12.51
CA LYS A 304 46.79 -30.97 12.96
C LYS A 304 47.38 -29.56 12.96
N ASP A 305 48.60 -29.46 13.48
CA ASP A 305 49.31 -28.18 13.54
C ASP A 305 49.50 -27.58 12.15
N ILE A 306 49.65 -28.44 11.14
CA ILE A 306 49.85 -27.96 9.79
C ILE A 306 48.53 -27.60 9.13
N GLN A 307 47.52 -28.46 9.26
CA GLN A 307 46.24 -28.14 8.63
C GLN A 307 44.99 -28.56 9.40
N ASN A 308 44.16 -27.55 9.66
CA ASN A 308 42.72 -27.70 9.86
C ASN A 308 42.12 -26.73 8.84
N GLN A 309 42.18 -27.12 7.57
CA GLN A 309 42.14 -26.15 6.48
C GLN A 309 40.78 -25.72 5.95
N LEU A 310 40.82 -24.54 5.32
CA LEU A 310 39.66 -23.92 4.71
C LEU A 310 39.89 -23.78 3.21
N LYS A 311 38.86 -24.03 2.41
CA LYS A 311 38.93 -23.74 0.99
C LYS A 311 38.51 -22.29 0.76
N GLU A 312 39.41 -21.50 0.17
CA GLU A 312 39.14 -20.09 -0.04
C GLU A 312 38.03 -19.91 -1.07
N LYS A 313 37.05 -19.09 -0.72
CA LYS A 313 35.90 -18.88 -1.59
C LYS A 313 36.04 -17.59 -2.39
N ILE A 314 36.04 -17.72 -3.71
CA ILE A 314 36.08 -16.57 -4.60
C ILE A 314 34.65 -16.14 -4.93
N PHE A 315 34.30 -14.91 -4.55
CA PHE A 315 32.94 -14.45 -4.68
C PHE A 315 32.61 -13.88 -6.06
N ALA A 316 31.44 -14.24 -6.56
CA ALA A 316 30.90 -13.65 -7.78
C ALA A 316 30.39 -12.25 -7.49
N ILE A 317 31.31 -11.34 -7.23
CA ILE A 317 30.95 -9.99 -6.83
C ILE A 317 30.27 -9.22 -7.95
N GLU A 318 29.34 -8.34 -7.58
CA GLU A 318 28.58 -7.49 -8.51
C GLU A 318 27.92 -8.26 -9.65
N GLY A 319 27.48 -9.49 -9.35
CA GLY A 319 26.81 -10.31 -10.33
C GLY A 319 27.67 -10.80 -11.47
N THR A 320 28.96 -10.99 -11.21
CA THR A 320 29.88 -11.46 -12.24
C THR A 320 30.01 -12.98 -12.24
N GLU A 321 29.52 -13.62 -13.31
CA GLU A 321 29.61 -15.06 -13.45
C GLU A 321 31.04 -15.51 -13.71
N THR A 322 31.77 -14.71 -14.48
CA THR A 322 33.18 -14.99 -14.79
C THR A 322 34.09 -14.96 -13.54
N THR A 323 35.39 -15.14 -13.80
CA THR A 323 36.46 -15.28 -12.79
C THR A 323 36.39 -16.59 -11.99
N SER A 324 35.66 -17.57 -12.52
CA SER A 324 35.49 -18.89 -11.88
C SER A 324 35.10 -18.77 -10.41
N SER A 325 34.17 -17.86 -10.12
CA SER A 325 33.77 -17.54 -8.75
C SER A 325 32.47 -18.21 -8.34
N SER A 326 32.40 -18.66 -7.09
CA SER A 326 31.17 -19.20 -6.53
C SER A 326 30.22 -18.06 -6.13
N SER A 327 28.94 -18.37 -6.06
CA SER A 327 27.92 -17.36 -5.76
C SER A 327 27.60 -17.29 -4.27
N PHE A 328 27.06 -16.16 -3.85
CA PHE A 328 26.65 -15.97 -2.45
C PHE A 328 25.50 -16.91 -2.08
N GLU A 329 25.62 -17.54 -0.92
CA GLU A 329 24.55 -18.38 -0.41
C GLU A 329 24.08 -17.90 0.94
N LEU A 330 24.73 -18.36 2.01
CA LEU A 330 24.37 -17.95 3.36
C LEU A 330 25.51 -17.22 4.07
N GLU A 331 26.55 -16.86 3.31
CA GLU A 331 27.70 -16.16 3.86
C GLU A 331 27.31 -14.81 4.45
N MET A 332 26.51 -14.05 3.71
CA MET A 332 26.13 -12.70 4.13
C MET A 332 24.70 -12.67 4.63
N ALA A 333 24.21 -13.82 5.09
CA ALA A 333 22.79 -14.01 5.41
C ALA A 333 22.25 -13.00 6.42
N GLN A 334 23.08 -12.65 7.41
CA GLN A 334 22.68 -11.75 8.49
C GLN A 334 21.41 -12.25 9.21
N GLU A 335 21.46 -13.48 9.72
CA GLU A 335 20.31 -14.06 10.41
C GLU A 335 19.91 -13.21 11.61
N GLY A 336 18.62 -12.90 11.69
CA GLY A 336 18.11 -12.15 12.82
C GLY A 336 18.03 -10.65 12.58
N PHE A 337 18.18 -10.24 11.33
CA PHE A 337 18.00 -8.84 10.95
C PHE A 337 16.62 -8.38 11.37
N SER A 338 15.64 -9.25 11.19
CA SER A 338 14.31 -9.06 11.72
C SER A 338 13.92 -10.30 12.50
N ALA A 339 12.89 -10.19 13.33
CA ALA A 339 12.46 -11.33 14.14
C ALA A 339 11.00 -11.20 14.56
N VAL A 340 10.35 -12.35 14.69
CA VAL A 340 8.98 -12.41 15.17
C VAL A 340 8.76 -13.77 15.83
N PHE A 341 7.82 -13.82 16.77
CA PHE A 341 7.45 -15.07 17.39
C PHE A 341 6.22 -15.67 16.72
N THR A 342 6.32 -16.96 16.38
CA THR A 342 5.20 -17.68 15.84
C THR A 342 4.94 -18.91 16.72
N PRO A 343 3.70 -19.38 16.77
CA PRO A 343 3.31 -20.54 17.58
C PRO A 343 4.21 -21.76 17.37
N ASP A 344 4.69 -21.97 16.15
CA ASP A 344 5.53 -23.12 15.85
C ASP A 344 7.01 -22.85 16.12
N GLY A 345 7.31 -21.63 16.57
CA GLY A 345 8.67 -21.26 16.89
C GLY A 345 9.02 -19.86 16.41
N PRO A 346 10.18 -19.36 16.84
CA PRO A 346 10.61 -18.01 16.44
C PRO A 346 11.09 -17.97 15.00
N VAL A 347 10.87 -16.86 14.32
CA VAL A 347 11.31 -16.69 12.95
C VAL A 347 12.33 -15.57 12.85
N LEU A 348 13.46 -15.86 12.20
CA LEU A 348 14.52 -14.88 12.02
C LEU A 348 14.72 -14.56 10.55
N GLY A 349 14.63 -13.29 10.21
CA GLY A 349 14.86 -12.86 8.84
C GLY A 349 16.32 -12.87 8.46
N ALA A 350 16.60 -13.28 7.23
CA ALA A 350 17.96 -13.31 6.70
C ALA A 350 18.02 -12.54 5.39
N VAL A 351 18.40 -11.28 5.46
CA VAL A 351 18.35 -10.37 4.32
CA VAL A 351 18.36 -10.38 4.32
C VAL A 351 19.40 -10.68 3.24
N GLY A 352 20.58 -11.11 3.66
CA GLY A 352 21.66 -11.32 2.72
C GLY A 352 21.69 -12.67 2.02
N SER A 353 20.72 -13.52 2.32
CA SER A 353 20.71 -14.88 1.77
C SER A 353 20.62 -14.90 0.25
N PHE A 354 21.56 -15.62 -0.38
CA PHE A 354 21.56 -15.86 -1.81
C PHE A 354 21.49 -14.57 -2.63
N THR A 355 22.60 -13.84 -2.66
CA THR A 355 22.70 -12.57 -3.37
C THR A 355 21.60 -11.62 -2.92
N TRP A 356 21.40 -11.56 -1.62
CA TRP A 356 20.43 -10.67 -0.99
C TRP A 356 19.03 -10.86 -1.55
N SER A 357 18.70 -12.11 -1.87
CA SER A 357 17.34 -12.44 -2.26
CA SER A 357 17.34 -12.46 -2.27
C SER A 357 16.51 -12.68 -1.02
N GLY A 358 17.20 -12.89 0.10
CA GLY A 358 16.58 -12.94 1.40
C GLY A 358 15.84 -14.18 1.80
N GLY A 359 14.85 -14.00 2.66
CA GLY A 359 14.11 -15.10 3.23
C GLY A 359 14.19 -15.06 4.75
N ALA A 360 13.75 -16.13 5.40
CA ALA A 360 13.77 -16.19 6.86
C ALA A 360 13.81 -17.63 7.36
N PHE A 361 14.53 -17.85 8.45
CA PHE A 361 14.62 -19.17 9.06
C PHE A 361 13.58 -19.35 10.17
N LEU A 362 12.84 -20.44 10.09
CA LEU A 362 11.99 -20.86 11.21
C LEU A 362 12.78 -21.81 12.09
N TYR A 363 12.75 -21.57 13.41
CA TYR A 363 13.47 -22.43 14.34
C TYR A 363 12.49 -23.15 15.28
N PRO A 364 11.94 -24.28 14.82
CA PRO A 364 11.00 -25.05 15.65
C PRO A 364 11.72 -25.69 16.84
N PRO A 365 11.05 -25.75 18.00
CA PRO A 365 11.65 -26.35 19.20
C PRO A 365 12.02 -27.81 18.97
N ASN A 366 13.29 -28.14 19.23
CA ASN A 366 13.79 -29.51 19.11
C ASN A 366 13.58 -30.11 17.73
N MET A 367 13.80 -29.32 16.69
CA MET A 367 13.73 -29.82 15.31
C MET A 367 14.71 -29.08 14.40
N ASP A 368 14.86 -29.58 13.19
CA ASP A 368 15.76 -28.98 12.22
C ASP A 368 15.15 -27.70 11.66
N PRO A 369 15.93 -26.60 11.69
CA PRO A 369 15.48 -25.30 11.18
C PRO A 369 15.15 -25.33 9.70
N THR A 370 14.03 -24.72 9.32
CA THR A 370 13.59 -24.69 7.93
C THR A 370 13.75 -23.28 7.34
N PHE A 371 14.10 -23.21 6.06
CA PHE A 371 14.36 -21.92 5.42
C PHE A 371 13.24 -21.49 4.48
N ILE A 372 12.67 -20.33 4.75
CA ILE A 372 11.56 -19.79 3.99
C ILE A 372 12.00 -18.67 3.07
N ASN A 373 11.84 -18.87 1.76
CA ASN A 373 12.16 -17.85 0.78
C ASN A 373 11.40 -18.04 -0.53
N MET A 374 11.67 -17.19 -1.50
CA MET A 374 11.12 -17.35 -2.85
C MET A 374 11.85 -18.48 -3.56
N SER A 375 11.19 -19.09 -4.54
CA SER A 375 11.79 -20.18 -5.30
C SER A 375 13.02 -19.71 -6.08
N GLN A 376 13.93 -20.64 -6.34
CA GLN A 376 15.17 -20.34 -7.07
C GLN A 376 14.90 -19.74 -8.46
N GLU A 377 13.79 -20.13 -9.06
CA GLU A 377 13.43 -19.68 -10.40
C GLU A 377 13.26 -18.15 -10.48
N ASN A 378 13.04 -17.52 -9.33
CA ASN A 378 12.81 -16.09 -9.26
C ASN A 378 14.11 -15.29 -9.18
N VAL A 379 14.74 -15.06 -10.32
CA VAL A 379 16.01 -14.33 -10.37
C VAL A 379 15.82 -12.87 -9.99
N ASP A 380 14.62 -12.34 -10.25
CA ASP A 380 14.32 -10.93 -9.99
C ASP A 380 14.36 -10.61 -8.51
N MET A 381 14.34 -11.64 -7.66
CA MET A 381 14.34 -11.44 -6.22
C MET A 381 15.73 -11.09 -5.70
N ARG A 382 16.74 -11.13 -6.56
CA ARG A 382 18.09 -10.75 -6.16
C ARG A 382 18.14 -9.30 -5.75
N ASP A 383 18.87 -9.02 -4.67
CA ASP A 383 19.01 -7.67 -4.12
C ASP A 383 17.64 -7.04 -3.87
N SER A 384 16.78 -7.78 -3.19
CA SER A 384 15.44 -7.30 -2.87
C SER A 384 15.27 -7.15 -1.38
N TYR A 385 16.21 -7.72 -0.64
CA TYR A 385 16.24 -7.66 0.82
C TYR A 385 14.97 -8.25 1.45
N LEU A 386 14.55 -9.40 0.95
CA LEU A 386 13.40 -10.11 1.53
C LEU A 386 13.73 -10.55 2.96
N GLY A 387 12.89 -10.15 3.91
CA GLY A 387 13.13 -10.48 5.30
C GLY A 387 13.67 -9.29 6.06
N TYR A 388 13.67 -8.14 5.39
CA TYR A 388 14.04 -6.88 6.02
C TYR A 388 13.09 -6.61 7.17
N SER A 389 11.83 -6.98 6.96
CA SER A 389 10.82 -6.94 7.99
C SER A 389 10.09 -8.29 8.04
N THR A 390 9.62 -8.67 9.22
CA THR A 390 8.98 -9.96 9.40
C THR A 390 7.78 -9.84 10.33
N GLU A 391 6.65 -10.43 9.91
CA GLU A 391 5.44 -10.37 10.70
C GLU A 391 4.66 -11.68 10.59
N LEU A 392 3.95 -12.03 11.65
CA LEU A 392 3.11 -13.22 11.68
C LEU A 392 1.66 -12.87 11.40
N ALA A 393 1.01 -13.65 10.54
CA ALA A 393 -0.41 -13.46 10.27
C ALA A 393 -1.18 -14.76 10.50
N LEU A 394 -2.43 -14.65 10.91
CA LEU A 394 -3.30 -15.80 11.09
C LEU A 394 -4.55 -15.64 10.22
N TRP A 395 -4.59 -16.33 9.08
CA TRP A 395 -5.71 -16.21 8.16
C TRP A 395 -7.00 -16.75 8.75
N LYS A 396 -6.89 -17.81 9.55
CA LYS A 396 -7.97 -18.26 10.41
C LYS A 396 -7.37 -18.98 11.60
N GLY A 397 -7.02 -20.25 11.39
CA GLY A 397 -6.22 -20.99 12.34
C GLY A 397 -4.88 -21.25 11.71
N VAL A 398 -4.81 -20.97 10.40
CA VAL A 398 -3.60 -21.16 9.61
C VAL A 398 -2.51 -20.15 9.96
N GLN A 399 -1.29 -20.66 10.11
CA GLN A 399 -0.16 -19.85 10.49
C GLN A 399 0.58 -19.32 9.26
N SER A 400 0.45 -18.02 9.02
CA SER A 400 1.03 -17.41 7.82
C SER A 400 2.17 -16.46 8.17
N LEU A 401 3.18 -16.42 7.31
CA LEU A 401 4.35 -15.58 7.55
C LEU A 401 4.52 -14.53 6.46
N VAL A 402 4.52 -13.26 6.87
CA VAL A 402 4.67 -12.16 5.93
C VAL A 402 6.09 -11.62 5.95
N LEU A 403 6.72 -11.55 4.78
CA LEU A 403 8.07 -11.01 4.67
C LEU A 403 8.10 -9.80 3.74
N GLY A 404 8.78 -8.74 4.18
CA GLY A 404 8.91 -7.54 3.36
C GLY A 404 10.20 -7.54 2.59
N ALA A 405 10.17 -6.97 1.38
CA ALA A 405 11.36 -6.85 0.55
C ALA A 405 11.42 -5.47 -0.09
N PRO A 406 11.83 -4.46 0.69
CA PRO A 406 11.77 -3.04 0.30
C PRO A 406 12.64 -2.65 -0.91
N ARG A 407 13.53 -3.54 -1.35
CA ARG A 407 14.41 -3.23 -2.48
C ARG A 407 13.99 -3.89 -3.79
N TYR A 408 12.95 -4.73 -3.74
CA TYR A 408 12.51 -5.48 -4.90
C TYR A 408 12.18 -4.57 -6.07
N GLN A 409 12.97 -4.68 -7.14
CA GLN A 409 12.82 -3.84 -8.32
C GLN A 409 12.85 -2.36 -7.96
N HIS A 410 13.65 -2.02 -6.95
CA HIS A 410 13.82 -0.66 -6.45
C HIS A 410 12.52 -0.01 -5.95
N THR A 411 11.42 -0.76 -5.98
CA THR A 411 10.14 -0.24 -5.51
C THR A 411 9.74 -0.93 -4.20
N GLY A 412 9.97 -2.23 -4.12
CA GLY A 412 9.67 -2.98 -2.92
C GLY A 412 8.38 -3.78 -3.00
N LYS A 413 8.31 -4.85 -2.21
CA LYS A 413 7.10 -5.66 -2.15
C LYS A 413 7.06 -6.53 -0.89
N ALA A 414 5.88 -7.06 -0.59
CA ALA A 414 5.69 -7.95 0.55
C ALA A 414 5.12 -9.29 0.11
N VAL A 415 5.60 -10.37 0.72
CA VAL A 415 5.18 -11.72 0.33
C VAL A 415 4.68 -12.52 1.54
N ILE A 416 3.56 -13.21 1.37
CA ILE A 416 3.04 -14.09 2.41
C ILE A 416 3.41 -15.55 2.13
N PHE A 417 3.83 -16.27 3.16
CA PHE A 417 4.17 -17.68 3.03
C PHE A 417 3.36 -18.55 4.00
N THR A 418 2.87 -19.67 3.51
CA THR A 418 2.20 -20.65 4.37
C THR A 418 2.77 -22.05 4.11
N GLN A 419 2.48 -22.98 5.01
CA GLN A 419 2.98 -24.33 4.86
C GLN A 419 1.98 -25.27 4.19
N VAL A 420 2.40 -25.85 3.07
CA VAL A 420 1.66 -26.94 2.44
C VAL A 420 2.48 -28.22 2.63
N SER A 421 1.86 -29.25 3.21
CA SER A 421 2.56 -30.44 3.68
C SER A 421 3.60 -30.03 4.72
N ARG A 422 4.87 -30.33 4.43
CA ARG A 422 5.97 -29.87 5.28
C ARG A 422 6.75 -28.78 4.56
N GLN A 423 6.21 -28.30 3.44
CA GLN A 423 6.93 -27.37 2.58
C GLN A 423 6.40 -25.95 2.66
N TRP A 424 7.31 -24.98 2.77
CA TRP A 424 6.96 -23.56 2.77
C TRP A 424 6.87 -23.04 1.34
N ARG A 425 5.68 -22.55 0.96
CA ARG A 425 5.48 -22.02 -0.38
C ARG A 425 4.73 -20.70 -0.36
N MET A 426 5.01 -19.84 -1.34
CA MET A 426 4.38 -18.54 -1.44
C MET A 426 2.87 -18.63 -1.65
N LYS A 427 2.13 -17.82 -0.91
CA LYS A 427 0.68 -17.76 -1.06
C LYS A 427 0.25 -16.49 -1.81
N ALA A 428 0.66 -15.33 -1.31
CA ALA A 428 0.29 -14.07 -1.95
C ALA A 428 1.44 -13.08 -2.00
N GLU A 429 1.31 -12.09 -2.89
CA GLU A 429 2.27 -11.01 -3.02
C GLU A 429 1.55 -9.67 -3.18
N VAL A 430 2.23 -8.60 -2.83
CA VAL A 430 1.72 -7.25 -3.10
C VAL A 430 2.92 -6.32 -3.30
N THR A 431 2.79 -5.38 -4.23
CA THR A 431 3.93 -4.59 -4.69
C THR A 431 3.73 -3.09 -4.46
N GLY A 432 4.83 -2.39 -4.21
CA GLY A 432 4.79 -0.95 -4.06
C GLY A 432 4.70 -0.24 -5.40
N THR A 433 4.26 1.02 -5.38
CA THR A 433 3.99 1.76 -6.60
C THR A 433 5.14 2.67 -7.02
N GLN A 434 5.73 3.35 -6.05
CA GLN A 434 6.78 4.34 -6.33
C GLN A 434 8.18 3.82 -6.05
N ILE A 435 9.09 4.03 -7.00
CA ILE A 435 10.46 3.58 -6.86
C ILE A 435 11.19 4.33 -5.75
N GLY A 436 11.88 3.57 -4.89
CA GLY A 436 12.62 4.15 -3.78
C GLY A 436 11.79 4.32 -2.53
N SER A 437 10.50 4.04 -2.61
CA SER A 437 9.58 4.26 -1.49
C SER A 437 9.83 3.30 -0.34
N TYR A 438 10.62 2.27 -0.58
CA TYR A 438 10.93 1.24 0.42
C TYR A 438 9.67 0.56 0.94
N PHE A 439 8.78 0.21 0.01
CA PHE A 439 7.57 -0.52 0.32
C PHE A 439 7.90 -1.86 0.96
N GLY A 440 7.40 -2.08 2.17
CA GLY A 440 7.65 -3.34 2.87
C GLY A 440 8.80 -3.24 3.86
N ALA A 441 9.15 -2.02 4.24
CA ALA A 441 10.20 -1.82 5.23
C ALA A 441 9.70 -2.18 6.62
N SER A 442 8.40 -2.00 6.83
CA SER A 442 7.77 -2.36 8.09
C SER A 442 6.43 -3.07 7.84
N LEU A 443 6.11 -4.03 8.71
CA LEU A 443 4.87 -4.79 8.58
C LEU A 443 4.13 -4.84 9.91
N CYS A 444 2.81 -4.92 9.85
CA CYS A 444 2.02 -5.01 11.06
C CYS A 444 0.68 -5.71 10.84
N SER A 445 0.54 -6.89 11.42
CA SER A 445 -0.72 -7.62 11.37
C SER A 445 -1.70 -7.05 12.39
N VAL A 446 -2.93 -6.80 11.94
CA VAL A 446 -3.94 -6.22 12.81
C VAL A 446 -5.20 -7.07 12.85
N ASP A 447 -5.57 -7.51 14.04
CA ASP A 447 -6.84 -8.18 14.28
C ASP A 447 -7.86 -7.18 14.79
N VAL A 448 -8.56 -6.53 13.86
CA VAL A 448 -9.42 -5.39 14.18
C VAL A 448 -10.58 -5.73 15.13
N ASP A 449 -11.26 -6.85 14.90
CA ASP A 449 -12.42 -7.20 15.71
C ASP A 449 -12.06 -8.17 16.83
N SER A 450 -10.77 -8.50 16.93
CA SER A 450 -10.25 -9.38 17.98
C SER A 450 -10.95 -10.74 18.01
N ASP A 451 -10.98 -11.41 16.87
CA ASP A 451 -11.56 -12.75 16.79
C ASP A 451 -10.47 -13.82 16.84
N GLY A 452 -9.22 -13.39 16.80
CA GLY A 452 -8.10 -14.31 16.81
C GLY A 452 -7.49 -14.49 15.42
N SER A 453 -8.08 -13.82 14.43
CA SER A 453 -7.59 -13.92 13.07
C SER A 453 -7.27 -12.56 12.48
N THR A 454 -6.12 -12.48 11.83
CA THR A 454 -5.66 -11.25 11.17
C THR A 454 -6.60 -10.83 10.05
N ASP A 455 -7.09 -9.61 10.14
CA ASP A 455 -8.00 -9.06 9.13
C ASP A 455 -7.23 -8.28 8.07
N LEU A 456 -6.04 -7.81 8.45
CA LEU A 456 -5.45 -6.67 7.77
C LEU A 456 -3.94 -6.59 8.02
N VAL A 457 -3.17 -6.23 7.00
CA VAL A 457 -1.73 -6.04 7.19
C VAL A 457 -1.32 -4.64 6.76
N LEU A 458 -0.78 -3.89 7.71
CA LEU A 458 -0.24 -2.57 7.42
C LEU A 458 1.16 -2.70 6.87
N ILE A 459 1.42 -2.06 5.75
CA ILE A 459 2.73 -2.13 5.12
C ILE A 459 3.32 -0.73 4.99
N GLY A 460 4.51 -0.55 5.56
CA GLY A 460 5.15 0.74 5.58
C GLY A 460 6.02 1.01 4.37
N ALA A 461 5.88 2.22 3.83
CA ALA A 461 6.76 2.71 2.78
C ALA A 461 7.33 4.06 3.20
N PRO A 462 8.28 4.04 4.14
CA PRO A 462 8.79 5.22 4.85
C PRO A 462 9.36 6.30 3.94
N HIS A 463 9.96 5.89 2.83
CA HIS A 463 10.65 6.85 1.97
C HIS A 463 9.84 7.20 0.72
N TYR A 464 8.53 6.95 0.78
CA TYR A 464 7.63 7.41 -0.26
C TYR A 464 7.68 8.93 -0.32
N TYR A 465 7.82 9.46 -1.53
CA TYR A 465 8.05 10.90 -1.67
C TYR A 465 6.98 11.62 -2.47
N GLU A 466 6.20 12.45 -1.78
CA GLU A 466 5.40 13.47 -2.44
C GLU A 466 6.10 14.81 -2.19
N GLN A 467 5.77 15.82 -2.99
CA GLN A 467 6.45 17.11 -2.88
C GLN A 467 6.15 17.75 -1.53
N THR A 468 4.92 17.57 -1.05
CA THR A 468 4.48 18.16 0.21
C THR A 468 4.80 17.29 1.42
N ARG A 469 4.52 16.00 1.33
CA ARG A 469 4.72 15.10 2.46
C ARG A 469 5.50 13.84 2.07
N GLY A 470 5.95 13.11 3.09
CA GLY A 470 6.77 11.93 2.89
C GLY A 470 6.40 10.79 3.82
N GLY A 471 6.55 9.57 3.32
CA GLY A 471 6.17 8.39 4.07
C GLY A 471 4.74 8.01 3.75
N GLN A 472 4.49 6.71 3.70
CA GLN A 472 3.17 6.19 3.39
C GLN A 472 2.98 4.81 4.00
N VAL A 473 1.78 4.55 4.50
CA VAL A 473 1.43 3.24 5.00
C VAL A 473 0.25 2.67 4.22
N SER A 474 0.46 1.50 3.62
CA SER A 474 -0.61 0.84 2.88
C SER A 474 -1.43 -0.07 3.78
N VAL A 475 -2.74 0.01 3.67
CA VAL A 475 -3.64 -0.89 4.38
C VAL A 475 -3.99 -2.07 3.48
N CYS A 476 -3.41 -3.23 3.75
CA CYS A 476 -3.59 -4.39 2.89
C CYS A 476 -4.32 -5.52 3.60
N PRO A 477 -5.66 -5.58 3.43
CA PRO A 477 -6.49 -6.61 4.05
C PRO A 477 -6.24 -7.98 3.47
N LEU A 478 -6.11 -8.99 4.33
CA LEU A 478 -5.92 -10.36 3.88
C LEU A 478 -7.12 -10.83 3.07
N PRO A 479 -6.87 -11.30 1.84
CA PRO A 479 -7.92 -11.64 0.88
C PRO A 479 -8.74 -12.86 1.29
N ARG A 480 -10.05 -12.79 1.04
CA ARG A 480 -10.95 -13.91 1.30
C ARG A 480 -10.97 -14.87 0.12
N GLY A 481 -10.86 -16.16 0.42
CA GLY A 481 -10.93 -17.18 -0.61
C GLY A 481 -9.74 -17.15 -1.55
N TRP A 482 -10.03 -17.21 -2.85
CA TRP A 482 -8.99 -17.23 -3.88
C TRP A 482 -8.78 -15.86 -4.47
N ARG A 483 -9.28 -14.83 -3.79
CA ARG A 483 -9.13 -13.45 -4.24
C ARG A 483 -7.67 -13.03 -4.12
N ARG A 484 -7.24 -12.11 -4.98
CA ARG A 484 -5.86 -11.62 -4.96
C ARG A 484 -5.64 -10.64 -3.83
N TRP A 485 -4.44 -10.66 -3.25
CA TRP A 485 -4.07 -9.71 -2.21
C TRP A 485 -3.73 -8.36 -2.83
N TRP A 486 -4.39 -7.31 -2.37
CA TRP A 486 -4.10 -5.96 -2.84
C TRP A 486 -4.32 -4.95 -1.72
N CYS A 487 -3.74 -3.76 -1.86
CA CYS A 487 -3.86 -2.73 -0.85
C CYS A 487 -5.12 -1.91 -1.02
N ASP A 488 -6.02 -2.01 -0.05
CA ASP A 488 -7.33 -1.37 -0.09
C ASP A 488 -7.24 0.15 0.00
N ALA A 489 -6.41 0.64 0.92
CA ALA A 489 -6.29 2.08 1.15
C ALA A 489 -4.90 2.46 1.62
N VAL A 490 -4.62 3.76 1.68
CA VAL A 490 -3.33 4.24 2.14
C VAL A 490 -3.48 5.27 3.26
N LEU A 491 -2.49 5.30 4.14
CA LEU A 491 -2.51 6.23 5.27
C LEU A 491 -1.35 7.21 5.18
N TYR A 492 -1.62 8.46 5.52
CA TYR A 492 -0.60 9.50 5.50
C TYR A 492 -0.52 10.23 6.83
N GLY A 493 0.62 10.88 7.08
CA GLY A 493 0.77 11.77 8.20
C GLY A 493 0.35 13.16 7.78
N GLU A 494 0.55 14.15 8.65
CA GLU A 494 0.19 15.52 8.31
C GLU A 494 1.19 16.07 7.30
N GLN A 495 0.76 17.06 6.51
CA GLN A 495 1.60 17.59 5.45
C GLN A 495 2.63 18.57 5.98
N GLY A 496 3.69 18.76 5.20
CA GLY A 496 4.76 19.68 5.58
C GLY A 496 6.03 18.96 5.99
N HIS A 497 6.05 17.65 5.78
CA HIS A 497 7.22 16.85 6.14
C HIS A 497 7.58 15.90 5.02
N PRO A 498 8.25 16.40 3.98
CA PRO A 498 8.56 15.65 2.75
C PRO A 498 9.43 14.43 2.99
N TRP A 499 10.15 14.44 4.12
CA TRP A 499 11.04 13.35 4.47
C TRP A 499 10.77 12.91 5.89
N GLY A 500 9.50 12.95 6.28
CA GLY A 500 9.10 12.63 7.64
C GLY A 500 9.23 11.17 7.99
N ARG A 501 9.45 10.33 6.99
CA ARG A 501 9.59 8.89 7.17
C ARG A 501 8.38 8.29 7.90
N PHE A 502 7.19 8.78 7.55
CA PHE A 502 5.94 8.23 8.07
C PHE A 502 5.80 6.76 7.72
N GLY A 503 5.70 5.91 8.74
CA GLY A 503 5.56 4.48 8.52
C GLY A 503 6.86 3.73 8.73
N ALA A 504 7.84 4.42 9.31
CA ALA A 504 9.12 3.81 9.62
C ALA A 504 8.97 2.72 10.68
N ALA A 505 8.00 2.92 11.56
CA ALA A 505 7.71 1.94 12.61
C ALA A 505 6.20 1.78 12.78
N LEU A 506 5.76 0.55 12.97
CA LEU A 506 4.35 0.25 13.16
C LEU A 506 4.13 -0.62 14.38
N THR A 507 3.00 -0.42 15.06
CA THR A 507 2.65 -1.26 16.20
C THR A 507 1.15 -1.26 16.45
N VAL A 508 0.67 -2.33 17.07
CA VAL A 508 -0.72 -2.42 17.50
C VAL A 508 -0.81 -2.05 18.97
N LEU A 509 -1.73 -1.16 19.30
CA LEU A 509 -1.87 -0.69 20.67
C LEU A 509 -3.02 -1.40 21.40
N GLY A 510 -4.00 -1.85 20.63
CA GLY A 510 -5.20 -2.43 21.19
C GLY A 510 -6.36 -1.47 21.05
N ASP A 511 -7.47 -1.76 21.71
CA ASP A 511 -8.63 -0.89 21.65
C ASP A 511 -8.57 0.15 22.78
N VAL A 512 -8.40 1.41 22.41
CA VAL A 512 -8.17 2.46 23.40
C VAL A 512 -9.39 3.35 23.64
N ASN A 513 -10.36 3.30 22.74
CA ASN A 513 -11.56 4.12 22.89
C ASN A 513 -12.80 3.29 23.23
N GLY A 514 -12.59 1.99 23.41
CA GLY A 514 -13.64 1.10 23.84
C GLY A 514 -14.76 0.89 22.84
N ASP A 515 -14.42 0.90 21.55
CA ASP A 515 -15.41 0.63 20.50
C ASP A 515 -15.24 -0.82 20.05
N LYS A 516 -14.45 -1.57 20.80
CA LYS A 516 -14.13 -2.96 20.51
C LYS A 516 -13.48 -3.12 19.14
N LEU A 517 -12.84 -2.05 18.67
CA LEU A 517 -12.11 -2.07 17.42
C LEU A 517 -10.65 -1.70 17.65
N THR A 518 -9.75 -2.62 17.29
CA THR A 518 -8.31 -2.48 17.53
C THR A 518 -7.72 -1.22 16.89
N ASP A 519 -6.89 -0.51 17.64
CA ASP A 519 -6.29 0.73 17.16
C ASP A 519 -4.78 0.57 17.01
N VAL A 520 -4.19 1.35 16.11
CA VAL A 520 -2.77 1.21 15.80
C VAL A 520 -2.00 2.53 15.96
N VAL A 521 -0.68 2.42 16.03
CA VAL A 521 0.18 3.60 16.15
C VAL A 521 1.28 3.58 15.10
N ILE A 522 1.39 4.66 14.34
CA ILE A 522 2.39 4.76 13.28
C ILE A 522 3.39 5.87 13.58
N GLY A 523 4.67 5.53 13.53
CA GLY A 523 5.73 6.48 13.83
C GLY A 523 6.25 7.24 12.62
N ALA A 524 6.59 8.51 12.82
CA ALA A 524 7.13 9.35 11.77
C ALA A 524 8.33 10.13 12.28
N PRO A 525 9.49 9.47 12.40
CA PRO A 525 10.68 9.99 13.07
C PRO A 525 11.40 11.12 12.34
N GLY A 526 10.98 11.43 11.12
CA GLY A 526 11.65 12.48 10.34
C GLY A 526 10.93 13.80 10.31
N GLU A 527 9.71 13.84 10.86
CA GLU A 527 8.90 15.05 10.84
C GLU A 527 9.55 16.17 11.65
N GLU A 528 9.26 17.41 11.26
CA GLU A 528 9.83 18.60 11.89
C GLU A 528 11.34 18.52 11.97
N GLU A 529 11.98 18.34 10.82
CA GLU A 529 13.43 18.25 10.71
C GLU A 529 14.02 17.25 11.70
N ASN A 530 13.57 16.01 11.59
CA ASN A 530 14.09 14.89 12.35
C ASN A 530 13.88 14.97 13.85
N ARG A 531 12.83 15.69 14.27
CA ARG A 531 12.45 15.68 15.67
C ARG A 531 11.52 14.50 15.92
N GLY A 532 10.69 14.20 14.93
CA GLY A 532 9.85 13.02 14.97
C GLY A 532 8.45 13.23 15.53
N ALA A 533 7.56 12.29 15.21
CA ALA A 533 6.19 12.34 15.71
C ALA A 533 5.56 10.94 15.74
N VAL A 534 4.37 10.87 16.31
CA VAL A 534 3.66 9.61 16.46
C VAL A 534 2.16 9.81 16.23
N TYR A 535 1.57 8.91 15.46
CA TYR A 535 0.15 9.02 15.10
C TYR A 535 -0.67 7.87 15.67
N LEU A 536 -1.86 8.17 16.14
CA LEU A 536 -2.79 7.14 16.61
C LEU A 536 -3.98 7.02 15.67
N PHE A 537 -4.14 5.85 15.07
CA PHE A 537 -5.22 5.61 14.12
C PHE A 537 -6.25 4.63 14.67
N HIS A 538 -7.53 4.96 14.52
CA HIS A 538 -8.61 4.10 15.00
C HIS A 538 -8.94 2.99 14.01
N GLY A 539 -9.43 1.88 14.54
CA GLY A 539 -9.94 0.79 13.72
C GLY A 539 -11.36 1.05 13.27
N VAL A 540 -11.73 0.47 12.14
CA VAL A 540 -13.03 0.73 11.52
C VAL A 540 -13.69 -0.57 11.07
N LEU A 541 -15.01 -0.67 11.28
CA LEU A 541 -15.81 -1.83 10.86
C LEU A 541 -15.59 -2.22 9.40
N GLY A 542 -15.79 -3.51 9.11
CA GLY A 542 -15.54 -4.01 7.77
C GLY A 542 -14.06 -3.89 7.52
N PRO A 543 -13.27 -4.46 8.44
CA PRO A 543 -11.90 -4.16 8.84
C PRO A 543 -11.11 -3.28 7.87
N SER A 544 -10.97 -2.02 8.28
CA SER A 544 -10.06 -1.09 7.66
C SER A 544 -9.60 -0.13 8.76
N ILE A 545 -8.48 0.54 8.52
CA ILE A 545 -7.98 1.54 9.45
C ILE A 545 -8.47 2.92 9.01
N SER A 546 -8.95 3.71 9.97
CA SER A 546 -9.46 5.06 9.71
C SER A 546 -8.46 5.92 8.94
N PRO A 547 -8.95 6.61 7.90
CA PRO A 547 -8.12 7.45 7.02
C PRO A 547 -7.40 8.57 7.77
N SER A 548 -8.09 9.18 8.73
CA SER A 548 -7.50 10.25 9.53
C SER A 548 -7.12 9.77 10.92
N HIS A 549 -6.02 10.29 11.46
CA HIS A 549 -5.56 9.90 12.78
C HIS A 549 -6.38 10.56 13.88
N SER A 550 -6.46 9.90 15.03
CA SER A 550 -7.23 10.40 16.16
C SER A 550 -6.39 11.34 17.01
N GLN A 551 -5.08 11.15 16.97
CA GLN A 551 -4.16 11.94 17.77
C GLN A 551 -2.76 11.94 17.17
N ARG A 552 -2.11 13.10 17.16
CA ARG A 552 -0.72 13.19 16.74
C ARG A 552 0.14 13.79 17.84
N ILE A 553 1.27 13.17 18.10
CA ILE A 553 2.18 13.63 19.15
C ILE A 553 3.56 13.94 18.60
N ALA A 554 3.89 15.22 18.51
CA ALA A 554 5.19 15.64 18.02
C ALA A 554 6.24 15.52 19.13
N GLY A 555 7.49 15.25 18.74
CA GLY A 555 8.57 15.16 19.70
C GLY A 555 8.81 16.50 20.38
N SER A 556 8.71 17.57 19.60
CA SER A 556 8.89 18.92 20.11
C SER A 556 7.85 19.26 21.17
N GLN A 557 6.65 18.69 21.02
CA GLN A 557 5.57 18.89 21.97
C GLN A 557 5.93 18.36 23.36
N LEU A 558 6.71 17.28 23.39
CA LEU A 558 7.07 16.62 24.63
C LEU A 558 8.37 17.20 25.21
N SER A 559 9.36 17.38 24.36
CA SER A 559 10.67 17.85 24.80
C SER A 559 11.43 18.53 23.66
N SER A 560 12.28 19.49 24.02
CA SER A 560 13.11 20.18 23.04
C SER A 560 14.31 19.33 22.65
N ARG A 561 14.61 18.33 23.47
CA ARG A 561 15.79 17.49 23.26
C ARG A 561 15.52 16.25 22.41
N LEU A 562 14.26 16.02 22.07
CA LEU A 562 13.86 14.82 21.34
C LEU A 562 14.29 14.82 19.87
N GLN A 563 14.98 13.76 19.47
CA GLN A 563 15.32 13.55 18.06
C GLN A 563 14.89 12.14 17.62
N TYR A 564 14.37 12.05 16.40
CA TYR A 564 13.93 10.78 15.82
C TYR A 564 12.87 10.10 16.67
N PHE A 565 11.99 10.90 17.27
CA PHE A 565 10.88 10.39 18.07
C PHE A 565 9.94 9.57 17.20
N GLY A 566 9.81 8.29 17.50
CA GLY A 566 8.92 7.42 16.76
C GLY A 566 9.66 6.49 15.82
N GLN A 567 10.98 6.44 15.95
CA GLN A 567 11.79 5.58 15.10
C GLN A 567 11.56 4.11 15.42
N ALA A 568 11.05 3.84 16.61
CA ALA A 568 10.76 2.47 17.06
C ALA A 568 9.55 2.47 17.98
N LEU A 569 8.68 1.48 17.81
CA LEU A 569 7.43 1.44 18.56
C LEU A 569 7.13 0.06 19.14
N SER A 570 6.32 0.05 20.19
CA SER A 570 5.90 -1.18 20.85
C SER A 570 4.81 -0.90 21.88
N GLY A 571 3.61 -1.40 21.60
CA GLY A 571 2.49 -1.20 22.51
C GLY A 571 1.64 -2.43 22.67
N GLY A 572 0.55 -2.30 23.42
CA GLY A 572 -0.37 -3.41 23.60
C GLY A 572 -0.36 -3.99 25.00
N GLN A 573 0.75 -3.81 25.72
CA GLN A 573 0.83 -4.27 27.10
C GLN A 573 0.63 -3.12 28.08
N ASP A 574 0.19 -3.45 29.30
CA ASP A 574 0.06 -2.48 30.37
C ASP A 574 1.28 -2.53 31.29
N LEU A 575 2.08 -1.48 31.28
CA LEU A 575 3.29 -1.46 32.08
C LEU A 575 3.21 -0.48 33.25
N THR A 576 2.04 0.13 33.43
CA THR A 576 1.84 1.12 34.49
C THR A 576 0.83 0.65 35.52
N GLN A 577 0.47 -0.63 35.45
CA GLN A 577 -0.35 -1.29 36.46
C GLN A 577 -1.74 -0.67 36.67
N ASP A 578 -2.27 -0.01 35.65
CA ASP A 578 -3.59 0.60 35.77
C ASP A 578 -4.65 -0.21 35.01
N GLY A 579 -4.21 -1.22 34.28
CA GLY A 579 -5.11 -2.04 33.49
C GLY A 579 -5.21 -1.61 32.04
N LEU A 580 -4.86 -0.35 31.76
CA LEU A 580 -4.92 0.19 30.40
C LEU A 580 -3.59 0.00 29.68
N VAL A 581 -3.67 -0.22 28.37
CA VAL A 581 -2.47 -0.45 27.56
C VAL A 581 -1.58 0.79 27.48
N ASP A 582 -0.30 0.56 27.27
CA ASP A 582 0.69 1.64 27.22
C ASP A 582 1.58 1.52 25.98
N LEU A 583 2.07 2.65 25.50
CA LEU A 583 2.91 2.70 24.30
C LEU A 583 4.34 3.04 24.63
N ALA A 584 5.28 2.27 24.08
CA ALA A 584 6.70 2.58 24.22
C ALA A 584 7.24 3.13 22.90
N VAL A 585 7.79 4.34 22.95
CA VAL A 585 8.29 5.01 21.75
C VAL A 585 9.80 5.22 21.81
N GLY A 586 10.48 4.87 20.71
CA GLY A 586 11.92 5.04 20.64
C GLY A 586 12.34 6.40 20.10
N ALA A 587 13.53 6.83 20.50
CA ALA A 587 14.09 8.09 20.05
C ALA A 587 15.61 8.04 20.17
N ARG A 588 16.30 9.08 19.70
CA ARG A 588 17.75 9.09 19.78
C ARG A 588 18.21 9.31 21.22
N GLY A 589 18.76 8.27 21.83
CA GLY A 589 19.28 8.36 23.18
C GLY A 589 18.22 8.29 24.26
N GLN A 590 16.96 8.16 23.84
CA GLN A 590 15.85 8.14 24.79
C GLN A 590 14.78 7.12 24.40
N VAL A 591 14.03 6.67 25.41
CA VAL A 591 12.85 5.84 25.20
C VAL A 591 11.72 6.34 26.10
N LEU A 592 10.57 6.63 25.50
CA LEU A 592 9.46 7.17 26.26
C LEU A 592 8.32 6.17 26.42
N LEU A 593 7.80 6.07 27.64
CA LEU A 593 6.66 5.22 27.92
C LEU A 593 5.41 6.07 28.13
N LEU A 594 4.56 6.12 27.10
CA LEU A 594 3.31 6.86 27.17
C LEU A 594 2.17 5.94 27.59
N ARG A 595 1.30 6.44 28.45
CA ARG A 595 0.17 5.64 28.93
C ARG A 595 -1.13 6.15 28.34
N THR A 596 -2.13 5.27 28.25
CA THR A 596 -3.44 5.67 27.77
C THR A 596 -4.34 6.01 28.96
N ARG A 597 -5.25 6.94 28.75
CA ARG A 597 -6.14 7.42 29.79
C ARG A 597 -7.51 6.76 29.69
N PRO A 598 -8.20 6.58 30.84
CA PRO A 598 -9.55 6.02 30.82
C PRO A 598 -10.54 6.95 30.12
N VAL A 599 -11.41 6.38 29.30
CA VAL A 599 -12.35 7.18 28.51
C VAL A 599 -13.76 7.10 29.09
N LEU A 600 -14.41 8.25 29.18
CA LEU A 600 -15.77 8.33 29.70
C LEU A 600 -16.78 8.72 28.61
N TRP A 601 -18.01 8.26 28.78
CA TRP A 601 -19.11 8.60 27.88
C TRP A 601 -20.27 9.15 28.72
N VAL A 602 -20.87 10.25 28.27
CA VAL A 602 -21.94 10.88 29.03
C VAL A 602 -23.24 10.97 28.23
N GLY A 603 -24.31 10.38 28.78
CA GLY A 603 -25.62 10.44 28.18
C GLY A 603 -26.49 11.49 28.84
N VAL A 604 -27.39 12.09 28.05
CA VAL A 604 -28.22 13.19 28.54
C VAL A 604 -29.69 12.96 28.24
N SER A 605 -30.55 13.15 29.24
CA SER A 605 -31.99 13.10 29.04
C SER A 605 -32.65 14.30 29.69
N MET A 606 -33.47 15.01 28.92
CA MET A 606 -34.13 16.23 29.39
C MET A 606 -35.63 16.17 29.17
N GLN A 607 -36.40 16.49 30.20
CA GLN A 607 -37.86 16.49 30.09
C GLN A 607 -38.49 17.58 30.94
N PHE A 608 -39.70 17.98 30.57
CA PHE A 608 -40.40 19.08 31.23
C PHE A 608 -41.65 18.62 31.97
N ILE A 609 -41.94 19.29 33.08
CA ILE A 609 -43.20 19.10 33.80
C ILE A 609 -43.87 20.46 33.98
N PRO A 610 -44.96 20.72 33.24
CA PRO A 610 -45.64 19.81 32.31
C PRO A 610 -44.90 19.61 30.99
N ALA A 611 -45.26 18.57 30.25
CA ALA A 611 -44.58 18.23 29.00
C ALA A 611 -44.88 19.27 27.92
N GLU A 612 -46.12 19.77 27.90
CA GLU A 612 -46.50 20.81 26.97
C GLU A 612 -47.04 22.01 27.75
N ILE A 613 -46.75 23.21 27.25
CA ILE A 613 -47.23 24.42 27.90
C ILE A 613 -48.74 24.58 27.75
N PRO A 614 -49.46 24.59 28.88
CA PRO A 614 -50.92 24.77 28.84
C PRO A 614 -51.29 26.09 28.19
N ARG A 615 -52.44 26.13 27.52
CA ARG A 615 -52.89 27.33 26.84
C ARG A 615 -53.31 28.39 27.86
N SER A 616 -53.54 27.93 29.09
CA SER A 616 -53.85 28.83 30.20
C SER A 616 -52.64 29.66 30.58
N ALA A 617 -51.45 29.08 30.40
CA ALA A 617 -50.20 29.76 30.72
C ALA A 617 -50.01 31.02 29.88
N PHE A 618 -50.39 30.96 28.61
CA PHE A 618 -50.23 32.11 27.73
CA PHE A 618 -50.23 32.10 27.72
C PHE A 618 -51.57 32.57 27.16
N GLU A 619 -52.01 33.72 27.65
CA GLU A 619 -53.21 34.38 27.15
C GLU A 619 -53.24 35.77 27.78
N CYS A 620 -53.37 36.78 26.92
CA CYS A 620 -53.25 38.15 27.36
C CYS A 620 -54.60 38.79 27.66
N ARG A 621 -55.06 38.61 28.89
CA ARG A 621 -56.18 39.37 29.40
C ARG A 621 -55.66 40.67 29.99
N GLU A 622 -54.51 41.10 29.48
CA GLU A 622 -53.81 42.32 29.87
C GLU A 622 -53.18 42.25 31.25
N GLN A 623 -53.09 43.41 31.92
CA GLN A 623 -51.99 43.73 32.83
C GLN A 623 -50.76 43.05 32.21
N VAL A 624 -50.39 43.59 31.05
CA VAL A 624 -49.50 42.95 30.08
C VAL A 624 -48.30 42.25 30.70
N VAL A 625 -47.65 42.87 31.67
CA VAL A 625 -46.66 42.17 32.45
C VAL A 625 -47.35 41.67 33.73
N SER A 626 -47.39 40.36 33.88
CA SER A 626 -48.17 39.76 34.97
C SER A 626 -47.49 38.53 35.55
N GLU A 627 -48.26 37.75 36.29
CA GLU A 627 -47.72 36.58 36.98
C GLU A 627 -47.17 35.57 35.99
N GLN A 628 -45.91 35.20 36.22
CA GLN A 628 -45.23 34.24 35.36
C GLN A 628 -45.75 32.83 35.58
N THR A 629 -45.59 31.98 34.59
CA THR A 629 -45.96 30.58 34.71
C THR A 629 -44.72 29.75 35.01
N LEU A 630 -44.88 28.67 35.78
CA LEU A 630 -43.75 27.83 36.16
C LEU A 630 -43.73 26.50 35.41
N VAL A 631 -42.58 26.17 34.84
CA VAL A 631 -42.37 24.87 34.23
C VAL A 631 -41.13 24.23 34.85
N GLN A 632 -41.25 22.98 35.29
CA GLN A 632 -40.14 22.30 35.93
C GLN A 632 -39.29 21.55 34.90
N SER A 633 -37.97 21.65 35.04
CA SER A 633 -37.04 21.01 34.11
C SER A 633 -36.23 19.92 34.80
N ASN A 634 -36.37 18.68 34.34
CA ASN A 634 -35.59 17.57 34.89
C ASN A 634 -34.46 17.12 33.97
N ILE A 635 -33.23 17.38 34.39
CA ILE A 635 -32.06 17.01 33.58
C ILE A 635 -31.27 15.87 34.22
N CYS A 636 -31.13 14.78 33.47
CA CYS A 636 -30.40 13.61 33.96
C CYS A 636 -29.13 13.35 33.16
N LEU A 637 -28.01 13.26 33.87
CA LEU A 637 -26.74 12.91 33.27
C LEU A 637 -26.36 11.46 33.60
N TYR A 638 -25.87 10.73 32.61
CA TYR A 638 -25.44 9.36 32.84
CA TYR A 638 -25.45 9.35 32.82
C TYR A 638 -24.00 9.15 32.38
N ILE A 639 -23.12 8.88 33.35
CA ILE A 639 -21.70 8.72 33.06
C ILE A 639 -21.20 7.28 33.28
N ASP A 640 -20.91 6.58 32.19
CA ASP A 640 -20.31 5.26 32.27
C ASP A 640 -18.89 5.31 31.70
N LYS A 641 -18.03 4.40 32.14
CA LYS A 641 -16.66 4.37 31.64
C LYS A 641 -16.55 3.47 30.42
N ARG A 642 -15.80 3.94 29.41
CA ARG A 642 -15.66 3.19 28.16
C ARG A 642 -14.51 2.21 28.27
N SER A 643 -13.55 2.53 29.13
CA SER A 643 -12.41 1.67 29.41
C SER A 643 -12.78 0.66 30.49
N LYS A 644 -12.95 -0.60 30.09
CA LYS A 644 -13.54 -1.60 30.97
C LYS A 644 -12.55 -2.32 31.89
N ASN A 645 -11.29 -2.34 31.50
CA ASN A 645 -10.28 -3.09 32.26
CA ASN A 645 -10.27 -3.08 32.24
C ASN A 645 -9.52 -2.22 33.24
N LEU A 646 -10.02 -0.99 33.46
CA LEU A 646 -9.37 -0.09 34.41
C LEU A 646 -9.39 -0.65 35.82
N LEU A 647 -8.21 -0.88 36.38
CA LEU A 647 -8.08 -1.37 37.74
C LEU A 647 -8.25 -0.22 38.73
N GLY A 648 -8.70 -0.53 39.94
CA GLY A 648 -8.85 0.49 40.97
C GLY A 648 -10.25 0.57 41.53
N SER A 649 -10.55 1.66 42.23
CA SER A 649 -11.88 1.86 42.81
C SER A 649 -12.91 1.97 41.70
N ARG A 650 -14.10 1.41 41.96
CA ARG A 650 -15.13 1.33 40.93
C ARG A 650 -15.60 2.70 40.44
N ASP A 651 -15.66 3.66 41.36
CA ASP A 651 -16.14 5.00 41.02
C ASP A 651 -15.01 5.92 40.56
N LEU A 652 -15.28 6.64 39.47
CA LEU A 652 -14.35 7.64 38.97
C LEU A 652 -14.93 9.03 39.20
N GLN A 653 -14.28 9.81 40.07
CA GLN A 653 -14.71 11.17 40.31
C GLN A 653 -14.40 12.05 39.11
N SER A 654 -15.32 12.96 38.82
CA SER A 654 -15.20 13.81 37.63
C SER A 654 -15.94 15.13 37.82
N SER A 655 -15.29 16.23 37.43
CA SER A 655 -15.87 17.56 37.58
C SER A 655 -16.60 17.99 36.31
N VAL A 656 -17.92 18.14 36.41
CA VAL A 656 -18.76 18.45 35.26
C VAL A 656 -19.33 19.87 35.33
N THR A 657 -19.14 20.65 34.28
CA THR A 657 -19.66 22.01 34.20
C THR A 657 -20.81 22.10 33.22
N LEU A 658 -22.00 22.46 33.69
CA LEU A 658 -23.17 22.55 32.83
C LEU A 658 -23.46 23.98 32.39
N ASP A 659 -23.85 24.13 31.13
CA ASP A 659 -24.30 25.42 30.60
C ASP A 659 -25.67 25.28 29.98
N LEU A 660 -26.66 25.95 30.58
CA LEU A 660 -28.03 25.87 30.11
C LEU A 660 -28.44 27.15 29.40
N ALA A 661 -29.21 27.01 28.33
CA ALA A 661 -29.67 28.16 27.57
C ALA A 661 -31.11 27.95 27.11
N LEU A 662 -31.97 28.91 27.44
CA LEU A 662 -33.37 28.87 27.02
C LEU A 662 -33.56 29.70 25.76
N ASP A 663 -34.15 29.10 24.73
CA ASP A 663 -34.32 29.73 23.42
C ASP A 663 -33.05 30.42 22.94
N PRO A 664 -31.99 29.65 22.66
CA PRO A 664 -30.72 30.25 22.25
C PRO A 664 -30.76 30.76 20.81
N GLY A 665 -29.96 31.79 20.53
CA GLY A 665 -29.91 32.38 19.20
C GLY A 665 -31.13 33.19 18.87
N ARG A 666 -31.90 33.54 19.90
CA ARG A 666 -33.18 34.23 19.72
C ARG A 666 -33.09 35.65 20.26
N LEU A 667 -33.80 36.58 19.59
CA LEU A 667 -33.85 37.96 20.06
C LEU A 667 -34.59 38.06 21.38
N SER A 668 -35.76 37.43 21.43
CA SER A 668 -36.58 37.45 22.64
C SER A 668 -36.81 36.04 23.17
N PRO A 669 -36.02 35.63 24.18
CA PRO A 669 -36.20 34.35 24.86
C PRO A 669 -37.54 34.31 25.60
N ARG A 670 -38.26 33.20 25.46
CA ARG A 670 -39.62 33.11 25.97
C ARG A 670 -39.69 32.47 27.36
N ALA A 671 -38.53 32.32 28.00
CA ALA A 671 -38.47 31.75 29.34
C ALA A 671 -37.21 32.18 30.06
N THR A 672 -37.24 32.11 31.39
CA THR A 672 -36.09 32.43 32.22
C THR A 672 -35.94 31.42 33.36
N PHE A 673 -34.70 31.23 33.80
CA PHE A 673 -34.44 30.41 34.98
C PHE A 673 -34.77 31.19 36.25
N GLN A 674 -35.54 30.57 37.14
CA GLN A 674 -35.94 31.25 38.38
C GLN A 674 -34.72 31.61 39.22
N GLU A 675 -33.66 30.82 39.08
CA GLU A 675 -32.45 31.02 39.85
C GLU A 675 -31.66 32.25 39.41
N THR A 676 -31.48 32.42 38.10
CA THR A 676 -30.65 33.51 37.60
C THR A 676 -31.47 34.66 37.03
N LYS A 677 -32.78 34.47 36.93
CA LYS A 677 -33.69 35.46 36.38
C LYS A 677 -33.35 35.82 34.92
N THR A 678 -32.58 34.96 34.27
CA THR A 678 -32.24 35.13 32.87
C THR A 678 -32.42 33.82 32.11
N ARG A 679 -31.99 33.79 30.85
CA ARG A 679 -32.14 32.60 30.03
C ARG A 679 -30.89 31.73 30.07
N SER A 680 -29.98 32.04 30.99
CA SER A 680 -28.74 31.29 31.11
C SER A 680 -28.50 30.86 32.56
N LEU A 681 -28.02 29.64 32.73
CA LEU A 681 -27.71 29.09 34.04
C LEU A 681 -26.49 28.18 33.95
N SER A 682 -25.72 28.09 35.03
CA SER A 682 -24.54 27.24 35.04
C SER A 682 -24.41 26.44 36.32
N ARG A 683 -24.04 25.17 36.18
CA ARG A 683 -23.81 24.29 37.31
C ARG A 683 -22.41 23.68 37.25
N VAL A 684 -21.72 23.68 38.38
CA VAL A 684 -20.44 22.99 38.49
C VAL A 684 -20.54 21.96 39.60
N ARG A 685 -20.54 20.68 39.22
CA ARG A 685 -20.64 19.61 40.19
C ARG A 685 -19.59 18.54 39.96
N VAL A 686 -19.32 17.76 40.99
CA VAL A 686 -18.43 16.60 40.86
C VAL A 686 -19.26 15.33 40.93
N LEU A 687 -19.27 14.57 39.85
CA LEU A 687 -20.13 13.41 39.75
C LEU A 687 -19.34 12.10 39.69
N GLY A 688 -19.88 11.07 40.33
CA GLY A 688 -19.34 9.72 40.20
C GLY A 688 -19.87 9.11 38.92
N LEU A 689 -19.78 7.79 38.81
CA LEU A 689 -20.26 7.12 37.60
C LEU A 689 -21.78 7.00 37.60
N LYS A 690 -22.31 6.64 36.44
CA LYS A 690 -23.75 6.40 36.25
C LYS A 690 -24.60 7.65 36.46
N ALA A 691 -25.78 7.47 37.04
CA ALA A 691 -26.83 8.48 36.99
C ALA A 691 -26.72 9.60 38.04
N HIS A 692 -27.11 10.80 37.62
CA HIS A 692 -27.33 11.94 38.51
C HIS A 692 -28.30 12.93 37.86
N CYS A 693 -29.32 13.33 38.61
CA CYS A 693 -30.36 14.21 38.08
C CYS A 693 -30.55 15.46 38.94
N GLU A 694 -30.97 16.55 38.30
CA GLU A 694 -31.23 17.80 39.01
C GLU A 694 -32.40 18.55 38.38
N ASN A 695 -33.12 19.32 39.19
CA ASN A 695 -34.27 20.07 38.71
C ASN A 695 -34.00 21.57 38.58
N PHE A 696 -34.56 22.17 37.53
CA PHE A 696 -34.46 23.61 37.32
C PHE A 696 -35.84 24.20 37.08
N ASN A 697 -36.14 25.30 37.76
CA ASN A 697 -37.44 25.95 37.60
C ASN A 697 -37.40 27.01 36.51
N LEU A 698 -38.35 26.91 35.57
CA LEU A 698 -38.44 27.85 34.46
C LEU A 698 -39.61 28.81 34.69
N LEU A 699 -39.44 30.05 34.24
CA LEU A 699 -40.49 31.05 34.39
C LEU A 699 -40.98 31.55 33.05
N LEU A 700 -42.26 31.29 32.76
CA LEU A 700 -42.86 31.72 31.50
C LEU A 700 -43.66 33.00 31.69
N PRO A 701 -43.32 34.04 30.92
CA PRO A 701 -44.03 35.32 30.96
C PRO A 701 -45.53 35.14 30.76
N SER A 702 -46.31 36.10 31.24
CA SER A 702 -47.77 36.02 31.13
C SER A 702 -48.22 36.11 29.68
N CYS A 703 -47.44 36.80 28.86
CA CYS A 703 -47.78 36.99 27.46
C CYS A 703 -46.54 36.90 26.58
N VAL A 704 -46.68 36.26 25.42
CA VAL A 704 -45.55 36.11 24.52
C VAL A 704 -46.02 36.24 23.06
N GLU A 705 -45.12 36.72 22.21
CA GLU A 705 -45.41 36.92 20.80
C GLU A 705 -45.51 35.61 20.04
N ASP A 706 -44.47 34.79 20.11
CA ASP A 706 -44.44 33.52 19.39
C ASP A 706 -44.90 32.36 20.27
N SER A 707 -46.07 31.81 19.96
CA SER A 707 -46.59 30.67 20.68
C SER A 707 -46.72 29.47 19.74
N VAL A 708 -46.02 29.53 18.62
CA VAL A 708 -46.05 28.48 17.62
C VAL A 708 -44.87 27.54 17.76
N THR A 709 -43.66 28.08 17.57
CA THR A 709 -42.44 27.28 17.68
C THR A 709 -42.20 26.88 19.14
N PRO A 710 -41.78 25.63 19.36
CA PRO A 710 -41.57 25.13 20.72
C PRO A 710 -40.35 25.75 21.39
N ILE A 711 -40.47 26.02 22.69
CA ILE A 711 -39.34 26.56 23.45
C ILE A 711 -38.26 25.50 23.59
N THR A 712 -37.03 25.85 23.22
CA THR A 712 -35.92 24.92 23.28
C THR A 712 -34.98 25.21 24.45
N LEU A 713 -34.47 24.15 25.04
CA LEU A 713 -33.48 24.27 26.12
C LEU A 713 -32.19 23.57 25.70
N ARG A 714 -31.13 24.35 25.53
CA ARG A 714 -29.86 23.80 25.07
C ARG A 714 -28.89 23.59 26.23
N LEU A 715 -28.40 22.35 26.33
CA LEU A 715 -27.43 21.99 27.35
C LEU A 715 -26.11 21.60 26.71
N ASN A 716 -25.01 22.17 27.21
CA ASN A 716 -23.70 21.69 26.83
C ASN A 716 -22.76 21.73 28.00
N PHE A 717 -21.83 20.79 28.03
CA PHE A 717 -20.99 20.63 29.20
C PHE A 717 -19.53 20.35 28.82
N THR A 718 -18.64 20.58 29.78
CA THR A 718 -17.27 20.11 29.73
C THR A 718 -17.04 19.17 30.90
N LEU A 719 -16.08 18.27 30.76
CA LEU A 719 -15.82 17.29 31.79
C LEU A 719 -14.33 17.17 32.08
N VAL A 720 -13.95 17.46 33.32
CA VAL A 720 -12.57 17.30 33.76
C VAL A 720 -12.49 16.25 34.86
N GLY A 721 -12.00 15.08 34.50
CA GLY A 721 -11.92 13.96 35.43
C GLY A 721 -10.93 14.19 36.54
N LYS A 722 -11.34 13.91 37.78
CA LYS A 722 -10.45 14.02 38.93
C LYS A 722 -9.34 12.98 38.83
N PRO A 723 -8.11 13.40 39.13
CA PRO A 723 -6.91 12.54 39.05
C PRO A 723 -6.97 11.34 40.01
N LEU A 724 -6.73 10.15 39.49
CA LEU A 724 -6.67 8.95 40.31
C LEU A 724 -5.37 8.94 41.10
N LEU A 725 -5.45 9.02 42.42
CA LEU A 725 -4.24 9.15 43.24
C LEU A 725 -3.37 7.90 43.21
N ALA A 726 -4.00 6.75 42.97
CA ALA A 726 -3.28 5.48 42.98
C ALA A 726 -2.41 5.28 41.75
N PHE A 727 -2.74 5.94 40.65
CA PHE A 727 -2.00 5.75 39.41
C PHE A 727 -1.31 7.02 38.91
N ARG A 728 -0.60 7.69 39.81
CA ARG A 728 0.13 8.92 39.51
C ARG A 728 -0.74 9.94 38.78
N ASN A 729 -1.87 10.27 39.40
CA ASN A 729 -2.78 11.30 38.91
C ASN A 729 -3.24 11.08 37.48
N LEU A 730 -3.54 9.82 37.14
CA LEU A 730 -4.13 9.48 35.85
C LEU A 730 -5.54 10.09 35.76
N ARG A 731 -5.82 10.80 34.67
CA ARG A 731 -7.08 11.52 34.55
C ARG A 731 -8.03 10.93 33.51
N PRO A 732 -9.24 10.56 33.94
CA PRO A 732 -10.31 10.18 33.00
C PRO A 732 -10.68 11.33 32.09
N MET A 733 -10.94 11.05 30.81
CA MET A 733 -11.31 12.10 29.88
C MET A 733 -12.50 11.70 29.03
N LEU A 734 -13.25 12.69 28.58
CA LEU A 734 -14.38 12.46 27.68
C LEU A 734 -13.85 12.07 26.31
N ALA A 735 -14.61 11.25 25.59
CA ALA A 735 -14.23 10.85 24.25
C ALA A 735 -14.17 12.06 23.34
N ALA A 736 -13.20 12.09 22.44
CA ALA A 736 -12.97 13.24 21.57
C ALA A 736 -14.16 13.54 20.66
N ASP A 737 -14.80 12.48 20.17
CA ASP A 737 -15.90 12.63 19.21
C ASP A 737 -17.26 12.76 19.89
N ALA A 738 -17.26 12.89 21.21
CA ALA A 738 -18.50 12.91 21.98
C ALA A 738 -19.35 14.14 21.66
N GLN A 739 -20.67 13.94 21.66
CA GLN A 739 -21.62 15.03 21.46
C GLN A 739 -21.65 15.91 22.69
N ARG A 740 -21.51 17.22 22.49
CA ARG A 740 -21.47 18.13 23.62
C ARG A 740 -22.71 19.01 23.72
N TYR A 741 -23.46 19.13 22.63
CA TYR A 741 -24.66 19.96 22.63
C TYR A 741 -25.95 19.14 22.60
N PHE A 742 -26.79 19.34 23.60
CA PHE A 742 -28.05 18.62 23.73
C PHE A 742 -29.23 19.58 23.79
N THR A 743 -30.32 19.24 23.14
CA THR A 743 -31.45 20.15 23.04
C THR A 743 -32.79 19.47 23.31
N ALA A 744 -33.53 20.02 24.28
CA ALA A 744 -34.90 19.59 24.54
C ALA A 744 -35.88 20.66 24.07
N SER A 745 -37.09 20.25 23.72
CA SER A 745 -38.08 21.20 23.22
C SER A 745 -39.34 21.21 24.08
N LEU A 746 -39.86 22.41 24.35
CA LEU A 746 -41.07 22.58 25.13
C LEU A 746 -42.18 23.19 24.28
N PRO A 747 -43.11 22.35 23.82
CA PRO A 747 -44.18 22.74 22.89
C PRO A 747 -45.32 23.53 23.55
N PHE A 748 -45.99 24.36 22.75
CA PHE A 748 -47.18 25.07 23.21
C PHE A 748 -48.44 24.30 22.81
N GLU A 749 -49.48 24.40 23.62
CA GLU A 749 -50.79 23.94 23.19
C GLU A 749 -51.25 24.79 22.01
N LYS A 750 -51.89 24.17 21.03
CA LYS A 750 -52.33 24.89 19.85
C LYS A 750 -53.80 25.28 19.95
N ASN A 751 -54.12 26.47 19.45
CA ASN A 751 -55.48 26.98 19.48
C ASN A 751 -56.19 26.78 18.16
N CYS A 752 -57.20 25.91 18.14
CA CYS A 752 -57.97 25.66 16.93
C CYS A 752 -59.28 26.44 16.96
N GLY A 753 -60.22 25.97 17.77
CA GLY A 753 -61.47 26.69 17.96
C GLY A 753 -61.38 27.59 19.17
N ALA A 754 -62.51 27.87 19.80
CA ALA A 754 -62.54 28.65 21.03
C ALA A 754 -62.46 27.72 22.23
N ASP A 755 -61.35 27.77 22.95
CA ASP A 755 -61.09 26.88 24.08
C ASP A 755 -61.19 25.43 23.63
N HIS A 756 -60.67 25.15 22.44
CA HIS A 756 -60.72 23.82 21.86
C HIS A 756 -59.32 23.27 21.59
N ILE A 757 -58.95 22.24 22.33
CA ILE A 757 -57.64 21.61 22.17
C ILE A 757 -57.53 20.91 20.81
N CYS A 758 -56.48 21.24 20.07
CA CYS A 758 -56.26 20.69 18.74
C CYS A 758 -56.17 19.17 18.72
N GLN A 759 -56.78 18.57 17.71
CA GLN A 759 -56.72 17.13 17.50
C GLN A 759 -56.41 16.82 16.03
N ASP A 760 -55.27 16.20 15.79
CA ASP A 760 -54.84 15.85 14.43
C ASP A 760 -54.74 14.35 14.25
N ASN A 761 -55.39 13.81 13.22
CA ASN A 761 -55.10 12.43 12.86
C ASN A 761 -54.02 12.43 11.81
N LEU A 762 -53.11 11.48 11.89
CA LEU A 762 -52.01 11.39 10.96
C LEU A 762 -51.87 9.98 10.42
N GLY A 763 -51.85 9.84 9.11
CA GLY A 763 -51.71 8.54 8.48
C GLY A 763 -50.49 8.49 7.59
N ILE A 764 -49.82 7.34 7.56
CA ILE A 764 -48.64 7.17 6.75
C ILE A 764 -48.75 5.90 5.90
N SER A 765 -48.22 5.96 4.69
CA SER A 765 -48.23 4.81 3.79
C SER A 765 -47.15 4.98 2.74
N PHE A 766 -46.49 3.88 2.38
CA PHE A 766 -45.44 3.94 1.36
C PHE A 766 -45.37 2.68 0.52
N SER A 767 -45.00 2.86 -0.74
CA SER A 767 -44.82 1.74 -1.66
C SER A 767 -43.39 1.73 -2.19
N PHE A 768 -43.05 0.69 -2.95
CA PHE A 768 -41.75 0.62 -3.60
C PHE A 768 -41.91 0.65 -5.12
N PRO A 769 -41.85 1.85 -5.71
CA PRO A 769 -42.00 2.00 -7.15
C PRO A 769 -40.89 1.29 -7.93
N GLY A 770 -41.27 0.41 -8.83
CA GLY A 770 -40.32 -0.18 -9.77
C GLY A 770 -39.96 -1.63 -9.53
N LEU A 771 -39.92 -2.06 -8.28
CA LEU A 771 -39.45 -3.40 -7.97
C LEU A 771 -40.34 -4.16 -7.00
N LYS A 772 -40.54 -5.45 -7.29
CA LYS A 772 -41.28 -6.34 -6.41
C LYS A 772 -40.35 -7.10 -5.47
N SER A 773 -39.07 -7.13 -5.82
CA SER A 773 -38.08 -7.81 -5.00
C SER A 773 -36.75 -7.04 -4.97
N LEU A 774 -35.91 -7.38 -3.99
CA LEU A 774 -34.63 -6.72 -3.83
C LEU A 774 -33.47 -7.69 -4.02
N LEU A 775 -32.59 -7.37 -4.95
CA LEU A 775 -31.41 -8.21 -5.20
C LEU A 775 -30.16 -7.56 -4.61
N VAL A 776 -29.78 -8.02 -3.41
CA VAL A 776 -28.62 -7.49 -2.72
C VAL A 776 -27.34 -7.76 -3.51
N GLY A 777 -26.60 -6.68 -3.81
CA GLY A 777 -25.39 -6.77 -4.59
C GLY A 777 -25.61 -6.21 -5.97
N SER A 778 -26.88 -6.20 -6.39
CA SER A 778 -27.25 -5.68 -7.70
C SER A 778 -28.09 -4.42 -7.57
N ASN A 779 -28.69 -4.24 -6.40
CA ASN A 779 -29.42 -3.02 -6.08
C ASN A 779 -28.71 -2.25 -4.97
N LEU A 780 -28.07 -1.15 -5.35
CA LEU A 780 -27.29 -0.36 -4.42
C LEU A 780 -28.12 0.71 -3.72
N GLU A 781 -29.37 0.86 -4.17
CA GLU A 781 -30.26 1.83 -3.55
C GLU A 781 -31.72 1.36 -3.59
N LEU A 782 -32.52 1.89 -2.67
CA LEU A 782 -33.94 1.53 -2.59
C LEU A 782 -34.81 2.76 -2.38
N ASN A 783 -35.67 3.05 -3.36
CA ASN A 783 -36.55 4.21 -3.28
C ASN A 783 -37.95 3.87 -2.80
N ALA A 784 -38.42 4.63 -1.82
CA ALA A 784 -39.77 4.48 -1.30
C ALA A 784 -40.58 5.74 -1.54
N GLU A 785 -41.76 5.58 -2.13
CA GLU A 785 -42.69 6.69 -2.29
C GLU A 785 -43.55 6.80 -1.05
N VAL A 786 -43.23 7.78 -0.20
CA VAL A 786 -43.88 7.89 1.11
C VAL A 786 -44.94 8.99 1.12
N MET A 787 -46.16 8.63 1.49
CA MET A 787 -47.25 9.60 1.56
C MET A 787 -47.81 9.75 2.98
N VAL A 788 -47.93 10.98 3.43
CA VAL A 788 -48.48 11.28 4.75
C VAL A 788 -49.69 12.19 4.61
N TRP A 789 -50.72 11.97 5.43
CA TRP A 789 -51.93 12.77 5.35
C TRP A 789 -52.49 13.17 6.71
N ASN A 790 -53.13 14.34 6.77
CA ASN A 790 -53.77 14.83 7.99
C ASN A 790 -55.21 15.26 7.74
N ASP A 791 -56.15 14.42 8.16
CA ASP A 791 -57.58 14.71 8.04
C ASP A 791 -58.18 15.14 9.37
N GLY A 792 -57.84 16.36 9.79
CA GLY A 792 -58.38 16.93 11.01
C GLY A 792 -57.81 18.31 11.23
N GLU A 793 -57.55 18.65 12.48
CA GLU A 793 -56.96 19.94 12.81
C GLU A 793 -55.45 19.97 12.56
N ASP A 794 -54.90 21.17 12.43
CA ASP A 794 -53.51 21.36 12.01
C ASP A 794 -52.51 20.69 12.93
N SER A 795 -51.46 20.11 12.34
CA SER A 795 -50.38 19.51 13.12
C SER A 795 -49.08 20.26 12.88
N TYR A 796 -48.41 20.63 13.97
CA TYR A 796 -47.16 21.37 13.88
C TYR A 796 -45.97 20.46 14.15
N GLY A 797 -44.86 20.72 13.46
CA GLY A 797 -43.65 19.94 13.61
C GLY A 797 -43.87 18.47 13.30
N THR A 798 -44.49 18.19 12.15
CA THR A 798 -44.80 16.83 11.76
C THR A 798 -43.52 16.06 11.42
N THR A 799 -43.36 14.90 12.05
CA THR A 799 -42.16 14.08 11.87
C THR A 799 -42.50 12.69 11.35
N ILE A 800 -41.64 12.16 10.48
CA ILE A 800 -41.82 10.82 9.94
C ILE A 800 -40.61 9.95 10.27
N THR A 801 -40.86 8.80 10.89
CA THR A 801 -39.77 7.96 11.39
C THR A 801 -39.72 6.59 10.73
N PHE A 802 -38.58 6.28 10.10
CA PHE A 802 -38.37 5.00 9.44
C PHE A 802 -37.58 4.04 10.33
N SER A 803 -37.93 2.76 10.29
CA SER A 803 -37.18 1.73 11.00
C SER A 803 -36.80 0.59 10.05
N HIS A 804 -35.56 0.16 10.14
CA HIS A 804 -35.01 -0.81 9.18
C HIS A 804 -33.77 -1.47 9.75
N PRO A 805 -33.38 -2.63 9.19
CA PRO A 805 -32.15 -3.30 9.63
C PRO A 805 -30.88 -2.53 9.27
N ALA A 806 -29.73 -3.07 9.65
CA ALA A 806 -28.46 -2.33 9.55
C ALA A 806 -28.03 -2.07 8.11
N GLY A 807 -28.36 -3.00 7.21
CA GLY A 807 -27.92 -2.91 5.82
C GLY A 807 -28.42 -1.68 5.10
N LEU A 808 -29.55 -1.14 5.53
CA LEU A 808 -30.14 0.03 4.90
C LEU A 808 -29.75 1.31 5.65
N SER A 809 -29.64 2.40 4.90
CA SER A 809 -29.29 3.69 5.47
C SER A 809 -29.83 4.81 4.60
N TYR A 810 -30.43 5.81 5.24
CA TYR A 810 -31.05 6.90 4.50
C TYR A 810 -30.01 7.77 3.81
N ARG A 811 -30.32 8.19 2.60
CA ARG A 811 -29.43 9.05 1.82
C ARG A 811 -30.17 10.27 1.32
N TYR A 812 -29.73 11.45 1.75
CA TYR A 812 -30.30 12.70 1.26
C TYR A 812 -29.88 12.95 -0.18
N VAL A 813 -30.84 12.87 -1.09
CA VAL A 813 -30.60 13.19 -2.50
C VAL A 813 -31.11 14.59 -2.80
N ALA A 814 -30.35 15.35 -3.58
CA ALA A 814 -30.68 16.76 -3.81
C ALA A 814 -30.75 17.14 -5.28
N GLU A 815 -31.98 17.32 -5.76
CA GLU A 815 -32.21 17.92 -7.06
C GLU A 815 -33.50 18.73 -6.96
N GLY A 816 -33.37 20.04 -6.87
CA GLY A 816 -34.52 20.88 -6.61
C GLY A 816 -34.51 22.23 -7.31
N GLN A 817 -35.63 22.93 -7.19
CA GLN A 817 -35.81 24.27 -7.74
C GLN A 817 -35.60 24.32 -9.25
N LYS A 818 -35.94 23.23 -9.94
CA LYS A 818 -35.96 23.23 -11.40
C LYS A 818 -37.12 24.10 -11.86
N GLN A 819 -37.15 24.42 -13.16
CA GLN A 819 -38.28 25.16 -13.70
C GLN A 819 -39.56 24.37 -13.51
N GLY A 820 -40.49 24.94 -12.75
CA GLY A 820 -41.67 24.24 -12.31
C GLY A 820 -41.63 24.11 -10.81
N GLN A 821 -42.07 22.97 -10.28
CA GLN A 821 -42.12 22.78 -8.84
C GLN A 821 -41.31 21.60 -8.34
N LEU A 822 -40.05 21.86 -8.02
CA LEU A 822 -39.27 20.98 -7.16
C LEU A 822 -39.11 21.71 -5.84
N ARG A 823 -39.74 22.88 -5.76
CA ARG A 823 -39.66 23.77 -4.61
C ARG A 823 -40.48 23.27 -3.42
N SER A 824 -41.37 22.32 -3.68
CA SER A 824 -42.43 21.93 -2.75
C SER A 824 -41.98 21.64 -1.31
N LEU A 825 -41.22 20.56 -1.10
CA LEU A 825 -40.96 20.08 0.25
C LEU A 825 -39.49 20.16 0.68
N HIS A 826 -39.28 20.43 1.97
CA HIS A 826 -37.96 20.43 2.58
C HIS A 826 -37.93 19.43 3.75
N LEU A 827 -36.81 18.73 3.91
CA LEU A 827 -36.67 17.77 5.01
C LEU A 827 -35.31 17.83 5.70
N THR A 828 -35.31 17.44 6.98
CA THR A 828 -34.07 17.31 7.75
C THR A 828 -34.08 15.99 8.50
N CYS A 829 -33.03 15.18 8.31
CA CYS A 829 -33.01 13.84 8.89
C CYS A 829 -31.68 13.50 9.56
N ASP A 830 -31.68 12.40 10.31
CA ASP A 830 -30.48 11.86 10.94
C ASP A 830 -30.70 10.39 11.29
N SER A 831 -29.61 9.61 11.28
CA SER A 831 -29.70 8.17 11.49
C SER A 831 -29.07 7.73 12.81
N ALA A 832 -29.79 6.89 13.55
CA ALA A 832 -29.33 6.44 14.87
C ALA A 832 -29.80 5.01 15.17
N PRO A 833 -28.98 4.25 15.90
CA PRO A 833 -29.27 2.86 16.30
C PRO A 833 -30.44 2.74 17.29
N VAL A 834 -31.24 1.69 17.15
CA VAL A 834 -32.40 1.48 18.01
C VAL A 834 -32.59 -0.02 18.31
N GLY A 835 -33.02 -0.33 19.53
CA GLY A 835 -33.32 -1.69 19.91
C GLY A 835 -32.24 -2.29 20.79
N SER A 836 -32.33 -3.58 21.04
CA SER A 836 -31.26 -4.31 21.72
C SER A 836 -29.98 -4.12 20.92
N GLN A 837 -30.02 -4.56 19.66
CA GLN A 837 -28.99 -4.30 18.67
C GLN A 837 -29.42 -4.90 17.33
N GLY A 838 -29.11 -4.21 16.24
CA GLY A 838 -29.39 -4.73 14.91
C GLY A 838 -30.31 -3.89 14.06
N THR A 839 -31.16 -3.08 14.69
CA THR A 839 -32.10 -2.25 13.95
C THR A 839 -31.72 -0.78 14.00
N TRP A 840 -32.22 -0.01 13.04
CA TRP A 840 -31.89 1.41 12.94
C TRP A 840 -33.12 2.26 12.70
N SER A 841 -33.07 3.52 13.13
CA SER A 841 -34.18 4.44 12.93
C SER A 841 -33.73 5.78 12.38
N THR A 842 -34.29 6.14 11.23
CA THR A 842 -34.07 7.46 10.65
C THR A 842 -35.36 8.28 10.75
N SER A 843 -35.30 9.39 11.48
CA SER A 843 -36.47 10.23 11.67
C SER A 843 -36.36 11.53 10.88
N CYS A 844 -37.28 11.72 9.95
CA CYS A 844 -37.33 12.93 9.12
C CYS A 844 -38.37 13.90 9.67
N ARG A 845 -37.95 15.14 9.91
CA ARG A 845 -38.82 16.13 10.55
C ARG A 845 -39.18 17.24 9.57
N ILE A 846 -40.48 17.46 9.39
CA ILE A 846 -40.94 18.52 8.50
C ILE A 846 -41.18 19.81 9.26
N ASN A 847 -40.25 20.75 9.12
CA ASN A 847 -40.48 22.09 9.66
C ASN A 847 -40.75 23.07 8.53
N HIS A 848 -40.84 24.35 8.86
CA HIS A 848 -41.32 25.41 7.96
C HIS A 848 -42.81 25.25 7.63
N LEU A 849 -43.39 24.12 7.97
CA LEU A 849 -44.69 23.76 7.43
C LEU A 849 -45.76 23.51 8.49
N ILE A 850 -46.89 24.21 8.33
CA ILE A 850 -48.09 23.89 9.08
C ILE A 850 -48.91 22.89 8.29
N PHE A 851 -48.98 21.66 8.80
CA PHE A 851 -49.69 20.58 8.13
C PHE A 851 -51.19 20.70 8.37
N ARG A 852 -51.93 21.26 7.41
CA ARG A 852 -53.34 21.56 7.64
C ARG A 852 -54.31 20.46 7.20
N GLY A 853 -55.57 20.68 7.55
CA GLY A 853 -56.65 19.72 7.39
C GLY A 853 -56.96 19.24 5.99
N GLY A 854 -56.98 17.92 5.84
CA GLY A 854 -57.27 17.30 4.56
C GLY A 854 -56.05 17.18 3.68
N ALA A 855 -55.19 18.19 3.74
CA ALA A 855 -54.00 18.21 2.89
C ALA A 855 -53.09 17.03 3.18
N GLN A 856 -52.47 16.51 2.13
CA GLN A 856 -51.57 15.38 2.24
C GLN A 856 -50.29 15.63 1.45
N ILE A 857 -49.18 15.06 1.92
CA ILE A 857 -47.88 15.28 1.30
C ILE A 857 -47.21 13.95 0.97
N THR A 858 -46.59 13.88 -0.20
CA THR A 858 -45.84 12.70 -0.61
C THR A 858 -44.45 13.07 -1.09
N PHE A 859 -43.47 12.21 -0.85
CA PHE A 859 -42.10 12.47 -1.24
C PHE A 859 -41.33 11.17 -1.45
N LEU A 860 -40.12 11.28 -1.98
CA LEU A 860 -39.33 10.10 -2.32
C LEU A 860 -38.18 9.90 -1.33
N ALA A 861 -38.30 8.86 -0.50
CA ALA A 861 -37.26 8.53 0.46
C ALA A 861 -36.31 7.48 -0.12
N THR A 862 -35.03 7.83 -0.19
CA THR A 862 -34.03 6.96 -0.79
C THR A 862 -33.13 6.32 0.25
N PHE A 863 -33.05 5.00 0.22
CA PHE A 863 -32.17 4.26 1.13
C PHE A 863 -31.06 3.55 0.36
N ASP A 864 -29.86 3.56 0.91
CA ASP A 864 -28.75 2.83 0.31
C ASP A 864 -28.71 1.39 0.83
N VAL A 865 -28.62 0.44 -0.09
CA VAL A 865 -28.49 -0.96 0.28
C VAL A 865 -27.05 -1.40 0.14
N SER A 866 -26.46 -1.86 1.25
CA SER A 866 -25.10 -2.38 1.24
C SER A 866 -25.05 -3.69 0.48
N PRO A 867 -24.05 -3.84 -0.40
CA PRO A 867 -23.86 -5.10 -1.13
C PRO A 867 -23.52 -6.27 -0.21
N LYS A 868 -23.19 -5.96 1.04
CA LYS A 868 -22.90 -6.98 2.04
C LYS A 868 -24.01 -7.07 3.09
N ALA A 869 -25.21 -6.63 2.71
CA ALA A 869 -26.35 -6.60 3.63
C ALA A 869 -26.68 -8.00 4.15
N VAL A 870 -27.11 -8.06 5.41
CA VAL A 870 -27.40 -9.33 6.05
C VAL A 870 -28.91 -9.52 6.24
N LEU A 871 -29.69 -8.94 5.33
CA LEU A 871 -31.14 -8.84 5.47
C LEU A 871 -31.87 -10.16 5.68
N GLY A 872 -31.39 -11.23 5.05
CA GLY A 872 -32.11 -12.48 5.05
C GLY A 872 -32.92 -12.59 3.77
N ASP A 873 -34.00 -13.36 3.80
CA ASP A 873 -34.82 -13.53 2.60
C ASP A 873 -35.96 -12.52 2.55
N ARG A 874 -36.20 -11.83 3.67
CA ARG A 874 -37.25 -10.83 3.72
C ARG A 874 -36.75 -9.55 4.39
N LEU A 875 -37.13 -8.41 3.82
CA LEU A 875 -36.74 -7.10 4.35
C LEU A 875 -37.96 -6.32 4.82
N LEU A 876 -37.96 -5.93 6.10
CA LEU A 876 -39.09 -5.21 6.67
C LEU A 876 -38.78 -3.74 6.94
N LEU A 877 -39.58 -2.86 6.34
CA LEU A 877 -39.43 -1.42 6.55
C LEU A 877 -40.70 -0.86 7.18
N THR A 878 -40.53 -0.21 8.32
CA THR A 878 -41.66 0.37 9.04
C THR A 878 -41.54 1.89 9.12
N ALA A 879 -42.69 2.57 9.05
CA ALA A 879 -42.75 4.02 9.10
C ALA A 879 -43.77 4.52 10.13
N ASN A 880 -43.26 5.21 11.16
CA ASN A 880 -44.10 5.81 12.19
C ASN A 880 -44.29 7.31 11.95
N VAL A 881 -45.52 7.80 12.16
CA VAL A 881 -45.83 9.22 11.95
C VAL A 881 -46.25 9.87 13.27
N SER A 882 -45.77 11.08 13.53
CA SER A 882 -46.07 11.76 14.79
C SER A 882 -45.89 13.27 14.65
N SER A 883 -46.38 14.01 15.63
CA SER A 883 -46.28 15.47 15.59
C SER A 883 -45.74 15.99 16.91
N GLU A 884 -45.57 17.31 17.01
CA GLU A 884 -45.07 17.93 18.24
C GLU A 884 -45.95 17.59 19.43
N SER A 885 -47.25 17.73 19.26
CA SER A 885 -48.19 17.35 20.30
C SER A 885 -48.22 15.84 20.43
N ASN A 886 -47.82 15.35 21.59
CA ASN A 886 -47.82 13.91 21.84
C ASN A 886 -49.23 13.39 22.09
N THR A 887 -49.89 12.98 21.02
CA THR A 887 -51.19 12.33 21.13
C THR A 887 -51.04 11.00 21.88
N PRO A 888 -52.16 10.45 22.36
CA PRO A 888 -52.13 9.17 23.07
C PRO A 888 -51.57 8.05 22.20
N ARG A 889 -51.60 8.24 20.89
CA ARG A 889 -51.01 7.30 19.94
C ARG A 889 -51.65 5.92 20.07
N THR A 890 -50.91 4.89 19.66
CA THR A 890 -51.42 3.52 19.63
C THR A 890 -52.70 3.42 18.80
N SER A 891 -52.93 4.42 17.95
CA SER A 891 -54.09 4.44 17.07
C SER A 891 -53.67 3.89 15.71
N LYS A 892 -52.65 3.05 15.72
CA LYS A 892 -52.04 2.51 14.51
C LYS A 892 -51.64 3.65 13.58
N THR A 893 -52.01 3.54 12.31
CA THR A 893 -51.50 4.42 11.26
C THR A 893 -49.98 4.42 11.27
N THR A 894 -49.41 3.31 11.74
CA THR A 894 -47.99 3.05 11.68
C THR A 894 -47.76 1.96 10.63
N PHE A 895 -47.24 2.37 9.48
CA PHE A 895 -47.20 1.51 8.32
C PHE A 895 -45.91 0.70 8.23
N GLN A 896 -46.04 -0.56 7.80
CA GLN A 896 -44.88 -1.40 7.55
C GLN A 896 -45.09 -2.28 6.33
N LEU A 897 -44.00 -2.58 5.63
CA LEU A 897 -44.06 -3.35 4.40
C LEU A 897 -42.84 -4.25 4.29
N GLU A 898 -43.07 -5.53 4.02
CA GLU A 898 -41.96 -6.48 3.87
C GLU A 898 -41.65 -6.70 2.39
N LEU A 899 -40.38 -6.96 2.08
CA LEU A 899 -39.93 -7.08 0.70
C LEU A 899 -39.09 -8.33 0.50
N PRO A 900 -39.38 -9.09 -0.58
CA PRO A 900 -38.61 -10.28 -0.97
C PRO A 900 -37.16 -9.97 -1.29
N VAL A 901 -36.23 -10.76 -0.74
CA VAL A 901 -34.81 -10.50 -0.91
C VAL A 901 -34.04 -11.71 -1.42
N LYS A 902 -33.29 -11.51 -2.50
CA LYS A 902 -32.36 -12.51 -2.99
C LYS A 902 -30.96 -11.91 -3.04
N TYR A 903 -29.95 -12.76 -3.23
CA TYR A 903 -28.57 -12.30 -3.18
C TYR A 903 -27.82 -12.51 -4.50
N ALA A 904 -27.25 -11.42 -5.01
CA ALA A 904 -26.60 -11.43 -6.31
C ALA A 904 -25.29 -12.21 -6.28
N VAL A 905 -25.14 -13.11 -7.25
CA VAL A 905 -23.93 -13.88 -7.39
C VAL A 905 -23.59 -14.01 -8.88
N TYR A 906 -22.31 -14.16 -9.19
CA TYR A 906 -21.86 -14.26 -10.58
C TYR A 906 -21.06 -15.54 -10.80
N THR A 907 -21.68 -16.53 -11.42
CA THR A 907 -21.03 -17.79 -11.73
C THR A 907 -21.01 -18.04 -13.23
N VAL A 908 -19.91 -18.59 -13.73
CA VAL A 908 -19.81 -18.89 -15.15
C VAL A 908 -19.16 -20.25 -15.41
N VAL A 909 -19.73 -21.00 -16.34
CA VAL A 909 -19.12 -22.21 -16.83
C VAL A 909 -18.69 -21.98 -18.27
N SER A 910 -17.55 -22.54 -18.64
CA SER A 910 -17.04 -22.34 -19.99
C SER A 910 -16.28 -23.56 -20.50
N SER A 911 -16.22 -23.71 -21.82
CA SER A 911 -15.47 -24.80 -22.42
C SER A 911 -13.99 -24.45 -22.45
N HIS A 912 -13.18 -25.32 -21.84
CA HIS A 912 -11.73 -25.11 -21.78
C HIS A 912 -11.13 -25.16 -23.18
N GLU A 913 -9.93 -24.58 -23.33
CA GLU A 913 -9.27 -24.53 -24.63
C GLU A 913 -8.79 -25.91 -25.07
N GLN A 914 -8.47 -26.75 -24.09
CA GLN A 914 -7.86 -28.05 -24.36
C GLN A 914 -8.86 -29.20 -24.32
N PHE A 915 -9.37 -29.59 -25.48
CA PHE A 915 -10.21 -30.78 -25.58
C PHE A 915 -10.04 -31.44 -26.94
N THR A 916 -10.73 -32.55 -27.15
CA THR A 916 -10.68 -33.27 -28.42
C THR A 916 -11.52 -32.54 -29.46
N LYS A 917 -10.86 -31.80 -30.34
CA LYS A 917 -11.53 -31.03 -31.38
C LYS A 917 -12.21 -31.94 -32.40
N TYR A 918 -11.50 -32.97 -32.84
CA TYR A 918 -11.99 -33.86 -33.88
C TYR A 918 -11.37 -35.25 -33.80
N LEU A 919 -12.02 -36.21 -34.44
CA LEU A 919 -11.46 -37.55 -34.61
C LEU A 919 -11.60 -37.99 -36.06
N CYS A 920 -10.47 -38.29 -36.70
CA CYS A 920 -10.48 -38.81 -38.07
C CYS A 920 -10.40 -40.33 -38.05
N PHE A 921 -11.27 -40.98 -38.83
CA PHE A 921 -11.28 -42.43 -38.90
C PHE A 921 -11.62 -42.88 -40.31
N SER A 922 -10.98 -43.97 -40.75
CA SER A 922 -11.17 -44.46 -42.11
C SER A 922 -12.43 -45.32 -42.20
N GLU A 923 -12.82 -45.63 -43.44
CA GLU A 923 -14.03 -46.42 -43.69
C GLU A 923 -13.93 -47.82 -43.11
N SER A 924 -12.71 -48.29 -42.89
CA SER A 924 -12.48 -49.64 -42.40
C SER A 924 -12.24 -49.69 -40.89
N GLU A 925 -12.56 -48.61 -40.20
CA GLU A 925 -12.34 -48.55 -38.75
C GLU A 925 -13.66 -48.55 -37.96
N GLU A 926 -14.70 -49.14 -38.55
CA GLU A 926 -16.02 -49.20 -37.91
C GLU A 926 -15.96 -49.90 -36.56
N LYS A 927 -15.05 -50.86 -36.43
CA LYS A 927 -14.89 -51.66 -35.22
C LYS A 927 -14.18 -50.87 -34.12
N GLU A 928 -13.47 -49.82 -34.51
CA GLU A 928 -12.55 -49.12 -33.61
C GLU A 928 -13.17 -47.98 -32.82
N SER A 929 -12.41 -47.47 -31.87
CA SER A 929 -12.78 -46.30 -31.09
C SER A 929 -11.52 -45.57 -30.64
N HIS A 930 -11.67 -44.32 -30.19
CA HIS A 930 -10.54 -43.53 -29.74
C HIS A 930 -10.90 -42.66 -28.54
N VAL A 931 -9.93 -42.41 -27.68
CA VAL A 931 -10.15 -41.60 -26.48
C VAL A 931 -10.46 -40.15 -26.83
N ALA A 932 -11.50 -39.61 -26.22
CA ALA A 932 -11.88 -38.21 -26.43
C ALA A 932 -12.16 -37.54 -25.09
N MET A 933 -11.74 -36.28 -24.96
CA MET A 933 -11.91 -35.55 -23.71
C MET A 933 -12.65 -34.24 -23.92
N HIS A 934 -13.55 -33.92 -23.00
CA HIS A 934 -14.19 -32.60 -22.95
C HIS A 934 -13.91 -31.96 -21.61
N ARG A 935 -13.37 -30.74 -21.62
CA ARG A 935 -13.03 -30.04 -20.39
C ARG A 935 -13.83 -28.78 -20.19
N TYR A 936 -14.31 -28.58 -18.97
CA TYR A 936 -15.02 -27.36 -18.59
C TYR A 936 -14.36 -26.75 -17.37
N GLN A 937 -14.43 -25.43 -17.26
CA GLN A 937 -14.02 -24.78 -16.02
C GLN A 937 -15.11 -23.85 -15.52
N VAL A 938 -15.31 -23.87 -14.21
CA VAL A 938 -16.31 -23.05 -13.56
C VAL A 938 -15.66 -21.98 -12.69
N ASN A 939 -16.10 -20.74 -12.83
CA ASN A 939 -15.53 -19.63 -12.08
C ASN A 939 -16.57 -18.83 -11.30
N ASN A 940 -16.19 -18.41 -10.09
CA ASN A 940 -17.02 -17.50 -9.31
C ASN A 940 -16.46 -16.09 -9.43
N LEU A 941 -17.14 -15.25 -10.20
CA LEU A 941 -16.67 -13.90 -10.45
C LEU A 941 -17.45 -12.87 -9.64
N GLY A 942 -18.33 -13.35 -8.77
CA GLY A 942 -19.15 -12.48 -7.95
C GLY A 942 -18.44 -12.11 -6.65
N GLN A 943 -19.21 -11.52 -5.72
CA GLN A 943 -18.67 -11.07 -4.45
C GLN A 943 -19.17 -11.94 -3.30
N ARG A 944 -19.72 -13.11 -3.63
CA ARG A 944 -20.38 -13.93 -2.63
C ARG A 944 -20.07 -15.42 -2.81
N ASP A 945 -19.80 -16.09 -1.70
CA ASP A 945 -19.65 -17.55 -1.71
C ASP A 945 -21.01 -18.21 -1.70
N LEU A 946 -21.14 -19.34 -2.40
CA LEU A 946 -22.41 -20.06 -2.44
C LEU A 946 -22.22 -21.53 -2.80
N PRO A 947 -23.14 -22.38 -2.36
CA PRO A 947 -23.18 -23.78 -2.79
C PRO A 947 -23.70 -23.90 -4.22
N VAL A 948 -23.04 -24.67 -5.06
CA VAL A 948 -23.48 -24.88 -6.44
C VAL A 948 -23.52 -26.35 -6.81
N SER A 949 -24.24 -26.65 -7.88
CA SER A 949 -24.27 -27.99 -8.45
C SER A 949 -24.01 -27.89 -9.94
N ILE A 950 -22.99 -28.62 -10.41
CA ILE A 950 -22.67 -28.61 -11.84
C ILE A 950 -23.17 -29.89 -12.50
N ASN A 951 -24.01 -29.74 -13.51
CA ASN A 951 -24.55 -30.89 -14.24
C ASN A 951 -23.89 -31.08 -15.61
N PHE A 952 -23.59 -32.33 -15.95
CA PHE A 952 -23.01 -32.63 -17.26
C PHE A 952 -23.92 -33.56 -18.06
N TRP A 953 -24.08 -33.27 -19.34
CA TRP A 953 -24.94 -34.05 -20.22
C TRP A 953 -24.12 -34.65 -21.36
N VAL A 954 -23.90 -35.96 -21.30
CA VAL A 954 -23.06 -36.64 -22.27
C VAL A 954 -23.82 -37.72 -23.02
N PRO A 955 -23.87 -37.59 -24.37
CA PRO A 955 -24.47 -38.62 -25.22
C PRO A 955 -23.60 -39.86 -25.26
N VAL A 956 -24.19 -41.01 -24.93
CA VAL A 956 -23.43 -42.26 -24.84
C VAL A 956 -23.96 -43.34 -25.78
N GLU A 957 -25.22 -43.20 -26.21
CA GLU A 957 -25.81 -44.19 -27.11
C GLU A 957 -26.66 -43.59 -28.22
N LEU A 958 -26.69 -44.26 -29.37
CA LEU A 958 -27.64 -43.94 -30.43
C LEU A 958 -28.31 -45.22 -30.90
N ASN A 959 -29.59 -45.37 -30.56
CA ASN A 959 -30.37 -46.55 -30.89
C ASN A 959 -29.70 -47.80 -30.36
N GLN A 960 -29.32 -47.75 -29.08
CA GLN A 960 -28.71 -48.86 -28.36
C GLN A 960 -27.36 -49.29 -28.94
N GLU A 961 -26.73 -48.41 -29.69
CA GLU A 961 -25.36 -48.63 -30.15
C GLU A 961 -24.43 -47.63 -29.47
N ALA A 962 -23.32 -48.11 -28.92
CA ALA A 962 -22.42 -47.28 -28.14
C ALA A 962 -21.81 -46.15 -28.95
N VAL A 963 -21.89 -44.94 -28.41
CA VAL A 963 -21.27 -43.78 -29.02
C VAL A 963 -20.03 -43.38 -28.22
N TRP A 964 -20.23 -43.09 -26.94
CA TRP A 964 -19.14 -42.70 -26.06
C TRP A 964 -19.03 -43.69 -24.91
N MET A 965 -18.01 -44.53 -24.98
CA MET A 965 -17.86 -45.65 -24.06
C MET A 965 -17.09 -45.31 -22.80
N ASP A 966 -17.61 -45.76 -21.66
CA ASP A 966 -16.95 -45.63 -20.36
C ASP A 966 -16.60 -44.18 -20.01
N VAL A 967 -17.57 -43.30 -20.14
CA VAL A 967 -17.35 -41.89 -19.84
C VAL A 967 -17.20 -41.66 -18.34
N GLU A 968 -16.05 -41.17 -17.93
CA GLU A 968 -15.79 -40.87 -16.53
C GLU A 968 -15.41 -39.41 -16.35
N VAL A 969 -16.10 -38.75 -15.43
CA VAL A 969 -15.83 -37.35 -15.13
C VAL A 969 -14.75 -37.24 -14.05
N SER A 970 -13.70 -36.50 -14.35
CA SER A 970 -12.58 -36.37 -13.44
C SER A 970 -12.31 -34.91 -13.07
N HIS A 971 -11.86 -34.71 -11.86
CA HIS A 971 -11.45 -33.38 -11.40
C HIS A 971 -10.19 -33.53 -10.56
N PRO A 972 -9.04 -33.76 -11.21
CA PRO A 972 -7.76 -34.02 -10.54
C PRO A 972 -7.37 -32.89 -9.61
N GLN A 973 -7.47 -31.66 -10.08
CA GLN A 973 -7.33 -30.51 -9.21
C GLN A 973 -8.58 -30.42 -8.34
N ASN A 974 -8.45 -29.81 -7.16
CA ASN A 974 -9.50 -29.75 -6.13
C ASN A 974 -10.43 -30.98 -6.02
N PRO A 975 -9.88 -32.15 -5.67
CA PRO A 975 -10.69 -33.37 -5.62
C PRO A 975 -11.11 -33.80 -4.21
N SER A 976 -12.35 -33.50 -3.86
CA SER A 976 -12.96 -33.98 -2.62
C SER A 976 -14.45 -34.04 -2.87
N LEU A 977 -14.79 -34.23 -4.14
CA LEU A 977 -16.15 -34.04 -4.57
C LEU A 977 -16.87 -35.32 -4.92
N ARG A 978 -18.05 -35.15 -5.49
CA ARG A 978 -18.94 -36.24 -5.82
C ARG A 978 -19.35 -36.14 -7.28
N CYS A 979 -19.77 -37.26 -7.85
CA CYS A 979 -20.35 -37.27 -9.19
C CYS A 979 -21.27 -38.49 -9.36
N SER A 980 -22.57 -38.21 -9.44
CA SER A 980 -23.57 -39.26 -9.63
C SER A 980 -24.02 -39.39 -11.07
N SER A 981 -24.34 -40.60 -11.50
CA SER A 981 -24.76 -40.84 -12.87
C SER A 981 -26.22 -41.27 -12.97
N GLU A 982 -26.89 -40.79 -14.02
CA GLU A 982 -28.27 -41.19 -14.30
C GLU A 982 -28.45 -41.38 -15.81
N LYS A 983 -28.64 -42.63 -16.22
CA LYS A 983 -28.91 -42.93 -17.61
C LYS A 983 -30.23 -42.28 -18.04
N ILE A 984 -30.23 -41.68 -19.23
CA ILE A 984 -31.43 -41.00 -19.72
C ILE A 984 -31.76 -41.41 -21.15
N ALA A 985 -32.95 -41.95 -21.34
CA ALA A 985 -33.42 -42.31 -22.68
C ALA A 985 -33.94 -41.07 -23.38
N PRO A 986 -33.62 -40.91 -24.68
CA PRO A 986 -34.01 -39.71 -25.42
C PRO A 986 -35.46 -39.74 -25.86
N PRO A 987 -36.11 -38.56 -25.90
CA PRO A 987 -37.47 -38.47 -26.46
C PRO A 987 -37.46 -38.88 -27.93
N ALA A 988 -38.25 -39.90 -28.27
CA ALA A 988 -38.17 -40.53 -29.59
C ALA A 988 -38.66 -39.63 -30.73
N SER A 989 -37.87 -39.59 -31.78
CA SER A 989 -38.23 -38.91 -33.02
C SER A 989 -37.43 -39.52 -34.15
N ASP A 990 -37.66 -39.06 -35.38
CA ASP A 990 -36.85 -39.51 -36.50
C ASP A 990 -35.45 -38.93 -36.37
N PHE A 991 -34.51 -39.75 -35.93
CA PHE A 991 -33.14 -39.33 -35.74
C PHE A 991 -32.47 -38.97 -37.06
N LEU A 992 -32.85 -39.67 -38.12
CA LEU A 992 -32.30 -39.38 -39.44
C LEU A 992 -32.76 -37.99 -39.90
N ALA A 993 -33.99 -37.64 -39.56
CA ALA A 993 -34.53 -36.32 -39.90
C ALA A 993 -33.83 -35.25 -39.08
N HIS A 994 -33.56 -35.56 -37.81
CA HIS A 994 -32.87 -34.63 -36.93
CA HIS A 994 -32.86 -34.65 -36.91
C HIS A 994 -31.44 -34.40 -37.39
N ILE A 995 -30.75 -35.47 -37.76
CA ILE A 995 -29.37 -35.39 -38.25
C ILE A 995 -29.29 -34.62 -39.57
N GLN A 996 -30.30 -34.80 -40.41
CA GLN A 996 -30.33 -34.16 -41.72
C GLN A 996 -30.36 -32.64 -41.61
N LYS A 997 -31.06 -32.13 -40.61
CA LYS A 997 -31.12 -30.69 -40.35
C LYS A 997 -29.71 -30.16 -40.08
N ASN A 998 -29.05 -30.77 -39.09
CA ASN A 998 -27.64 -30.49 -38.81
C ASN A 998 -26.97 -31.70 -38.17
N PRO A 999 -25.82 -32.11 -38.72
CA PRO A 999 -25.07 -33.28 -38.26
C PRO A 999 -24.60 -33.15 -36.80
N VAL A 1000 -25.53 -33.26 -35.87
CA VAL A 1000 -25.22 -33.11 -34.45
C VAL A 1000 -25.89 -34.17 -33.59
N LEU A 1001 -25.10 -34.85 -32.77
CA LEU A 1001 -25.63 -35.80 -31.81
C LEU A 1001 -25.69 -35.18 -30.42
N ASP A 1002 -26.88 -34.76 -30.00
CA ASP A 1002 -27.06 -34.20 -28.67
C ASP A 1002 -28.00 -35.07 -27.83
N CYS A 1003 -28.35 -34.58 -26.65
CA CYS A 1003 -29.15 -35.35 -25.70
C CYS A 1003 -30.63 -35.44 -26.11
N SER A 1004 -30.99 -34.77 -27.19
CA SER A 1004 -32.37 -34.80 -27.68
C SER A 1004 -32.67 -36.12 -28.38
N ILE A 1005 -31.73 -36.60 -29.19
CA ILE A 1005 -31.94 -37.81 -29.97
C ILE A 1005 -31.12 -39.00 -29.47
N ALA A 1006 -30.21 -38.74 -28.54
CA ALA A 1006 -29.30 -39.78 -28.07
C ALA A 1006 -29.53 -40.13 -26.61
N GLY A 1007 -29.21 -41.36 -26.24
CA GLY A 1007 -29.22 -41.78 -24.85
C GLY A 1007 -28.11 -41.05 -24.13
N CYS A 1008 -28.47 -40.28 -23.11
CA CYS A 1008 -27.48 -39.44 -22.42
C CYS A 1008 -27.12 -39.97 -21.05
N LEU A 1009 -25.98 -39.52 -20.56
CA LEU A 1009 -25.52 -39.86 -19.22
C LEU A 1009 -25.36 -38.56 -18.43
N ARG A 1010 -26.22 -38.35 -17.44
CA ARG A 1010 -26.23 -37.10 -16.68
C ARG A 1010 -25.39 -37.19 -15.41
N PHE A 1011 -24.36 -36.36 -15.33
CA PHE A 1011 -23.52 -36.29 -14.14
C PHE A 1011 -23.95 -35.13 -13.26
N ARG A 1012 -23.87 -35.32 -11.95
CA ARG A 1012 -24.17 -34.26 -11.00
C ARG A 1012 -23.04 -34.13 -9.98
N CYS A 1013 -22.36 -32.99 -10.00
CA CYS A 1013 -21.28 -32.74 -9.05
C CYS A 1013 -21.63 -31.58 -8.13
N ASP A 1014 -21.87 -31.89 -6.86
CA ASP A 1014 -22.24 -30.88 -5.88
C ASP A 1014 -21.02 -30.23 -5.23
N VAL A 1015 -21.01 -28.90 -5.17
CA VAL A 1015 -19.97 -28.17 -4.47
C VAL A 1015 -20.56 -27.51 -3.23
N PRO A 1016 -20.11 -27.93 -2.04
CA PRO A 1016 -20.62 -27.39 -0.78
C PRO A 1016 -20.37 -25.89 -0.63
N SER A 1017 -19.17 -25.44 -1.00
CA SER A 1017 -18.83 -24.02 -0.93
C SER A 1017 -17.98 -23.58 -2.12
N PHE A 1018 -18.60 -22.86 -3.04
CA PHE A 1018 -17.91 -22.30 -4.19
C PHE A 1018 -17.38 -20.91 -3.84
N SER A 1019 -16.10 -20.81 -3.54
CA SER A 1019 -15.50 -19.57 -3.06
C SER A 1019 -15.37 -18.53 -4.16
N VAL A 1020 -15.27 -17.26 -3.76
CA VAL A 1020 -15.06 -16.17 -4.70
C VAL A 1020 -13.72 -16.33 -5.40
N GLN A 1021 -13.72 -16.15 -6.72
CA GLN A 1021 -12.53 -16.27 -7.56
C GLN A 1021 -11.98 -17.69 -7.62
N GLU A 1022 -12.74 -18.65 -7.09
CA GLU A 1022 -12.34 -20.05 -7.16
C GLU A 1022 -12.63 -20.60 -8.55
N GLU A 1023 -11.71 -21.41 -9.07
CA GLU A 1023 -11.87 -22.01 -10.38
C GLU A 1023 -11.95 -23.53 -10.27
N LEU A 1024 -13.07 -24.09 -10.68
CA LEU A 1024 -13.23 -25.54 -10.72
C LEU A 1024 -12.88 -26.05 -12.11
N ASP A 1025 -12.28 -27.23 -12.18
CA ASP A 1025 -11.89 -27.80 -13.47
C ASP A 1025 -12.38 -29.24 -13.59
N PHE A 1026 -13.24 -29.48 -14.57
CA PHE A 1026 -13.80 -30.81 -14.79
C PHE A 1026 -13.40 -31.39 -16.14
N THR A 1027 -13.32 -32.72 -16.21
CA THR A 1027 -12.95 -33.40 -17.43
C THR A 1027 -13.86 -34.59 -17.71
N LEU A 1028 -14.47 -34.60 -18.88
CA LEU A 1028 -15.27 -35.73 -19.33
C LEU A 1028 -14.46 -36.59 -20.30
N LYS A 1029 -13.98 -37.73 -19.80
CA LYS A 1029 -13.05 -38.56 -20.57
C LYS A 1029 -13.61 -39.96 -20.84
N GLY A 1030 -13.67 -40.35 -22.11
CA GLY A 1030 -14.05 -41.70 -22.46
C GLY A 1030 -13.66 -42.08 -23.87
N ASN A 1031 -14.10 -43.26 -24.29
CA ASN A 1031 -13.82 -43.76 -25.63
C ASN A 1031 -14.95 -43.49 -26.62
N LEU A 1032 -14.60 -42.80 -27.72
CA LEU A 1032 -15.57 -42.43 -28.73
C LEU A 1032 -15.55 -43.41 -29.89
N SER A 1033 -16.67 -44.13 -30.08
CA SER A 1033 -16.77 -45.19 -31.07
C SER A 1033 -17.17 -44.66 -32.45
N PHE A 1034 -16.73 -45.36 -33.49
CA PHE A 1034 -17.00 -44.91 -34.87
C PHE A 1034 -18.13 -45.70 -35.53
N GLY A 1035 -18.48 -46.84 -34.93
CA GLY A 1035 -19.48 -47.71 -35.49
C GLY A 1035 -20.86 -47.08 -35.70
N TRP A 1036 -21.33 -46.36 -34.68
CA TRP A 1036 -22.67 -45.78 -34.70
C TRP A 1036 -22.88 -44.78 -35.83
N VAL A 1037 -21.79 -44.19 -36.31
CA VAL A 1037 -21.85 -43.16 -37.36
C VAL A 1037 -22.41 -43.76 -38.65
N ARG A 1038 -22.43 -45.08 -38.71
CA ARG A 1038 -22.90 -45.80 -39.89
C ARG A 1038 -24.39 -45.59 -40.16
N GLN A 1039 -25.16 -45.40 -39.10
CA GLN A 1039 -26.61 -45.22 -39.21
C GLN A 1039 -26.99 -43.88 -39.82
N ILE A 1040 -26.07 -42.93 -39.79
CA ILE A 1040 -26.38 -41.52 -39.98
C ILE A 1040 -26.38 -41.06 -41.44
N LEU A 1041 -25.55 -41.72 -42.26
CA LEU A 1041 -25.43 -41.42 -43.69
C LEU A 1041 -24.86 -40.02 -43.96
N GLN A 1042 -24.06 -39.55 -43.01
CA GLN A 1042 -23.29 -38.32 -43.21
C GLN A 1042 -21.81 -38.66 -42.99
N LYS A 1043 -20.93 -38.04 -43.77
CA LYS A 1043 -19.51 -38.34 -43.68
C LYS A 1043 -18.89 -37.81 -42.39
N LYS A 1044 -19.43 -36.71 -41.88
CA LYS A 1044 -18.95 -36.16 -40.62
C LYS A 1044 -20.09 -35.71 -39.72
N VAL A 1045 -19.93 -35.95 -38.42
CA VAL A 1045 -20.96 -35.67 -37.43
C VAL A 1045 -20.34 -35.03 -36.19
N SER A 1046 -21.14 -34.26 -35.46
CA SER A 1046 -20.67 -33.59 -34.25
C SER A 1046 -21.31 -34.15 -32.98
N VAL A 1047 -20.46 -34.57 -32.04
CA VAL A 1047 -20.93 -35.05 -30.74
C VAL A 1047 -20.82 -33.93 -29.72
N VAL A 1048 -21.93 -33.62 -29.05
CA VAL A 1048 -21.99 -32.45 -28.17
C VAL A 1048 -22.32 -32.78 -26.72
N SER A 1049 -21.44 -32.40 -25.81
CA SER A 1049 -21.72 -32.48 -24.37
C SER A 1049 -22.13 -31.11 -23.86
N VAL A 1050 -22.89 -31.09 -22.76
CA VAL A 1050 -23.39 -29.83 -22.20
C VAL A 1050 -23.11 -29.75 -20.70
N ALA A 1051 -22.63 -28.60 -20.25
CA ALA A 1051 -22.41 -28.35 -18.83
C ALA A 1051 -23.29 -27.21 -18.36
N GLU A 1052 -23.88 -27.37 -17.18
CA GLU A 1052 -24.79 -26.36 -16.67
C GLU A 1052 -24.68 -26.19 -15.16
N ILE A 1053 -24.61 -24.93 -14.71
CA ILE A 1053 -24.55 -24.62 -13.29
C ILE A 1053 -25.95 -24.39 -12.72
N THR A 1054 -26.18 -24.87 -11.51
CA THR A 1054 -27.44 -24.62 -10.80
C THR A 1054 -27.20 -24.31 -9.32
N PHE A 1055 -28.05 -23.46 -8.77
CA PHE A 1055 -28.04 -23.17 -7.33
C PHE A 1055 -29.44 -22.84 -6.84
N ASP A 1056 -29.55 -22.49 -5.56
CA ASP A 1056 -30.83 -22.17 -4.95
C ASP A 1056 -31.37 -20.84 -5.46
N THR A 1057 -32.29 -20.89 -6.43
CA THR A 1057 -32.87 -19.70 -7.03
C THR A 1057 -33.70 -18.88 -6.05
N SER A 1058 -34.14 -19.51 -4.97
CA SER A 1058 -34.94 -18.82 -3.97
C SER A 1058 -34.06 -17.90 -3.13
N VAL A 1059 -32.79 -18.29 -2.97
CA VAL A 1059 -31.85 -17.53 -2.16
C VAL A 1059 -30.92 -16.68 -3.03
N TYR A 1060 -30.63 -17.17 -4.23
CA TYR A 1060 -29.66 -16.52 -5.10
C TYR A 1060 -30.22 -16.14 -6.47
N SER A 1061 -29.67 -15.09 -7.04
CA SER A 1061 -29.96 -14.71 -8.42
C SER A 1061 -28.66 -14.47 -9.16
N GLN A 1062 -28.51 -15.09 -10.33
CA GLN A 1062 -27.39 -14.82 -11.21
C GLN A 1062 -27.40 -13.35 -11.57
N LEU A 1063 -26.23 -12.74 -11.61
CA LEU A 1063 -26.09 -11.35 -12.01
C LEU A 1063 -26.85 -11.08 -13.30
N PRO A 1064 -27.87 -10.20 -13.24
CA PRO A 1064 -28.80 -9.90 -14.34
C PRO A 1064 -28.11 -9.65 -15.67
N GLY A 1065 -28.52 -10.39 -16.69
CA GLY A 1065 -27.94 -10.26 -18.01
C GLY A 1065 -26.88 -11.32 -18.28
N GLN A 1066 -26.44 -12.00 -17.23
CA GLN A 1066 -25.38 -13.00 -17.35
C GLN A 1066 -25.90 -14.42 -17.17
N GLU A 1067 -27.21 -14.59 -17.27
CA GLU A 1067 -27.83 -15.89 -17.07
C GLU A 1067 -27.39 -16.90 -18.12
N ALA A 1068 -27.03 -16.39 -19.30
CA ALA A 1068 -26.64 -17.24 -20.42
C ALA A 1068 -25.33 -17.96 -20.17
N PHE A 1069 -24.50 -17.40 -19.30
CA PHE A 1069 -23.16 -17.94 -19.07
C PHE A 1069 -23.14 -19.02 -18.00
N MET A 1070 -24.32 -19.49 -17.62
CA MET A 1070 -24.41 -20.59 -16.67
C MET A 1070 -24.53 -21.92 -17.39
N ARG A 1071 -24.40 -21.87 -18.71
CA ARG A 1071 -24.49 -23.06 -19.55
C ARG A 1071 -23.40 -23.02 -20.62
N ALA A 1072 -22.79 -24.17 -20.87
CA ALA A 1072 -21.73 -24.26 -21.87
C ALA A 1072 -21.79 -25.61 -22.58
N GLN A 1073 -21.21 -25.67 -23.77
CA GLN A 1073 -21.18 -26.92 -24.52
C GLN A 1073 -19.85 -27.11 -25.25
N THR A 1074 -19.47 -28.37 -25.46
CA THR A 1074 -18.26 -28.70 -26.18
C THR A 1074 -18.57 -29.72 -27.27
N THR A 1075 -17.87 -29.62 -28.40
CA THR A 1075 -18.16 -30.45 -29.55
C THR A 1075 -16.95 -31.18 -30.11
N THR A 1076 -17.03 -32.51 -30.14
CA THR A 1076 -16.05 -33.32 -30.85
C THR A 1076 -16.61 -33.73 -32.21
N VAL A 1077 -15.83 -33.52 -33.26
CA VAL A 1077 -16.29 -33.82 -34.62
C VAL A 1077 -15.69 -35.11 -35.14
N LEU A 1078 -16.56 -36.09 -35.41
CA LEU A 1078 -16.12 -37.34 -36.03
C LEU A 1078 -16.15 -37.17 -37.54
N GLU A 1079 -15.04 -37.49 -38.19
CA GLU A 1079 -14.93 -37.29 -39.63
C GLU A 1079 -14.35 -38.53 -40.32
N LYS A 1080 -15.03 -39.00 -41.35
CA LYS A 1080 -14.62 -40.22 -42.06
C LYS A 1080 -13.84 -39.90 -43.33
N TYR A 1081 -12.91 -40.77 -43.70
CA TYR A 1081 -12.12 -40.59 -44.91
C TYR A 1081 -11.79 -41.91 -45.59
N LYS A 1082 -11.60 -41.87 -46.90
CA LYS A 1082 -11.16 -43.02 -47.68
C LYS A 1082 -9.75 -42.76 -48.22
N PRO A 1083 -9.00 -43.84 -48.52
CA PRO A 1083 -7.67 -43.66 -49.11
C PRO A 1083 -7.71 -43.47 -50.63
N GLY A 1084 -6.86 -42.57 -51.14
CA GLY A 1084 -6.79 -42.31 -52.56
N GLN B 1 -25.02 34.89 -15.06
CA GLN B 1 -24.80 33.43 -15.16
C GLN B 1 -25.51 32.70 -14.04
N GLU B 2 -24.81 32.52 -12.93
CA GLU B 2 -25.38 31.83 -11.77
C GLU B 2 -24.92 32.48 -10.47
N CYS B 3 -25.88 32.69 -9.57
CA CYS B 3 -25.58 33.36 -8.31
C CYS B 3 -26.28 32.73 -7.11
N THR B 4 -25.49 32.27 -6.15
CA THR B 4 -26.00 31.83 -4.87
C THR B 4 -26.15 33.05 -3.97
N LYS B 5 -27.31 33.19 -3.33
CA LYS B 5 -27.53 34.32 -2.44
C LYS B 5 -27.25 33.93 -1.00
N PHE B 6 -26.11 34.38 -0.49
CA PHE B 6 -25.65 34.00 0.83
C PHE B 6 -25.82 35.16 1.81
N LYS B 7 -25.04 36.22 1.59
CA LYS B 7 -25.15 37.43 2.40
C LYS B 7 -25.53 38.60 1.50
N VAL B 8 -26.70 39.18 1.75
CA VAL B 8 -27.26 40.19 0.85
C VAL B 8 -27.35 41.59 1.46
N SER B 9 -26.92 41.73 2.71
CA SER B 9 -27.01 43.02 3.40
C SER B 9 -26.08 44.07 2.79
N SER B 10 -24.93 43.63 2.29
CA SER B 10 -23.95 44.55 1.73
C SER B 10 -23.67 44.27 0.26
N CYS B 11 -22.82 45.10 -0.34
CA CYS B 11 -22.42 44.90 -1.73
C CYS B 11 -21.28 43.88 -1.78
N ARG B 12 -20.28 44.09 -0.92
CA ARG B 12 -19.17 43.15 -0.81
C ARG B 12 -19.66 41.76 -0.38
N GLU B 13 -20.64 41.74 0.51
CA GLU B 13 -21.23 40.47 0.93
C GLU B 13 -21.92 39.76 -0.24
N CYS B 14 -22.40 40.56 -1.18
CA CYS B 14 -23.04 40.02 -2.38
C CYS B 14 -22.00 39.49 -3.35
N ILE B 15 -20.93 40.24 -3.53
CA ILE B 15 -19.84 39.85 -4.42
C ILE B 15 -19.14 38.59 -3.91
N GLU B 16 -19.02 38.46 -2.59
CA GLU B 16 -18.37 37.28 -2.01
C GLU B 16 -19.22 36.03 -2.14
N SER B 17 -20.53 36.22 -2.28
CA SER B 17 -21.46 35.11 -2.36
C SER B 17 -21.17 34.20 -3.55
N GLY B 18 -20.81 34.81 -4.66
CA GLY B 18 -20.48 34.06 -5.86
C GLY B 18 -19.95 34.95 -6.97
N PRO B 19 -19.27 34.35 -7.96
CA PRO B 19 -18.69 35.08 -9.09
C PRO B 19 -19.75 35.60 -10.05
N GLY B 20 -20.91 34.96 -10.06
CA GLY B 20 -22.00 35.38 -10.92
C GLY B 20 -22.92 36.40 -10.27
N CYS B 21 -22.60 36.77 -9.04
CA CYS B 21 -23.42 37.74 -8.30
C CYS B 21 -23.04 39.17 -8.62
N THR B 22 -24.04 39.99 -8.90
CA THR B 22 -23.84 41.41 -9.16
C THR B 22 -24.72 42.25 -8.24
N TRP B 23 -24.46 43.56 -8.21
CA TRP B 23 -25.15 44.44 -7.26
C TRP B 23 -25.73 45.67 -7.94
N CYS B 24 -26.91 46.10 -7.47
CA CYS B 24 -27.56 47.29 -8.01
C CYS B 24 -27.50 48.44 -7.00
N GLN B 25 -27.02 49.59 -7.44
CA GLN B 25 -26.80 50.72 -6.54
C GLN B 25 -27.83 51.83 -6.72
N LYS B 26 -28.80 51.63 -7.61
CA LYS B 26 -29.85 52.61 -7.85
C LYS B 26 -30.72 52.79 -6.60
N LEU B 27 -30.78 54.02 -6.10
CA LEU B 27 -31.59 54.33 -4.93
C LEU B 27 -33.07 54.15 -5.23
N ASN B 28 -33.81 53.64 -4.25
CA ASN B 28 -35.23 53.30 -4.40
C ASN B 28 -35.49 52.37 -5.59
N PHE B 29 -34.62 51.38 -5.74
CA PHE B 29 -34.85 50.31 -6.70
C PHE B 29 -35.80 49.29 -6.09
N THR B 30 -35.93 49.35 -4.77
CA THR B 30 -36.80 48.45 -4.04
C THR B 30 -38.23 48.97 -4.00
N GLY B 31 -39.18 48.06 -4.21
CA GLY B 31 -40.59 48.40 -4.05
C GLY B 31 -40.88 48.61 -2.58
N PRO B 32 -42.06 49.16 -2.26
CA PRO B 32 -42.44 49.41 -0.87
C PRO B 32 -42.47 48.14 -0.03
N GLY B 33 -42.86 47.03 -0.64
CA GLY B 33 -42.92 45.76 0.05
C GLY B 33 -41.73 44.86 -0.24
N ASP B 34 -41.05 45.14 -1.35
CA ASP B 34 -39.89 44.34 -1.76
C ASP B 34 -38.71 44.50 -0.80
N PRO B 35 -37.99 43.40 -0.56
CA PRO B 35 -36.81 43.39 0.33
C PRO B 35 -35.57 43.97 -0.36
N ASP B 36 -34.44 43.95 0.35
CA ASP B 36 -33.17 44.38 -0.23
C ASP B 36 -32.42 43.19 -0.81
N SER B 37 -33.04 42.02 -0.74
CA SER B 37 -32.42 40.78 -1.21
C SER B 37 -32.44 40.70 -2.73
N ILE B 38 -33.36 41.45 -3.35
CA ILE B 38 -33.48 41.44 -4.81
C ILE B 38 -32.46 42.35 -5.46
N ARG B 39 -31.73 43.14 -4.65
CA ARG B 39 -30.66 43.99 -5.16
C ARG B 39 -29.47 43.15 -5.61
N CYS B 40 -29.36 41.96 -5.05
CA CYS B 40 -28.24 41.06 -5.36
C CYS B 40 -28.70 39.86 -6.17
N ASP B 41 -28.31 39.81 -7.43
CA ASP B 41 -28.68 38.71 -8.32
C ASP B 41 -27.80 38.72 -9.57
N THR B 42 -28.06 37.78 -10.48
CA THR B 42 -27.31 37.71 -11.73
C THR B 42 -27.65 38.89 -12.63
N ARG B 43 -26.82 39.11 -13.65
CA ARG B 43 -27.04 40.17 -14.62
C ARG B 43 -28.32 40.00 -15.47
N PRO B 44 -28.64 38.76 -15.91
CA PRO B 44 -29.88 38.63 -16.68
C PRO B 44 -31.15 38.98 -15.89
N GLN B 45 -31.14 38.79 -14.57
CA GLN B 45 -32.33 39.07 -13.76
C GLN B 45 -32.27 40.43 -13.07
N LEU B 46 -31.23 41.21 -13.35
CA LEU B 46 -31.11 42.54 -12.77
C LEU B 46 -31.54 43.63 -13.74
N LEU B 47 -30.97 43.62 -14.94
CA LEU B 47 -31.35 44.58 -15.96
C LEU B 47 -32.81 44.41 -16.35
N MET B 48 -33.27 43.17 -16.27
CA MET B 48 -34.64 42.82 -16.64
C MET B 48 -35.67 43.45 -15.70
N ARG B 49 -35.26 43.73 -14.47
CA ARG B 49 -36.17 44.32 -13.49
C ARG B 49 -36.10 45.84 -13.48
N GLY B 50 -35.29 46.41 -14.38
CA GLY B 50 -35.24 47.84 -14.55
C GLY B 50 -34.00 48.53 -14.00
N CYS B 51 -33.04 47.74 -13.54
CA CYS B 51 -31.79 48.30 -13.05
C CYS B 51 -30.95 48.79 -14.23
N ALA B 52 -30.31 49.93 -14.05
CA ALA B 52 -29.53 50.53 -15.14
C ALA B 52 -28.25 49.73 -15.39
N ALA B 53 -27.80 49.74 -16.64
CA ALA B 53 -26.62 48.98 -17.03
C ALA B 53 -25.33 49.64 -16.54
N ASP B 54 -25.38 50.95 -16.34
CA ASP B 54 -24.19 51.70 -15.96
C ASP B 54 -23.88 51.58 -14.47
N ASP B 55 -24.93 51.56 -13.64
CA ASP B 55 -24.73 51.55 -12.19
C ASP B 55 -24.72 50.14 -11.58
N ILE B 56 -24.69 49.13 -12.44
CA ILE B 56 -24.52 47.76 -11.95
C ILE B 56 -23.06 47.55 -11.54
N MET B 57 -22.85 47.12 -10.30
CA MET B 57 -21.50 46.89 -9.79
C MET B 57 -21.10 45.43 -9.93
N ASP B 58 -20.15 45.17 -10.84
CA ASP B 58 -19.69 43.82 -11.09
C ASP B 58 -18.18 43.78 -11.29
N PRO B 59 -17.43 43.59 -10.19
CA PRO B 59 -15.97 43.42 -10.26
C PRO B 59 -15.59 42.17 -11.05
N THR B 60 -14.56 42.27 -11.87
CA THR B 60 -14.14 41.13 -12.67
C THR B 60 -12.63 40.90 -12.55
N SER B 61 -12.24 39.63 -12.47
CA SER B 61 -10.84 39.25 -12.32
C SER B 61 -10.00 39.81 -13.47
N LEU B 62 -8.88 40.42 -13.13
CA LEU B 62 -8.04 41.10 -14.13
C LEU B 62 -6.57 40.70 -14.01
N ALA B 63 -5.91 40.58 -15.15
CA ALA B 63 -4.48 40.27 -15.18
C ALA B 63 -3.69 41.40 -15.83
N GLU B 64 -2.82 42.03 -15.05
CA GLU B 64 -1.94 43.08 -15.56
C GLU B 64 -0.57 42.51 -15.91
N THR B 65 -0.08 42.82 -17.11
CA THR B 65 1.19 42.30 -17.57
C THR B 65 2.16 43.41 -17.96
N GLN B 66 3.33 43.41 -17.33
CA GLN B 66 4.40 44.32 -17.71
C GLN B 66 5.62 43.51 -18.17
N GLU B 67 5.86 43.52 -19.47
CA GLU B 67 6.86 42.67 -20.09
C GLU B 67 8.26 43.30 -20.08
N ASP B 68 8.29 44.62 -20.15
CA ASP B 68 9.55 45.36 -20.23
C ASP B 68 10.47 45.06 -19.05
N GLN B 73 15.80 39.66 -19.69
CA GLN B 73 15.71 38.26 -20.08
C GLN B 73 15.15 38.11 -21.48
N LYS B 74 15.04 36.87 -21.95
CA LYS B 74 14.60 36.60 -23.32
C LYS B 74 13.72 35.36 -23.41
N GLN B 75 14.17 34.27 -22.79
CA GLN B 75 13.47 33.00 -22.86
C GLN B 75 12.05 33.05 -22.31
N LEU B 76 11.92 33.51 -21.07
CA LEU B 76 10.65 33.43 -20.37
C LEU B 76 10.01 34.81 -20.19
N SER B 77 8.83 34.98 -20.80
CA SER B 77 8.10 36.24 -20.71
C SER B 77 6.60 35.96 -20.55
N PRO B 78 5.88 36.88 -19.88
CA PRO B 78 6.35 38.13 -19.27
C PRO B 78 7.08 37.88 -17.95
N GLN B 79 7.95 38.81 -17.55
CA GLN B 79 8.77 38.59 -16.36
C GLN B 79 8.08 39.06 -15.09
N LYS B 80 6.93 39.72 -15.23
CA LYS B 80 6.17 40.15 -14.06
C LYS B 80 4.68 40.33 -14.36
N VAL B 81 3.85 39.80 -13.48
CA VAL B 81 2.39 39.88 -13.62
C VAL B 81 1.77 40.27 -12.27
N THR B 82 0.77 41.14 -12.30
CA THR B 82 0.00 41.43 -11.10
C THR B 82 -1.47 41.07 -11.33
N LEU B 83 -1.97 40.15 -10.52
CA LEU B 83 -3.34 39.65 -10.68
C LEU B 83 -4.34 40.33 -9.75
N TYR B 84 -5.50 40.68 -10.28
CA TYR B 84 -6.60 41.18 -9.48
C TYR B 84 -7.68 40.11 -9.40
N LEU B 85 -7.76 39.43 -8.26
CA LEU B 85 -8.58 38.23 -8.12
C LEU B 85 -9.91 38.45 -7.42
N ARG B 86 -10.99 38.02 -8.08
CA ARG B 86 -12.29 37.92 -7.43
C ARG B 86 -12.55 36.45 -7.10
N PRO B 87 -13.03 36.18 -5.87
CA PRO B 87 -13.35 34.82 -5.43
C PRO B 87 -14.29 34.08 -6.37
N GLY B 88 -13.86 32.92 -6.84
CA GLY B 88 -14.68 32.09 -7.71
C GLY B 88 -14.49 32.39 -9.17
N GLN B 89 -13.93 33.56 -9.47
CA GLN B 89 -13.70 33.97 -10.85
C GLN B 89 -12.23 33.88 -11.19
N ALA B 90 -11.92 33.21 -12.31
CA ALA B 90 -10.55 32.93 -12.69
C ALA B 90 -9.94 34.05 -13.51
N ALA B 91 -8.69 34.39 -13.18
CA ALA B 91 -7.91 35.33 -13.98
C ALA B 91 -6.92 34.56 -14.84
N ALA B 92 -6.73 35.00 -16.08
CA ALA B 92 -5.87 34.27 -17.02
C ALA B 92 -4.87 35.17 -17.73
N PHE B 93 -3.63 34.68 -17.82
CA PHE B 93 -2.58 35.36 -18.57
C PHE B 93 -1.67 34.34 -19.27
N ASN B 94 -0.97 34.78 -20.31
CA ASN B 94 -0.13 33.88 -21.08
C ASN B 94 1.36 34.02 -20.80
N VAL B 95 2.02 32.88 -20.62
CA VAL B 95 3.46 32.85 -20.48
C VAL B 95 4.09 32.24 -21.72
N THR B 96 5.06 32.94 -22.29
CA THR B 96 5.69 32.51 -23.54
C THR B 96 7.10 31.95 -23.32
N PHE B 97 7.36 30.79 -23.90
CA PHE B 97 8.66 30.14 -23.80
C PHE B 97 9.31 29.99 -25.17
N ARG B 98 10.47 30.62 -25.35
CA ARG B 98 11.24 30.49 -26.58
C ARG B 98 12.60 29.85 -26.30
N ARG B 99 12.79 28.64 -26.82
CA ARG B 99 14.03 27.90 -26.60
C ARG B 99 15.20 28.52 -27.37
N ALA B 100 16.23 28.94 -26.63
CA ALA B 100 17.41 29.54 -27.23
C ALA B 100 18.21 28.51 -28.03
N LYS B 101 19.04 28.98 -28.95
CA LYS B 101 19.86 28.10 -29.77
C LYS B 101 20.97 27.44 -28.95
N GLY B 102 21.61 28.21 -28.09
CA GLY B 102 22.72 27.71 -27.30
C GLY B 102 22.83 28.31 -25.92
N TYR B 103 23.21 27.47 -24.94
CA TYR B 103 23.51 27.94 -23.60
C TYR B 103 24.91 27.49 -23.24
N PRO B 104 25.53 28.14 -22.25
CA PRO B 104 26.77 27.54 -21.74
C PRO B 104 26.43 26.30 -20.91
N ILE B 105 27.27 25.28 -20.95
CA ILE B 105 26.94 24.03 -20.29
C ILE B 105 28.07 23.47 -19.44
N ASP B 106 27.76 23.20 -18.18
CA ASP B 106 28.69 22.50 -17.29
C ASP B 106 28.37 21.01 -17.28
N LEU B 107 29.35 20.20 -17.67
CA LEU B 107 29.17 18.75 -17.78
C LEU B 107 29.99 18.03 -16.71
N TYR B 108 29.32 17.51 -15.69
CA TYR B 108 29.99 16.70 -14.68
C TYR B 108 29.70 15.22 -14.91
N TYR B 109 30.75 14.42 -14.97
CA TYR B 109 30.62 13.01 -15.31
C TYR B 109 30.91 12.11 -14.11
N LEU B 110 29.87 11.50 -13.55
CA LEU B 110 30.02 10.59 -12.42
C LEU B 110 30.33 9.19 -12.93
N MET B 111 31.56 8.73 -12.67
CA MET B 111 32.06 7.48 -13.22
CA MET B 111 32.02 7.47 -13.22
C MET B 111 32.00 6.33 -12.20
N ASP B 112 31.42 5.20 -12.62
CA ASP B 112 31.36 4.01 -11.79
C ASP B 112 32.69 3.27 -11.88
N LEU B 113 33.31 3.01 -10.73
CA LEU B 113 34.60 2.33 -10.73
C LEU B 113 34.52 0.92 -10.13
N SER B 114 33.31 0.43 -9.91
CA SER B 114 33.14 -0.93 -9.40
C SER B 114 33.66 -1.95 -10.42
N TYR B 115 34.01 -3.13 -9.92
CA TYR B 115 34.64 -4.16 -10.75
C TYR B 115 33.77 -4.57 -11.93
N SER B 116 32.46 -4.39 -11.78
CA SER B 116 31.53 -4.76 -12.84
C SER B 116 31.71 -3.86 -14.07
N MET B 117 32.31 -2.69 -13.88
CA MET B 117 32.58 -1.76 -14.98
C MET B 117 33.98 -1.91 -15.54
N LEU B 118 34.50 -3.14 -15.56
CA LEU B 118 35.89 -3.38 -15.94
C LEU B 118 36.15 -3.05 -17.40
N ASP B 119 35.24 -3.49 -18.25
CA ASP B 119 35.38 -3.31 -19.70
C ASP B 119 35.02 -1.90 -20.13
N ASP B 120 34.14 -1.26 -19.38
CA ASP B 120 33.85 0.15 -19.61
C ASP B 120 35.05 1.01 -19.21
N LEU B 121 35.91 0.48 -18.35
CA LEU B 121 37.00 1.29 -17.80
C LEU B 121 38.29 1.03 -18.57
N ARG B 122 38.24 0.07 -19.49
CA ARG B 122 39.34 -0.19 -20.40
C ARG B 122 39.34 0.85 -21.53
N ASN B 123 38.24 1.58 -21.64
CA ASN B 123 38.07 2.60 -22.67
C ASN B 123 38.32 4.03 -22.16
N VAL B 124 39.03 4.16 -21.05
CA VAL B 124 39.23 5.46 -20.39
C VAL B 124 39.94 6.47 -21.30
N LYS B 125 40.89 5.99 -22.09
CA LYS B 125 41.61 6.85 -23.01
C LYS B 125 40.66 7.47 -24.01
N LYS B 126 39.83 6.63 -24.63
CA LYS B 126 38.84 7.12 -25.57
C LYS B 126 37.79 7.97 -24.87
N LEU B 127 37.46 7.59 -23.64
CA LEU B 127 36.43 8.27 -22.86
C LEU B 127 36.74 9.74 -22.65
N GLY B 128 38.02 10.06 -22.50
CA GLY B 128 38.45 11.43 -22.30
C GLY B 128 38.10 12.30 -23.50
N GLY B 129 38.48 11.85 -24.68
CA GLY B 129 38.22 12.59 -25.91
C GLY B 129 36.76 12.61 -26.29
N ASP B 130 36.07 11.50 -26.06
CA ASP B 130 34.65 11.39 -26.38
C ASP B 130 33.80 12.37 -25.59
N LEU B 131 33.98 12.37 -24.27
CA LEU B 131 33.25 13.28 -23.39
C LEU B 131 33.51 14.74 -23.76
N LEU B 132 34.75 15.04 -24.13
CA LEU B 132 35.11 16.38 -24.59
C LEU B 132 34.38 16.72 -25.89
N ARG B 133 34.36 15.77 -26.81
CA ARG B 133 33.72 15.98 -28.11
C ARG B 133 32.22 16.18 -27.97
N ALA B 134 31.60 15.41 -27.08
CA ALA B 134 30.17 15.50 -26.85
C ALA B 134 29.79 16.89 -26.33
N LEU B 135 30.59 17.40 -25.40
CA LEU B 135 30.33 18.72 -24.82
C LEU B 135 30.51 19.83 -25.85
N ASN B 136 31.53 19.70 -26.68
CA ASN B 136 31.81 20.70 -27.71
C ASN B 136 30.72 20.78 -28.77
N GLU B 137 30.03 19.66 -28.99
CA GLU B 137 29.02 19.59 -30.04
C GLU B 137 27.68 20.15 -29.60
N ILE B 138 27.47 20.27 -28.29
CA ILE B 138 26.20 20.77 -27.78
C ILE B 138 26.33 22.17 -27.20
N THR B 139 27.54 22.71 -27.19
CA THR B 139 27.81 23.99 -26.54
C THR B 139 28.94 24.78 -27.19
N GLU B 140 28.80 26.09 -27.21
CA GLU B 140 29.87 26.96 -27.69
C GLU B 140 30.87 27.27 -26.57
N SER B 141 30.35 27.43 -25.36
CA SER B 141 31.17 27.73 -24.19
C SER B 141 30.82 26.81 -23.02
N GLY B 142 31.62 25.76 -22.83
CA GLY B 142 31.33 24.78 -21.80
C GLY B 142 32.52 24.38 -20.93
N ARG B 143 32.22 24.01 -19.69
CA ARG B 143 33.22 23.50 -18.76
C ARG B 143 32.99 22.01 -18.53
N ILE B 144 34.05 21.29 -18.18
CA ILE B 144 33.92 19.86 -17.91
C ILE B 144 34.70 19.46 -16.66
N GLY B 145 34.25 18.38 -16.03
CA GLY B 145 34.87 17.87 -14.82
C GLY B 145 34.21 16.56 -14.44
N PHE B 146 34.79 15.82 -13.52
CA PHE B 146 34.25 14.50 -13.18
C PHE B 146 34.66 13.99 -11.81
N GLY B 147 33.96 12.96 -11.34
CA GLY B 147 34.27 12.30 -10.10
C GLY B 147 33.98 10.81 -10.18
N SER B 148 34.44 10.05 -9.20
CA SER B 148 34.28 8.60 -9.21
C SER B 148 33.63 8.06 -7.93
N PHE B 149 32.94 6.93 -8.07
CA PHE B 149 32.25 6.32 -6.93
C PHE B 149 32.26 4.80 -7.02
N VAL B 150 32.13 4.15 -5.86
CA VAL B 150 31.93 2.70 -5.81
C VAL B 150 30.75 2.40 -4.88
N ASP B 151 31.01 2.40 -3.57
CA ASP B 151 29.97 2.11 -2.57
C ASP B 151 30.48 2.42 -1.17
N LYS B 152 29.59 2.37 -0.18
CA LYS B 152 30.00 2.51 1.23
C LYS B 152 30.94 1.38 1.60
N THR B 153 31.96 1.69 2.40
CA THR B 153 33.04 0.73 2.64
C THR B 153 32.81 -0.17 3.85
N VAL B 154 31.54 -0.36 4.22
CA VAL B 154 31.20 -1.30 5.29
C VAL B 154 30.49 -2.53 4.72
N LEU B 155 30.40 -3.58 5.54
CA LEU B 155 29.66 -4.78 5.17
C LEU B 155 28.16 -4.49 5.24
N PRO B 156 27.36 -5.15 4.39
CA PRO B 156 27.75 -6.14 3.38
C PRO B 156 28.14 -5.53 2.04
N PHE B 157 28.11 -4.21 1.93
CA PHE B 157 28.39 -3.53 0.67
C PHE B 157 29.82 -3.78 0.18
N VAL B 158 30.76 -3.83 1.13
CA VAL B 158 32.17 -4.00 0.82
C VAL B 158 32.82 -5.01 1.76
N ASN B 159 33.59 -5.94 1.21
CA ASN B 159 34.37 -6.88 2.01
C ASN B 159 35.44 -6.14 2.81
N THR B 160 35.22 -6.04 4.12
CA THR B 160 36.07 -5.21 4.98
C THR B 160 37.29 -5.94 5.52
N HIS B 161 37.57 -7.12 4.99
CA HIS B 161 38.79 -7.82 5.36
C HIS B 161 39.99 -7.02 4.88
N PRO B 162 41.00 -6.86 5.75
CA PRO B 162 42.21 -6.07 5.47
C PRO B 162 42.81 -6.34 4.09
N ASP B 163 42.88 -7.61 3.70
CA ASP B 163 43.43 -7.98 2.41
C ASP B 163 42.52 -7.54 1.26
N LYS B 164 41.22 -7.77 1.42
CA LYS B 164 40.25 -7.40 0.40
C LYS B 164 40.08 -5.89 0.29
N LEU B 165 40.49 -5.17 1.33
CA LEU B 165 40.37 -3.72 1.32
C LEU B 165 41.42 -3.07 0.43
N ARG B 166 42.59 -3.68 0.33
CA ARG B 166 43.64 -3.14 -0.53
C ARG B 166 43.58 -3.72 -1.94
N ASN B 167 42.88 -4.84 -2.09
CA ASN B 167 42.66 -5.42 -3.40
C ASN B 167 41.30 -6.09 -3.50
N PRO B 168 40.26 -5.29 -3.76
CA PRO B 168 38.86 -5.75 -3.79
C PRO B 168 38.51 -6.59 -5.02
N CYS B 169 39.32 -6.50 -6.07
CA CYS B 169 39.04 -7.26 -7.29
C CYS B 169 39.18 -8.75 -7.04
N PRO B 170 38.26 -9.54 -7.60
CA PRO B 170 38.21 -10.98 -7.33
C PRO B 170 39.40 -11.70 -7.96
N ASN B 171 39.79 -11.27 -9.16
CA ASN B 171 41.01 -11.78 -9.78
C ASN B 171 42.25 -11.08 -9.26
N LYS B 172 43.42 -11.54 -9.71
CA LYS B 172 44.68 -10.99 -9.25
C LYS B 172 45.25 -9.99 -10.25
N GLU B 173 44.76 -8.75 -10.18
CA GLU B 173 45.23 -7.70 -11.06
C GLU B 173 46.00 -6.65 -10.28
N LYS B 174 47.17 -6.31 -10.81
CA LYS B 174 48.07 -5.37 -10.16
C LYS B 174 47.47 -3.97 -10.10
N GLU B 175 46.72 -3.60 -11.14
CA GLU B 175 46.16 -2.26 -11.27
C GLU B 175 44.77 -2.16 -10.68
N CYS B 176 44.68 -2.28 -9.37
CA CYS B 176 43.38 -2.20 -8.69
C CYS B 176 43.41 -1.11 -7.63
N GLN B 177 42.23 -0.67 -7.20
CA GLN B 177 42.11 0.42 -6.24
C GLN B 177 41.18 0.05 -5.10
N PRO B 178 41.58 0.35 -3.86
CA PRO B 178 40.77 0.14 -2.66
C PRO B 178 39.40 0.81 -2.77
N PRO B 179 38.36 0.16 -2.25
CA PRO B 179 36.99 0.67 -2.31
C PRO B 179 36.84 2.05 -1.68
N PHE B 180 35.94 2.85 -2.22
CA PHE B 180 35.68 4.19 -1.71
C PHE B 180 34.27 4.61 -2.10
N ALA B 181 33.64 5.46 -1.30
CA ALA B 181 32.28 5.89 -1.56
C ALA B 181 32.21 6.84 -2.75
N PHE B 182 32.89 7.97 -2.63
CA PHE B 182 32.88 8.98 -3.68
C PHE B 182 34.12 9.86 -3.62
N ARG B 183 34.73 10.09 -4.79
CA ARG B 183 35.90 10.95 -4.88
CA ARG B 183 35.90 10.95 -4.88
C ARG B 183 35.73 11.98 -6.00
N HIS B 184 35.87 13.25 -5.63
CA HIS B 184 35.79 14.35 -6.58
C HIS B 184 37.15 14.54 -7.23
N VAL B 185 37.31 14.05 -8.46
CA VAL B 185 38.62 14.03 -9.10
C VAL B 185 39.04 15.39 -9.66
N LEU B 186 38.18 15.98 -10.47
CA LEU B 186 38.53 17.24 -11.13
C LEU B 186 37.39 18.26 -11.09
N LYS B 187 37.70 19.44 -10.57
CA LYS B 187 36.75 20.55 -10.58
C LYS B 187 36.46 20.96 -12.02
N LEU B 188 35.23 21.39 -12.27
CA LEU B 188 34.81 21.84 -13.60
C LEU B 188 35.80 22.85 -14.18
N THR B 189 36.41 22.48 -15.30
CA THR B 189 37.49 23.27 -15.88
C THR B 189 37.37 23.39 -17.40
N ASP B 190 38.04 24.38 -17.96
CA ASP B 190 38.08 24.54 -19.41
C ASP B 190 39.34 23.88 -19.96
N ASN B 191 40.15 23.35 -19.07
CA ASN B 191 41.38 22.66 -19.44
C ASN B 191 41.08 21.29 -20.03
N SER B 192 41.33 21.14 -21.33
CA SER B 192 41.00 19.89 -22.03
C SER B 192 42.00 18.78 -21.73
N ASN B 193 43.29 19.10 -21.80
CA ASN B 193 44.32 18.09 -21.57
C ASN B 193 44.35 17.59 -20.13
N GLN B 194 43.94 18.46 -19.21
CA GLN B 194 43.88 18.08 -17.80
C GLN B 194 42.80 17.03 -17.58
N PHE B 195 41.68 17.20 -18.26
CA PHE B 195 40.56 16.26 -18.18
C PHE B 195 40.95 14.90 -18.75
N GLN B 196 41.56 14.91 -19.93
CA GLN B 196 41.94 13.69 -20.61
C GLN B 196 42.93 12.84 -19.81
N THR B 197 43.95 13.50 -19.27
CA THR B 197 45.01 12.80 -18.54
C THR B 197 44.53 12.30 -17.19
N GLU B 198 43.62 13.03 -16.56
CA GLU B 198 43.11 12.64 -15.24
C GLU B 198 42.05 11.54 -15.35
N VAL B 199 41.32 11.51 -16.45
CA VAL B 199 40.32 10.47 -16.68
C VAL B 199 41.01 9.14 -16.96
N GLY B 200 42.00 9.16 -17.85
CA GLY B 200 42.75 7.97 -18.19
C GLY B 200 43.59 7.44 -17.03
N LYS B 201 43.84 8.31 -16.05
CA LYS B 201 44.61 7.95 -14.87
C LYS B 201 43.86 7.01 -13.94
N GLN B 202 42.55 6.99 -14.07
CA GLN B 202 41.69 6.25 -13.15
C GLN B 202 41.87 4.74 -13.23
N LEU B 203 41.84 4.09 -12.06
CA LEU B 203 41.97 2.64 -11.97
C LEU B 203 40.67 1.97 -11.58
N ILE B 204 40.59 0.65 -11.81
CA ILE B 204 39.41 -0.12 -11.46
C ILE B 204 39.39 -0.44 -9.97
N SER B 205 38.19 -0.40 -9.39
CA SER B 205 37.98 -0.78 -8.00
C SER B 205 37.02 -1.96 -7.95
N GLY B 206 36.43 -2.19 -6.79
CA GLY B 206 35.47 -3.27 -6.64
C GLY B 206 34.84 -3.34 -5.27
N ASN B 207 33.71 -4.02 -5.18
CA ASN B 207 33.04 -4.23 -3.91
C ASN B 207 32.24 -5.53 -3.94
N LEU B 208 31.31 -5.69 -3.00
CA LEU B 208 30.67 -6.98 -2.80
C LEU B 208 29.33 -7.14 -3.51
N ASP B 209 28.36 -6.29 -3.19
CA ASP B 209 27.02 -6.44 -3.75
C ASP B 209 26.84 -5.60 -5.02
N ALA B 210 25.89 -6.01 -5.86
CA ALA B 210 25.72 -5.42 -7.19
C ALA B 210 25.28 -3.95 -7.22
N PRO B 211 24.21 -3.58 -6.48
CA PRO B 211 23.87 -2.15 -6.54
C PRO B 211 24.94 -1.30 -5.87
N GLU B 212 25.17 -0.10 -6.38
CA GLU B 212 26.28 0.72 -5.90
C GLU B 212 25.81 1.97 -5.18
N GLY B 213 26.75 2.71 -4.60
CA GLY B 213 26.44 3.92 -3.85
C GLY B 213 26.48 5.17 -4.71
N GLY B 214 25.90 5.08 -5.90
CA GLY B 214 25.87 6.21 -6.82
C GLY B 214 25.01 7.37 -6.34
N LEU B 215 23.91 7.05 -5.68
CA LEU B 215 23.04 8.08 -5.12
C LEU B 215 23.78 8.92 -4.09
N ASP B 216 24.67 8.28 -3.34
CA ASP B 216 25.55 8.97 -2.41
C ASP B 216 26.38 10.02 -3.13
N ALA B 217 26.98 9.60 -4.23
CA ALA B 217 27.86 10.49 -5.02
C ALA B 217 27.07 11.64 -5.62
N MET B 218 25.87 11.34 -6.13
CA MET B 218 25.03 12.36 -6.74
C MET B 218 24.55 13.39 -5.72
N MET B 219 24.29 12.93 -4.50
CA MET B 219 23.87 13.83 -3.43
C MET B 219 24.99 14.79 -3.08
N GLN B 220 26.22 14.28 -3.02
CA GLN B 220 27.38 15.10 -2.69
C GLN B 220 27.68 16.13 -3.79
N VAL B 221 27.50 15.73 -5.04
CA VAL B 221 27.73 16.62 -6.17
C VAL B 221 26.72 17.78 -6.14
N ALA B 222 25.47 17.46 -5.84
CA ALA B 222 24.43 18.47 -5.79
C ALA B 222 24.54 19.36 -4.55
N ALA B 223 25.20 18.86 -3.51
CA ALA B 223 25.29 19.58 -2.25
C ALA B 223 26.57 20.39 -2.12
N CYS B 224 27.46 20.25 -3.10
CA CYS B 224 28.74 20.96 -3.08
C CYS B 224 29.02 21.73 -4.37
N PRO B 225 28.23 22.78 -4.65
CA PRO B 225 28.43 23.54 -5.89
C PRO B 225 29.73 24.32 -5.90
N GLU B 226 30.30 24.55 -4.71
CA GLU B 226 31.56 25.27 -4.60
C GLU B 226 32.73 24.42 -5.09
N GLU B 227 32.83 23.20 -4.56
CA GLU B 227 33.94 22.31 -4.88
C GLU B 227 33.83 21.75 -6.30
N ILE B 228 32.61 21.49 -6.74
CA ILE B 228 32.37 21.01 -8.10
C ILE B 228 32.70 22.11 -9.11
N GLY B 229 32.25 23.32 -8.80
CA GLY B 229 32.59 24.49 -9.60
C GLY B 229 31.53 24.88 -10.62
N TRP B 230 30.27 24.64 -10.29
CA TRP B 230 29.17 24.98 -11.17
C TRP B 230 29.15 26.47 -11.50
N ARG B 231 28.75 26.79 -12.71
CA ARG B 231 28.46 28.17 -13.09
C ARG B 231 26.96 28.38 -12.98
N LYS B 232 26.51 29.61 -13.17
CA LYS B 232 25.07 29.88 -13.16
C LYS B 232 24.47 29.59 -14.54
N VAL B 233 25.08 28.63 -15.23
CA VAL B 233 24.63 28.21 -16.55
C VAL B 233 23.91 26.88 -16.47
N THR B 234 23.64 26.27 -17.63
CA THR B 234 22.98 24.96 -17.66
C THR B 234 23.88 23.88 -17.09
N ARG B 235 23.38 23.15 -16.09
CA ARG B 235 24.17 22.16 -15.38
C ARG B 235 23.76 20.72 -15.72
N LEU B 236 24.70 19.94 -16.21
CA LEU B 236 24.44 18.56 -16.60
C LEU B 236 25.27 17.57 -15.78
N LEU B 237 24.61 16.55 -15.24
CA LEU B 237 25.29 15.51 -14.48
C LEU B 237 25.10 14.16 -15.16
N VAL B 238 26.17 13.64 -15.75
CA VAL B 238 26.09 12.35 -16.43
C VAL B 238 26.45 11.20 -15.47
N PHE B 239 25.47 10.34 -15.22
CA PHE B 239 25.64 9.20 -14.32
C PHE B 239 25.73 7.92 -15.12
N ALA B 240 26.91 7.28 -15.09
CA ALA B 240 27.16 6.09 -15.90
C ALA B 240 27.39 4.85 -15.03
N THR B 241 26.57 3.83 -15.21
CA THR B 241 26.66 2.60 -14.43
C THR B 241 26.01 1.41 -15.13
N ASP B 242 26.32 0.20 -14.65
CA ASP B 242 25.84 -1.02 -15.26
C ASP B 242 24.82 -1.72 -14.37
N ASP B 243 24.59 -1.17 -13.18
CA ASP B 243 23.72 -1.83 -12.22
C ASP B 243 22.89 -0.83 -11.43
N GLY B 244 22.14 -1.37 -10.46
CA GLY B 244 21.22 -0.57 -9.68
C GLY B 244 21.90 0.29 -8.64
N PHE B 245 21.09 0.91 -7.79
CA PHE B 245 21.59 1.85 -6.80
C PHE B 245 20.98 1.62 -5.41
N HIS B 246 21.82 1.71 -4.39
CA HIS B 246 21.35 1.75 -3.02
C HIS B 246 20.64 3.07 -2.75
N PHE B 247 19.58 3.03 -1.95
CA PHE B 247 18.97 4.26 -1.47
C PHE B 247 18.68 4.16 0.02
N ALA B 248 17.97 5.16 0.55
CA ALA B 248 17.73 5.26 1.99
C ALA B 248 17.03 4.03 2.55
N GLY B 249 17.54 3.53 3.67
CA GLY B 249 17.02 2.33 4.28
C GLY B 249 18.01 1.17 4.20
N ASP B 250 18.79 1.15 3.13
CA ASP B 250 19.75 0.06 2.91
C ASP B 250 20.89 0.08 3.92
N GLY B 251 21.19 1.26 4.45
CA GLY B 251 22.28 1.42 5.40
C GLY B 251 22.09 0.63 6.68
N LYS B 252 20.85 0.26 6.98
CA LYS B 252 20.55 -0.49 8.20
C LYS B 252 21.28 -1.84 8.23
N LEU B 253 21.62 -2.37 7.06
CA LEU B 253 22.35 -3.62 6.99
C LEU B 253 23.76 -3.46 7.53
N GLY B 254 24.27 -2.23 7.47
CA GLY B 254 25.58 -1.91 8.03
C GLY B 254 25.47 -1.16 9.33
N ALA B 255 24.31 -1.32 9.99
CA ALA B 255 24.02 -0.68 11.27
C ALA B 255 24.09 0.85 11.17
N ILE B 256 23.71 1.37 10.01
CA ILE B 256 23.69 2.81 9.77
C ILE B 256 22.25 3.33 9.72
N LEU B 257 21.84 4.05 10.75
CA LEU B 257 20.46 4.47 10.89
C LEU B 257 20.26 5.97 10.72
N THR B 258 21.36 6.72 10.68
CA THR B 258 21.29 8.18 10.58
C THR B 258 21.07 8.64 9.15
N PRO B 259 19.96 9.34 8.90
CA PRO B 259 19.57 9.86 7.58
C PRO B 259 20.63 10.76 6.95
N ASN B 260 20.68 10.75 5.62
CA ASN B 260 21.50 11.70 4.88
C ASN B 260 21.00 13.12 5.16
N ASP B 261 21.92 14.02 5.50
CA ASP B 261 21.52 15.37 5.89
C ASP B 261 21.45 16.34 4.71
N GLY B 262 21.75 15.85 3.51
CA GLY B 262 21.73 16.67 2.33
C GLY B 262 22.76 17.78 2.41
N ARG B 263 23.82 17.52 3.16
CA ARG B 263 24.85 18.52 3.40
C ARG B 263 26.17 18.05 2.80
N CYS B 264 27.06 19.00 2.52
CA CYS B 264 28.32 18.69 1.87
C CYS B 264 29.36 18.15 2.86
N HIS B 265 29.79 16.92 2.63
CA HIS B 265 30.86 16.30 3.42
C HIS B 265 32.01 15.90 2.50
N LEU B 266 32.90 16.84 2.21
CA LEU B 266 34.04 16.55 1.35
C LEU B 266 35.36 16.88 2.04
N GLU B 267 36.11 15.85 2.40
CA GLU B 267 37.43 16.02 2.99
C GLU B 267 38.48 15.52 2.01
N ASP B 268 39.32 16.43 1.53
CA ASP B 268 40.32 16.11 0.51
C ASP B 268 39.68 15.48 -0.72
N ASN B 269 38.61 16.10 -1.21
CA ASN B 269 37.87 15.60 -2.36
C ASN B 269 37.35 14.19 -2.16
N LEU B 270 36.92 13.88 -0.94
CA LEU B 270 36.43 12.55 -0.58
C LEU B 270 35.20 12.60 0.31
N TYR B 271 34.33 11.60 0.16
CA TYR B 271 33.22 11.41 1.09
C TYR B 271 33.70 10.49 2.21
N LYS B 272 34.38 11.06 3.19
CA LYS B 272 35.01 10.27 4.25
C LYS B 272 34.02 9.74 5.29
N ARG B 273 32.96 10.51 5.55
CA ARG B 273 31.99 10.12 6.58
C ARG B 273 30.83 9.32 6.01
N SER B 274 31.05 8.71 4.86
CA SER B 274 29.99 7.97 4.17
C SER B 274 29.46 6.78 4.97
N ASN B 275 30.28 6.25 5.87
CA ASN B 275 29.87 5.12 6.70
C ASN B 275 29.10 5.58 7.93
N GLU B 276 28.93 6.89 8.06
CA GLU B 276 28.22 7.47 9.19
C GLU B 276 26.81 7.90 8.82
N PHE B 277 26.54 8.00 7.52
CA PHE B 277 25.22 8.42 7.05
C PHE B 277 24.60 7.36 6.13
N ASP B 278 23.28 7.26 6.17
CA ASP B 278 22.55 6.36 5.29
C ASP B 278 22.56 6.92 3.87
N TYR B 279 22.34 6.06 2.88
CA TYR B 279 22.16 6.51 1.50
C TYR B 279 21.02 7.50 1.44
N PRO B 280 21.09 8.45 0.49
CA PRO B 280 19.99 9.42 0.39
C PRO B 280 18.69 8.79 -0.10
N SER B 281 17.56 9.38 0.29
CA SER B 281 16.27 9.00 -0.27
C SER B 281 16.21 9.48 -1.71
N VAL B 282 15.41 8.81 -2.55
CA VAL B 282 15.26 9.22 -3.94
C VAL B 282 14.65 10.61 -4.00
N GLY B 283 13.63 10.85 -3.18
CA GLY B 283 13.01 12.16 -3.11
C GLY B 283 13.96 13.19 -2.51
N GLN B 284 14.85 12.71 -1.67
CA GLN B 284 15.86 13.57 -1.04
C GLN B 284 16.85 14.07 -2.08
N LEU B 285 17.22 13.19 -3.00
CA LEU B 285 18.12 13.53 -4.08
C LEU B 285 17.43 14.40 -5.14
N ALA B 286 16.18 14.08 -5.43
CA ALA B 286 15.41 14.82 -6.42
C ALA B 286 15.26 16.28 -6.03
N HIS B 287 15.01 16.52 -4.75
CA HIS B 287 14.85 17.88 -4.24
C HIS B 287 16.13 18.68 -4.32
N LYS B 288 17.25 18.06 -3.92
CA LYS B 288 18.54 18.74 -3.91
C LYS B 288 19.01 19.08 -5.32
N LEU B 289 18.61 18.25 -6.28
CA LEU B 289 18.96 18.48 -7.68
C LEU B 289 18.20 19.67 -8.24
N ALA B 290 16.90 19.72 -7.97
CA ALA B 290 16.06 20.81 -8.46
C ALA B 290 16.41 22.12 -7.77
N GLU B 291 16.83 22.03 -6.51
CA GLU B 291 17.22 23.20 -5.74
C GLU B 291 18.44 23.88 -6.35
N ASN B 292 19.37 23.08 -6.85
CA ASN B 292 20.57 23.61 -7.47
C ASN B 292 20.53 23.53 -9.00
N ASN B 293 19.33 23.32 -9.53
CA ASN B 293 19.11 23.29 -10.97
CA ASN B 293 19.10 23.26 -10.97
C ASN B 293 20.09 22.36 -11.71
N ILE B 294 20.16 21.11 -11.28
CA ILE B 294 21.02 20.13 -11.91
C ILE B 294 20.19 19.10 -12.66
N GLN B 295 20.39 19.01 -13.96
CA GLN B 295 19.68 18.02 -14.76
C GLN B 295 20.55 16.79 -14.97
N PRO B 296 20.22 15.69 -14.26
CA PRO B 296 21.03 14.49 -14.39
C PRO B 296 20.73 13.70 -15.66
N ILE B 297 21.77 13.15 -16.26
CA ILE B 297 21.62 12.26 -17.40
C ILE B 297 22.07 10.86 -16.99
N PHE B 298 21.13 9.92 -17.01
CA PHE B 298 21.43 8.55 -16.60
C PHE B 298 21.88 7.71 -17.79
N ALA B 299 23.19 7.50 -17.89
CA ALA B 299 23.77 6.65 -18.92
C ALA B 299 23.92 5.23 -18.39
N VAL B 300 22.86 4.44 -18.56
CA VAL B 300 22.83 3.09 -18.00
C VAL B 300 22.77 2.03 -19.09
N THR B 301 23.29 0.84 -18.79
CA THR B 301 23.24 -0.28 -19.72
C THR B 301 21.79 -0.69 -19.97
N SER B 302 21.55 -1.41 -21.08
CA SER B 302 20.22 -1.81 -21.50
C SER B 302 19.44 -2.51 -20.40
N ARG B 303 20.14 -3.35 -19.64
CA ARG B 303 19.59 -4.07 -18.50
C ARG B 303 18.93 -3.15 -17.47
N MET B 304 19.46 -1.94 -17.34
CA MET B 304 19.02 -1.04 -16.26
C MET B 304 18.20 0.16 -16.74
N VAL B 305 17.90 0.22 -18.04
CA VAL B 305 17.19 1.37 -18.60
C VAL B 305 15.79 1.55 -18.04
N LYS B 306 15.00 0.46 -18.01
CA LYS B 306 13.62 0.54 -17.54
C LYS B 306 13.53 0.95 -16.08
N THR B 307 14.57 0.64 -15.31
CA THR B 307 14.59 1.00 -13.89
C THR B 307 14.81 2.49 -13.70
N TYR B 308 15.88 3.02 -14.28
CA TYR B 308 16.22 4.43 -14.17
C TYR B 308 15.20 5.33 -14.87
N GLU B 309 14.41 4.75 -15.77
CA GLU B 309 13.35 5.48 -16.43
C GLU B 309 12.26 5.84 -15.43
N LYS B 310 12.12 5.01 -14.40
CA LYS B 310 11.14 5.27 -13.35
C LYS B 310 11.52 6.50 -12.52
N LEU B 311 12.80 6.84 -12.54
CA LEU B 311 13.29 7.99 -11.79
C LEU B 311 12.80 9.31 -12.38
N THR B 312 12.68 9.35 -13.69
CA THR B 312 12.33 10.58 -14.40
C THR B 312 10.92 11.07 -14.06
N GLU B 313 10.14 10.24 -13.39
CA GLU B 313 8.81 10.63 -12.94
C GLU B 313 8.93 11.41 -11.63
N ILE B 314 9.90 11.02 -10.80
CA ILE B 314 10.16 11.72 -9.55
C ILE B 314 11.06 12.92 -9.81
N ILE B 315 12.00 12.77 -10.73
CA ILE B 315 12.91 13.85 -11.12
C ILE B 315 12.55 14.35 -12.52
N PRO B 316 11.72 15.40 -12.60
CA PRO B 316 11.14 15.90 -13.85
C PRO B 316 12.18 16.24 -14.91
N LYS B 317 13.23 16.96 -14.53
CA LYS B 317 14.29 17.30 -15.48
C LYS B 317 15.45 16.32 -15.38
N SER B 318 15.27 15.17 -16.02
CA SER B 318 16.31 14.15 -16.13
C SER B 318 16.04 13.33 -17.39
N ALA B 319 17.04 12.55 -17.81
CA ALA B 319 16.87 11.72 -19.00
C ALA B 319 17.67 10.44 -18.91
N VAL B 320 17.13 9.37 -19.49
CA VAL B 320 17.83 8.09 -19.51
C VAL B 320 18.28 7.78 -20.94
N GLY B 321 19.52 7.30 -21.07
CA GLY B 321 20.05 6.89 -22.35
C GLY B 321 20.74 5.55 -22.23
N GLU B 322 20.54 4.69 -23.22
CA GLU B 322 21.09 3.33 -23.18
C GLU B 322 22.59 3.35 -23.46
N LEU B 323 23.38 2.95 -22.46
CA LEU B 323 24.82 2.93 -22.57
C LEU B 323 25.33 1.59 -23.07
N SER B 324 26.18 1.62 -24.10
CA SER B 324 26.82 0.40 -24.57
C SER B 324 27.63 -0.21 -23.43
N GLU B 325 27.77 -1.54 -23.44
CA GLU B 325 28.42 -2.24 -22.35
C GLU B 325 29.88 -1.84 -22.18
N ASP B 326 30.45 -1.23 -23.21
CA ASP B 326 31.84 -0.78 -23.18
C ASP B 326 31.95 0.74 -23.03
N SER B 327 30.80 1.39 -22.85
CA SER B 327 30.74 2.85 -22.72
C SER B 327 31.36 3.54 -23.93
N SER B 328 31.13 2.97 -25.10
CA SER B 328 31.71 3.51 -26.34
C SER B 328 30.78 4.53 -27.00
N ASN B 329 29.48 4.37 -26.78
CA ASN B 329 28.49 5.22 -27.43
C ASN B 329 28.09 6.42 -26.57
N VAL B 330 28.99 6.82 -25.67
CA VAL B 330 28.69 7.86 -24.70
C VAL B 330 28.36 9.21 -25.35
N VAL B 331 29.02 9.52 -26.46
CA VAL B 331 28.77 10.79 -27.16
C VAL B 331 27.34 10.85 -27.69
N GLN B 332 26.97 9.86 -28.50
CA GLN B 332 25.63 9.80 -29.10
C GLN B 332 24.55 9.79 -28.02
N LEU B 333 24.87 9.17 -26.88
CA LEU B 333 23.97 9.11 -25.73
C LEU B 333 23.71 10.49 -25.17
N ILE B 334 24.79 11.21 -24.88
CA ILE B 334 24.72 12.53 -24.25
C ILE B 334 23.96 13.54 -25.10
N LYS B 335 24.25 13.56 -26.39
CA LYS B 335 23.58 14.48 -27.31
C LYS B 335 22.10 14.22 -27.41
N ASN B 336 21.71 12.94 -27.53
CA ASN B 336 20.31 12.58 -27.55
C ASN B 336 19.63 12.88 -26.22
N ALA B 337 20.36 12.63 -25.13
CA ALA B 337 19.83 12.86 -23.79
C ALA B 337 19.65 14.35 -23.53
N TYR B 338 20.62 15.15 -23.97
CA TYR B 338 20.52 16.59 -23.81
C TYR B 338 19.36 17.15 -24.64
N ASN B 339 19.22 16.67 -25.88
CA ASN B 339 18.14 17.10 -26.74
CA ASN B 339 18.13 17.09 -26.74
C ASN B 339 16.78 16.71 -26.16
N LYS B 340 16.73 15.53 -25.54
CA LYS B 340 15.51 15.05 -24.92
C LYS B 340 15.09 15.95 -23.77
N LEU B 341 16.09 16.43 -23.00
CA LEU B 341 15.85 17.37 -21.92
C LEU B 341 15.31 18.69 -22.44
N SER B 342 15.94 19.20 -23.49
CA SER B 342 15.62 20.52 -24.03
C SER B 342 14.34 20.52 -24.85
N SER B 343 13.98 19.37 -25.41
CA SER B 343 12.80 19.27 -26.26
C SER B 343 11.52 19.17 -25.42
N ARG B 344 11.67 19.00 -24.12
CA ARG B 344 10.52 18.98 -23.22
C ARG B 344 10.58 20.10 -22.21
N VAL B 345 9.49 20.84 -22.09
CA VAL B 345 9.43 22.00 -21.20
C VAL B 345 8.31 21.88 -20.18
N PHE B 346 8.67 21.97 -18.91
CA PHE B 346 7.68 21.99 -17.83
C PHE B 346 7.52 23.39 -17.26
N LEU B 347 6.27 23.79 -17.03
CA LEU B 347 5.99 25.06 -16.39
C LEU B 347 5.24 24.84 -15.08
N ASP B 348 5.93 25.09 -13.97
CA ASP B 348 5.37 24.84 -12.65
C ASP B 348 5.46 26.08 -11.77
N HIS B 349 4.96 25.98 -10.55
CA HIS B 349 4.98 27.09 -9.60
C HIS B 349 5.41 26.60 -8.22
N ASN B 350 5.83 27.53 -7.37
CA ASN B 350 6.24 27.16 -6.02
C ASN B 350 5.05 27.03 -5.07
N ALA B 351 5.31 27.15 -3.77
CA ALA B 351 4.29 26.92 -2.75
C ALA B 351 3.13 27.90 -2.84
N LEU B 352 1.91 27.37 -2.76
CA LEU B 352 0.70 28.18 -2.75
C LEU B 352 -0.06 27.99 -1.44
N PRO B 353 -0.89 28.97 -1.07
CA PRO B 353 -1.82 28.74 0.05
C PRO B 353 -2.99 27.87 -0.39
N ASP B 354 -3.87 27.53 0.54
CA ASP B 354 -5.06 26.74 0.22
C ASP B 354 -6.04 27.57 -0.61
N THR B 355 -5.86 28.89 -0.58
CA THR B 355 -6.80 29.80 -1.21
C THR B 355 -6.42 30.16 -2.65
N LEU B 356 -5.32 29.60 -3.15
CA LEU B 356 -4.90 29.85 -4.52
C LEU B 356 -4.80 28.56 -5.33
N LYS B 357 -5.61 28.47 -6.38
CA LYS B 357 -5.58 27.30 -7.25
C LYS B 357 -5.14 27.68 -8.66
N VAL B 358 -4.01 27.14 -9.09
CA VAL B 358 -3.43 27.49 -10.39
C VAL B 358 -3.38 26.30 -11.34
N THR B 359 -3.90 26.49 -12.55
CA THR B 359 -3.84 25.46 -13.58
C THR B 359 -3.34 26.04 -14.91
N TYR B 360 -2.77 25.18 -15.74
CA TYR B 360 -2.14 25.62 -16.98
C TYR B 360 -2.78 25.01 -18.23
N ASP B 361 -2.89 25.81 -19.28
CA ASP B 361 -3.24 25.30 -20.60
C ASP B 361 -2.00 25.31 -21.48
N SER B 362 -1.58 24.12 -21.91
CA SER B 362 -0.37 24.01 -22.73
C SER B 362 -0.68 24.02 -24.22
N PHE B 363 -0.10 24.98 -24.91
CA PHE B 363 -0.24 25.09 -26.36
C PHE B 363 1.10 24.84 -27.04
N CYS B 364 1.25 23.65 -27.63
CA CYS B 364 2.55 23.24 -28.16
C CYS B 364 2.66 23.36 -29.68
N SER B 365 3.89 23.51 -30.16
CA SER B 365 4.19 23.46 -31.58
C SER B 365 4.19 22.00 -32.03
N ASN B 366 4.13 21.11 -31.04
CA ASN B 366 4.08 19.68 -31.25
C ASN B 366 2.84 19.24 -32.03
N GLY B 367 1.76 20.00 -31.90
CA GLY B 367 0.49 19.62 -32.50
C GLY B 367 -0.41 19.01 -31.44
N VAL B 368 -0.06 19.24 -30.18
CA VAL B 368 -0.79 18.70 -29.05
C VAL B 368 -1.15 19.83 -28.08
N THR B 369 -2.42 19.84 -27.65
CA THR B 369 -2.90 20.87 -26.72
C THR B 369 -3.42 20.25 -25.42
N HIS B 370 -2.84 20.70 -24.31
CA HIS B 370 -3.30 20.28 -22.98
C HIS B 370 -4.04 21.41 -22.29
N ARG B 371 -5.15 21.10 -21.63
CA ARG B 371 -5.93 22.11 -20.93
C ARG B 371 -6.26 21.69 -19.50
N ASN B 372 -6.35 22.67 -18.61
CA ASN B 372 -6.71 22.46 -17.22
C ASN B 372 -5.80 21.48 -16.50
N GLN B 373 -4.49 21.73 -16.59
CA GLN B 373 -3.50 20.85 -15.99
C GLN B 373 -2.79 21.53 -14.83
N PRO B 374 -2.39 20.74 -13.81
CA PRO B 374 -1.67 21.25 -12.64
C PRO B 374 -0.27 21.72 -12.97
N ARG B 375 0.21 21.38 -14.17
CA ARG B 375 1.55 21.78 -14.60
C ARG B 375 1.61 21.92 -16.12
N GLY B 376 2.30 22.94 -16.60
CA GLY B 376 2.51 23.13 -18.02
C GLY B 376 3.43 22.06 -18.56
N ASP B 377 3.00 21.38 -19.63
CA ASP B 377 3.79 20.31 -20.21
C ASP B 377 3.77 20.37 -21.73
N CYS B 378 4.93 20.56 -22.32
CA CYS B 378 5.06 20.55 -23.78
C CYS B 378 6.26 19.73 -24.22
N ASP B 379 5.99 18.72 -25.04
CA ASP B 379 7.06 17.90 -25.61
C ASP B 379 7.27 18.29 -27.07
N GLY B 380 8.44 17.99 -27.61
CA GLY B 380 8.75 18.33 -28.98
C GLY B 380 8.98 19.81 -29.18
N VAL B 381 9.34 20.50 -28.10
CA VAL B 381 9.61 21.93 -28.15
C VAL B 381 10.85 22.22 -29.00
N GLN B 382 10.68 23.04 -30.02
CA GLN B 382 11.75 23.31 -30.98
C GLN B 382 12.43 24.65 -30.71
N ILE B 383 13.65 24.78 -31.23
CA ILE B 383 14.44 26.00 -31.05
C ILE B 383 13.81 27.17 -31.79
N ASN B 384 13.76 28.32 -31.11
CA ASN B 384 13.22 29.57 -31.67
C ASN B 384 11.73 29.52 -32.02
N VAL B 385 11.10 28.36 -31.85
CA VAL B 385 9.67 28.23 -32.07
C VAL B 385 8.93 28.36 -30.74
N PRO B 386 8.32 29.53 -30.50
CA PRO B 386 7.73 29.86 -29.20
C PRO B 386 6.49 29.04 -28.86
N ILE B 387 6.43 28.56 -27.62
CA ILE B 387 5.23 27.92 -27.09
C ILE B 387 4.61 28.81 -26.03
N THR B 388 3.28 28.80 -25.96
CA THR B 388 2.58 29.66 -25.00
C THR B 388 1.73 28.86 -24.03
N PHE B 389 2.00 29.01 -22.74
CA PHE B 389 1.18 28.43 -21.70
C PHE B 389 0.16 29.45 -21.20
N GLN B 390 -1.07 29.02 -21.00
CA GLN B 390 -2.09 29.88 -20.42
C GLN B 390 -2.29 29.56 -18.95
N VAL B 391 -1.98 30.52 -18.09
CA VAL B 391 -2.07 30.32 -16.64
C VAL B 391 -3.39 30.86 -16.09
N LYS B 392 -4.18 29.97 -15.50
CA LYS B 392 -5.45 30.37 -14.89
C LYS B 392 -5.37 30.28 -13.36
N VAL B 393 -5.42 31.43 -12.71
CA VAL B 393 -5.33 31.50 -11.25
C VAL B 393 -6.68 31.87 -10.63
N THR B 394 -7.15 31.05 -9.72
CA THR B 394 -8.44 31.27 -9.06
C THR B 394 -8.27 31.34 -7.54
N ALA B 395 -8.96 32.30 -6.93
CA ALA B 395 -8.97 32.41 -5.48
C ALA B 395 -10.31 31.95 -4.91
N THR B 396 -10.29 31.19 -3.83
CA THR B 396 -11.50 30.71 -3.18
C THR B 396 -11.95 31.70 -2.11
N GLU B 397 -11.04 32.58 -1.72
CA GLU B 397 -11.32 33.60 -0.71
C GLU B 397 -10.92 34.98 -1.22
N CYS B 398 -11.37 36.01 -0.50
CA CYS B 398 -10.75 37.32 -0.59
C CYS B 398 -9.40 37.19 0.11
N ILE B 399 -8.32 37.33 -0.66
CA ILE B 399 -7.00 36.96 -0.17
C ILE B 399 -6.14 38.14 0.31
N GLN B 400 -5.08 37.82 1.04
CA GLN B 400 -4.14 38.82 1.53
C GLN B 400 -3.14 39.20 0.45
N GLU B 401 -2.17 40.03 0.82
CA GLU B 401 -1.12 40.42 -0.09
C GLU B 401 -0.11 39.29 -0.26
N GLN B 402 -0.08 38.68 -1.45
CA GLN B 402 0.79 37.55 -1.68
C GLN B 402 1.48 37.62 -3.04
N SER B 403 2.51 36.78 -3.20
CA SER B 403 3.26 36.69 -4.45
C SER B 403 3.89 35.32 -4.60
N PHE B 404 3.70 34.69 -5.75
CA PHE B 404 4.33 33.42 -6.04
C PHE B 404 5.03 33.48 -7.39
N VAL B 405 5.95 32.55 -7.63
CA VAL B 405 6.73 32.56 -8.86
C VAL B 405 6.42 31.37 -9.77
N ILE B 406 6.25 31.65 -11.06
CA ILE B 406 6.08 30.61 -12.06
C ILE B 406 7.39 30.43 -12.80
N ARG B 407 7.86 29.18 -12.88
CA ARG B 407 9.21 28.91 -13.34
C ARG B 407 9.25 27.73 -14.32
N ALA B 408 10.04 27.87 -15.38
CA ALA B 408 10.30 26.78 -16.29
C ALA B 408 11.38 25.87 -15.70
N LEU B 409 11.02 24.62 -15.45
CA LEU B 409 11.92 23.68 -14.77
C LEU B 409 13.21 23.46 -15.56
N GLY B 410 14.34 23.67 -14.89
CA GLY B 410 15.63 23.51 -15.53
C GLY B 410 16.31 24.85 -15.79
N PHE B 411 15.59 25.93 -15.50
CA PHE B 411 16.10 27.27 -15.76
C PHE B 411 15.87 28.22 -14.60
N THR B 412 16.87 29.05 -14.31
CA THR B 412 16.81 30.00 -13.21
C THR B 412 15.85 31.15 -13.47
N ASP B 413 15.52 31.38 -14.74
CA ASP B 413 14.61 32.45 -15.14
C ASP B 413 13.23 32.24 -14.54
N ILE B 414 12.68 33.28 -13.92
CA ILE B 414 11.39 33.17 -13.26
C ILE B 414 10.35 34.18 -13.76
N VAL B 415 9.10 33.93 -13.42
CA VAL B 415 8.01 34.87 -13.64
C VAL B 415 7.37 35.20 -12.30
N THR B 416 7.47 36.45 -11.88
CA THR B 416 6.96 36.86 -10.57
C THR B 416 5.52 37.35 -10.67
N VAL B 417 4.63 36.72 -9.90
CA VAL B 417 3.22 37.05 -9.94
C VAL B 417 2.74 37.67 -8.63
N GLN B 418 2.37 38.95 -8.69
CA GLN B 418 1.81 39.64 -7.53
C GLN B 418 0.30 39.44 -7.49
N VAL B 419 -0.23 39.10 -6.33
CA VAL B 419 -1.65 38.79 -6.22
C VAL B 419 -2.42 39.78 -5.36
N LEU B 420 -3.22 40.61 -6.02
CA LEU B 420 -4.04 41.61 -5.33
C LEU B 420 -5.50 41.20 -5.36
N PRO B 421 -6.19 41.34 -4.22
CA PRO B 421 -7.60 40.94 -4.12
C PRO B 421 -8.56 41.98 -4.68
N GLN B 422 -9.61 41.51 -5.35
CA GLN B 422 -10.63 42.38 -5.93
CA GLN B 422 -10.62 42.38 -5.93
C GLN B 422 -12.00 41.99 -5.41
N CYS B 423 -12.38 42.56 -4.28
CA CYS B 423 -13.62 42.20 -3.59
C CYS B 423 -14.62 43.34 -3.48
N GLU B 424 -14.12 44.56 -3.62
CA GLU B 424 -14.94 45.75 -3.41
C GLU B 424 -15.50 46.31 -4.70
N CYS B 425 -16.36 47.31 -4.55
CA CYS B 425 -17.17 47.84 -5.65
C CYS B 425 -16.61 49.11 -6.28
N ARG B 426 -16.15 50.03 -5.43
CA ARG B 426 -15.75 51.37 -5.88
C ARG B 426 -16.93 52.01 -6.60
N CYS B 427 -17.96 52.36 -5.85
CA CYS B 427 -19.25 52.75 -6.41
C CYS B 427 -19.21 54.06 -7.18
N ARG B 428 -20.35 54.45 -7.74
CA ARG B 428 -20.46 55.67 -8.52
N ASP B 433 -24.00 62.64 1.24
CA ASP B 433 -25.31 62.36 1.81
C ASP B 433 -25.22 61.88 3.25
N ARG B 434 -25.84 62.63 4.15
CA ARG B 434 -25.93 62.24 5.56
C ARG B 434 -27.33 62.52 6.08
N SER B 435 -27.58 62.09 7.31
CA SER B 435 -28.89 62.19 7.97
C SER B 435 -29.97 61.37 7.24
N LEU B 436 -29.69 61.00 6.00
CA LEU B 436 -30.49 60.02 5.28
C LEU B 436 -30.33 58.67 5.99
N CYS B 437 -31.14 57.69 5.62
CA CYS B 437 -31.34 56.46 6.40
C CYS B 437 -32.00 56.83 7.73
N HIS B 438 -32.66 57.99 7.74
CA HIS B 438 -33.49 58.48 8.83
C HIS B 438 -32.99 58.12 10.23
N GLY B 439 -31.69 58.25 10.45
CA GLY B 439 -31.14 57.96 11.75
C GLY B 439 -29.63 57.87 11.82
N LYS B 440 -29.14 56.73 12.29
CA LYS B 440 -27.71 56.56 12.58
C LYS B 440 -26.90 56.15 11.35
N GLY B 441 -27.29 55.03 10.74
CA GLY B 441 -26.51 54.39 9.69
C GLY B 441 -26.08 55.30 8.55
N PHE B 442 -24.88 55.07 8.02
CA PHE B 442 -24.38 55.88 6.92
C PHE B 442 -24.66 55.19 5.59
N LEU B 443 -25.00 55.99 4.58
CA LEU B 443 -25.36 55.48 3.26
C LEU B 443 -24.13 54.94 2.53
N GLU B 444 -24.22 53.74 1.98
CA GLU B 444 -23.12 53.11 1.27
C GLU B 444 -23.56 52.24 0.10
N CYS B 445 -23.12 52.62 -1.10
CA CYS B 445 -23.32 51.84 -2.31
C CYS B 445 -24.78 51.49 -2.60
N GLY B 446 -25.65 52.49 -2.57
CA GLY B 446 -27.03 52.33 -2.99
C GLY B 446 -28.00 51.96 -1.88
N ILE B 447 -27.52 51.92 -0.65
CA ILE B 447 -28.37 51.59 0.49
C ILE B 447 -27.72 52.05 1.80
N CYS B 448 -28.54 52.22 2.83
CA CYS B 448 -28.04 52.61 4.14
C CYS B 448 -27.52 51.40 4.90
N ARG B 449 -26.34 51.53 5.49
CA ARG B 449 -25.79 50.47 6.32
C ARG B 449 -25.94 50.85 7.80
N CYS B 450 -26.92 50.24 8.45
CA CYS B 450 -27.31 50.62 9.80
C CYS B 450 -26.28 50.28 10.87
N ASP B 451 -26.35 51.01 11.98
CA ASP B 451 -25.45 50.77 13.11
C ASP B 451 -25.96 49.60 13.95
N THR B 452 -25.16 49.22 14.95
CA THR B 452 -25.51 48.11 15.83
C THR B 452 -26.76 48.41 16.64
N GLY B 453 -27.75 47.52 16.55
CA GLY B 453 -29.00 47.69 17.26
C GLY B 453 -30.11 48.19 16.37
N TYR B 454 -29.76 49.06 15.43
CA TYR B 454 -30.71 49.62 14.49
C TYR B 454 -30.71 48.80 13.19
N ILE B 455 -31.89 48.62 12.60
CA ILE B 455 -32.00 47.84 11.37
C ILE B 455 -33.21 48.25 10.53
N GLY B 456 -33.09 48.15 9.22
CA GLY B 456 -34.12 48.57 8.28
C GLY B 456 -33.46 49.12 7.04
N LYS B 457 -34.18 49.18 5.92
CA LYS B 457 -33.60 49.68 4.68
C LYS B 457 -33.38 51.19 4.76
N ASN B 458 -34.29 51.89 5.44
CA ASN B 458 -34.10 53.30 5.76
C ASN B 458 -33.89 53.46 7.26
N CYS B 459 -33.51 52.35 7.91
CA CYS B 459 -33.23 52.32 9.36
C CYS B 459 -34.38 52.93 10.18
N GLU B 460 -35.61 52.56 9.85
CA GLU B 460 -36.78 53.11 10.52
C GLU B 460 -37.21 52.28 11.72
N CYS B 461 -36.44 51.25 12.05
CA CYS B 461 -36.80 50.36 13.14
C CYS B 461 -35.61 49.99 14.02
N GLN B 462 -35.91 49.41 15.18
CA GLN B 462 -34.88 48.87 16.06
C GLN B 462 -35.31 47.48 16.51
N THR B 463 -34.34 46.58 16.64
CA THR B 463 -34.62 45.19 17.01
C THR B 463 -35.38 45.10 18.34
N GLN B 464 -34.94 45.89 19.31
CA GLN B 464 -35.61 45.95 20.60
C GLN B 464 -36.62 47.08 20.62
N GLY B 465 -37.89 46.76 20.45
CA GLY B 465 -38.93 47.76 20.45
C GLY B 465 -40.33 47.22 20.19
N ARG B 466 -41.12 48.01 19.48
CA ARG B 466 -42.51 47.68 19.21
C ARG B 466 -42.65 46.42 18.34
N SER B 467 -42.07 46.46 17.14
CA SER B 467 -42.15 45.34 16.20
C SER B 467 -43.60 44.93 15.99
N SER B 468 -44.38 45.81 15.36
CA SER B 468 -45.83 45.68 15.31
C SER B 468 -46.35 44.65 14.32
N GLN B 469 -47.67 44.56 14.21
CA GLN B 469 -48.34 43.64 13.32
C GLN B 469 -48.30 44.12 11.87
N GLU B 470 -48.97 43.37 11.00
CA GLU B 470 -49.17 43.74 9.59
C GLU B 470 -47.86 43.81 8.78
N LEU B 471 -46.74 44.02 9.46
CA LEU B 471 -45.43 43.96 8.83
C LEU B 471 -44.89 42.54 8.91
N GLU B 472 -45.58 41.69 9.66
CA GLU B 472 -45.17 40.30 9.80
C GLU B 472 -45.71 39.45 8.66
N GLY B 473 -46.38 40.09 7.71
CA GLY B 473 -46.89 39.41 6.54
C GLY B 473 -45.78 39.08 5.56
N SER B 474 -44.78 39.96 5.51
CA SER B 474 -43.64 39.78 4.63
C SER B 474 -42.59 38.86 5.26
N CYS B 475 -42.88 38.40 6.47
CA CYS B 475 -42.00 37.47 7.18
C CYS B 475 -42.43 36.03 6.95
N ARG B 476 -43.52 35.86 6.21
CA ARG B 476 -43.99 34.52 5.83
C ARG B 476 -43.77 34.27 4.35
N LYS B 477 -43.23 33.09 4.03
CA LYS B 477 -43.04 32.69 2.64
C LYS B 477 -44.38 32.52 1.96
N ASP B 478 -45.21 31.63 2.50
CA ASP B 478 -46.59 31.49 2.04
C ASP B 478 -47.51 31.29 3.24
N ASN B 479 -48.82 31.20 2.99
CA ASN B 479 -49.80 31.14 4.06
C ASN B 479 -49.69 29.89 4.93
N ASN B 480 -49.03 28.87 4.42
CA ASN B 480 -48.88 27.61 5.15
C ASN B 480 -47.56 27.52 5.92
N SER B 481 -46.71 28.53 5.75
CA SER B 481 -45.40 28.50 6.39
C SER B 481 -45.39 29.18 7.75
N ILE B 482 -44.45 28.76 8.59
CA ILE B 482 -44.24 29.39 9.89
C ILE B 482 -43.44 30.67 9.70
N ILE B 483 -43.80 31.71 10.46
CA ILE B 483 -43.16 33.02 10.35
C ILE B 483 -41.65 32.93 10.49
N CYS B 484 -40.95 33.42 9.46
CA CYS B 484 -39.50 33.36 9.39
C CYS B 484 -38.97 31.94 9.57
N SER B 485 -39.75 30.98 9.07
CA SER B 485 -39.36 29.56 9.08
CA SER B 485 -39.36 29.56 9.08
C SER B 485 -39.15 29.00 10.48
N GLY B 486 -39.43 29.81 11.50
CA GLY B 486 -39.20 29.39 12.87
C GLY B 486 -37.72 29.40 13.21
N LEU B 487 -36.91 29.90 12.29
CA LEU B 487 -35.47 29.96 12.47
C LEU B 487 -34.98 31.40 12.49
N GLY B 488 -35.89 32.33 12.74
CA GLY B 488 -35.56 33.75 12.75
C GLY B 488 -36.62 34.60 13.43
N ASP B 489 -36.28 35.85 13.68
CA ASP B 489 -37.18 36.80 14.32
C ASP B 489 -37.61 37.89 13.34
N CYS B 490 -38.90 38.18 13.32
CA CYS B 490 -39.45 39.20 12.43
C CYS B 490 -39.27 40.60 13.01
N VAL B 491 -38.49 41.43 12.33
CA VAL B 491 -38.24 42.80 12.78
C VAL B 491 -38.38 43.78 11.62
N CYS B 492 -39.29 44.73 11.77
CA CYS B 492 -39.49 45.80 10.79
C CYS B 492 -39.86 45.26 9.40
N GLY B 493 -40.49 44.09 9.37
CA GLY B 493 -40.95 43.52 8.12
C GLY B 493 -40.05 42.44 7.55
N GLN B 494 -38.75 42.54 7.81
CA GLN B 494 -37.79 41.57 7.30
C GLN B 494 -37.48 40.50 8.35
N CYS B 495 -36.70 39.51 7.95
CA CYS B 495 -36.36 38.41 8.85
C CYS B 495 -34.92 38.47 9.34
N LEU B 496 -34.76 38.45 10.66
CA LEU B 496 -33.45 38.38 11.28
C LEU B 496 -33.21 36.95 11.77
N CYS B 497 -32.43 36.19 11.02
CA CYS B 497 -32.24 34.77 11.28
C CYS B 497 -31.59 34.49 12.63
N HIS B 498 -31.98 33.37 13.24
CA HIS B 498 -31.42 32.96 14.52
C HIS B 498 -29.96 32.56 14.40
N THR B 499 -29.20 32.72 15.47
CA THR B 499 -27.79 32.40 15.47
C THR B 499 -27.51 31.08 16.21
N SER B 500 -27.35 30.01 15.43
CA SER B 500 -27.05 28.71 15.99
C SER B 500 -25.55 28.53 16.19
N ASP B 501 -25.16 28.13 17.40
CA ASP B 501 -23.76 27.93 17.74
C ASP B 501 -23.34 26.49 17.44
N VAL B 502 -23.15 26.22 16.15
CA VAL B 502 -22.71 24.92 15.67
C VAL B 502 -21.58 25.15 14.66
N PRO B 503 -20.53 24.31 14.70
CA PRO B 503 -19.44 24.43 13.73
C PRO B 503 -19.93 24.46 12.27
N GLY B 504 -19.84 25.63 11.66
CA GLY B 504 -20.12 25.78 10.24
C GLY B 504 -21.56 26.01 9.85
N LYS B 505 -22.47 25.95 10.82
CA LYS B 505 -23.89 26.11 10.52
C LYS B 505 -24.33 27.56 10.57
N LEU B 506 -24.84 28.06 9.45
CA LEU B 506 -25.37 29.42 9.38
C LEU B 506 -26.73 29.44 8.68
N ILE B 507 -27.68 30.16 9.26
CA ILE B 507 -29.00 30.28 8.67
C ILE B 507 -29.09 31.58 7.86
N TYR B 508 -29.57 31.48 6.63
CA TYR B 508 -29.72 32.65 5.78
C TYR B 508 -30.92 32.55 4.86
N GLY B 509 -31.16 33.59 4.08
CA GLY B 509 -32.31 33.65 3.20
C GLY B 509 -33.32 34.69 3.64
N GLN B 510 -34.18 35.10 2.72
CA GLN B 510 -35.21 36.10 3.00
C GLN B 510 -36.15 35.65 4.11
N TYR B 511 -36.47 34.36 4.11
CA TYR B 511 -37.38 33.79 5.09
C TYR B 511 -36.68 32.82 6.03
N CYS B 512 -35.35 32.91 6.07
CA CYS B 512 -34.52 32.03 6.89
C CYS B 512 -34.77 30.56 6.56
N GLU B 513 -34.99 30.26 5.28
CA GLU B 513 -35.34 28.92 4.85
C GLU B 513 -34.12 28.12 4.39
N CYS B 514 -32.95 28.77 4.41
CA CYS B 514 -31.72 28.15 3.94
C CYS B 514 -30.68 27.98 5.05
N ASP B 515 -29.92 26.90 4.97
CA ASP B 515 -28.83 26.66 5.91
C ASP B 515 -27.64 26.05 5.17
N THR B 516 -26.55 25.83 5.90
CA THR B 516 -25.29 25.42 5.28
C THR B 516 -24.87 23.99 5.59
N ILE B 517 -25.71 23.25 6.32
CA ILE B 517 -25.35 21.89 6.70
C ILE B 517 -26.26 20.83 6.11
N ASN B 518 -27.27 21.25 5.35
CA ASN B 518 -28.18 20.30 4.73
C ASN B 518 -27.88 20.09 3.24
N CYS B 519 -26.96 19.16 2.96
CA CYS B 519 -26.60 18.82 1.60
C CYS B 519 -26.21 17.34 1.51
N GLU B 520 -25.74 16.91 0.34
CA GLU B 520 -25.30 15.53 0.16
C GLU B 520 -24.00 15.29 0.90
N ARG B 521 -23.82 14.07 1.40
CA ARG B 521 -22.63 13.72 2.19
C ARG B 521 -21.69 12.79 1.44
N TYR B 522 -20.43 13.21 1.31
CA TYR B 522 -19.38 12.35 0.81
C TYR B 522 -18.46 11.96 1.96
N ASN B 523 -17.87 10.77 1.88
CA ASN B 523 -17.13 10.21 3.01
C ASN B 523 -18.03 10.15 4.25
N GLY B 524 -17.92 11.16 5.10
CA GLY B 524 -18.77 11.28 6.26
C GLY B 524 -19.12 12.73 6.49
N GLN B 525 -18.56 13.59 5.63
CA GLN B 525 -18.74 15.02 5.73
C GLN B 525 -19.67 15.54 4.65
N VAL B 526 -20.28 16.70 4.91
CA VAL B 526 -21.18 17.32 3.95
C VAL B 526 -20.40 17.94 2.78
N CYS B 527 -20.78 17.59 1.57
CA CYS B 527 -20.15 18.09 0.34
C CYS B 527 -18.65 17.79 0.29
N GLY B 528 -18.23 16.71 0.95
CA GLY B 528 -16.84 16.30 0.95
C GLY B 528 -15.96 17.16 1.84
N GLY B 529 -16.59 17.94 2.72
CA GLY B 529 -15.84 18.78 3.64
C GLY B 529 -15.24 20.00 2.98
N PRO B 530 -14.57 20.85 3.78
CA PRO B 530 -13.99 22.12 3.34
C PRO B 530 -12.91 21.95 2.27
N GLY B 531 -12.43 20.72 2.09
CA GLY B 531 -11.42 20.44 1.08
C GLY B 531 -12.00 20.37 -0.32
N ARG B 532 -13.20 19.77 -0.43
CA ARG B 532 -13.83 19.57 -1.72
C ARG B 532 -14.82 20.68 -2.06
N GLY B 533 -15.63 21.09 -1.09
CA GLY B 533 -16.60 22.15 -1.34
C GLY B 533 -17.39 22.62 -0.14
N LEU B 534 -18.28 23.57 -0.38
CA LEU B 534 -19.15 24.11 0.66
C LEU B 534 -20.61 23.86 0.32
N CYS B 535 -21.47 23.90 1.32
CA CYS B 535 -22.89 23.63 1.14
C CYS B 535 -23.74 24.90 1.25
N PHE B 536 -24.61 25.10 0.27
CA PHE B 536 -25.47 26.28 0.25
C PHE B 536 -26.92 25.92 -0.11
N CYS B 537 -27.74 25.75 0.92
CA CYS B 537 -29.18 25.55 0.76
C CYS B 537 -29.54 24.42 -0.20
N GLY B 538 -29.12 23.20 0.14
CA GLY B 538 -29.50 22.03 -0.63
C GLY B 538 -28.48 21.60 -1.67
N LYS B 539 -27.77 22.55 -2.26
CA LYS B 539 -26.80 22.22 -3.29
C LYS B 539 -25.37 22.43 -2.83
N CYS B 540 -24.49 21.54 -3.26
CA CYS B 540 -23.08 21.62 -2.93
C CYS B 540 -22.33 22.42 -4.00
N ARG B 541 -21.74 23.53 -3.59
CA ARG B 541 -20.91 24.30 -4.50
C ARG B 541 -19.44 23.91 -4.33
N CYS B 542 -18.93 23.17 -5.30
CA CYS B 542 -17.58 22.60 -5.21
C CYS B 542 -16.48 23.63 -5.43
N HIS B 543 -15.33 23.38 -4.84
CA HIS B 543 -14.14 24.20 -5.07
C HIS B 543 -13.56 23.90 -6.44
N PRO B 544 -12.77 24.82 -6.99
CA PRO B 544 -12.07 24.56 -8.25
C PRO B 544 -11.23 23.29 -8.19
N GLY B 545 -11.40 22.40 -9.17
CA GLY B 545 -10.70 21.14 -9.19
C GLY B 545 -11.56 20.00 -8.68
N PHE B 546 -12.79 20.32 -8.33
CA PHE B 546 -13.75 19.32 -7.87
C PHE B 546 -15.12 19.54 -8.48
N GLU B 547 -15.89 18.47 -8.63
CA GLU B 547 -17.23 18.54 -9.18
C GLU B 547 -18.10 17.38 -8.72
N GLY B 548 -19.41 17.51 -8.87
CA GLY B 548 -20.34 16.48 -8.45
C GLY B 548 -21.47 17.04 -7.60
N SER B 549 -22.47 16.20 -7.34
CA SER B 549 -23.60 16.60 -6.51
C SER B 549 -23.19 16.70 -5.04
N ALA B 550 -22.24 15.86 -4.65
CA ALA B 550 -21.69 15.90 -3.30
C ALA B 550 -20.21 16.29 -3.34
N CYS B 551 -19.81 16.88 -4.45
CA CYS B 551 -18.39 17.16 -4.72
C CYS B 551 -17.59 15.87 -4.61
N GLN B 552 -18.21 14.77 -5.06
CA GLN B 552 -17.63 13.45 -4.89
C GLN B 552 -16.65 13.09 -6.00
N CYS B 553 -16.74 13.79 -7.12
CA CYS B 553 -15.92 13.46 -8.28
C CYS B 553 -14.70 14.38 -8.40
N GLU B 554 -13.60 13.83 -8.89
CA GLU B 554 -12.37 14.58 -9.09
C GLU B 554 -12.07 14.71 -10.58
N ARG B 555 -11.49 15.83 -10.98
CA ARG B 555 -11.32 16.16 -12.40
C ARG B 555 -10.22 15.38 -13.10
N THR B 556 -9.10 15.18 -12.40
CA THR B 556 -7.94 14.52 -13.00
C THR B 556 -8.28 13.12 -13.53
N THR B 557 -7.59 12.72 -14.59
CA THR B 557 -7.81 11.42 -15.20
C THR B 557 -6.61 10.52 -15.03
N GLU B 558 -5.67 10.95 -14.19
CA GLU B 558 -4.42 10.23 -14.00
C GLU B 558 -4.64 8.86 -13.36
N GLY B 559 -5.75 8.71 -12.65
CA GLY B 559 -6.08 7.45 -12.01
C GLY B 559 -6.68 6.45 -12.96
N CYS B 560 -7.13 6.94 -14.12
CA CYS B 560 -7.80 6.10 -15.11
C CYS B 560 -6.83 5.51 -16.12
N LEU B 561 -5.74 6.22 -16.37
CA LEU B 561 -4.76 5.79 -17.35
C LEU B 561 -3.70 4.87 -16.74
N ASN B 562 -3.13 4.01 -17.58
CA ASN B 562 -2.03 3.15 -17.17
C ASN B 562 -0.72 3.93 -17.28
N PRO B 563 0.39 3.37 -16.77
CA PRO B 563 1.69 4.04 -16.96
C PRO B 563 2.00 4.40 -18.40
N ARG B 564 1.44 3.68 -19.37
CA ARG B 564 1.66 3.99 -20.78
C ARG B 564 0.63 5.01 -21.28
N ARG B 565 -0.18 5.54 -20.37
CA ARG B 565 -1.19 6.54 -20.70
C ARG B 565 -2.20 6.01 -21.72
N VAL B 566 -2.89 4.94 -21.36
CA VAL B 566 -3.80 4.28 -22.29
C VAL B 566 -5.26 4.67 -22.04
N GLU B 567 -5.53 5.18 -20.84
CA GLU B 567 -6.88 5.58 -20.43
C GLU B 567 -7.86 4.42 -20.43
N CYS B 568 -7.81 3.62 -19.36
CA CYS B 568 -8.71 2.48 -19.18
C CYS B 568 -8.69 1.54 -20.36
N SER B 569 -7.49 1.12 -20.78
CA SER B 569 -7.30 0.37 -22.01
C SER B 569 -7.95 1.11 -23.16
N GLY B 570 -8.74 0.40 -23.95
CA GLY B 570 -9.55 1.03 -24.99
C GLY B 570 -10.99 0.61 -24.79
N ARG B 571 -11.26 0.07 -23.60
CA ARG B 571 -12.53 -0.59 -23.32
C ARG B 571 -13.32 0.07 -22.20
N GLY B 572 -13.02 1.33 -21.92
CA GLY B 572 -13.72 2.06 -20.88
C GLY B 572 -13.38 3.54 -20.86
N ARG B 573 -14.37 4.37 -20.55
CA ARG B 573 -14.15 5.80 -20.42
C ARG B 573 -14.16 6.21 -18.96
N CYS B 574 -13.33 7.21 -18.62
CA CYS B 574 -13.09 7.59 -17.24
C CYS B 574 -14.11 8.59 -16.69
N ARG B 575 -14.63 8.30 -15.50
CA ARG B 575 -15.51 9.21 -14.78
C ARG B 575 -15.20 9.17 -13.28
N CYS B 576 -14.89 10.33 -12.72
CA CYS B 576 -14.55 10.46 -11.30
C CYS B 576 -13.38 9.55 -10.91
N ASN B 577 -12.36 9.53 -11.76
CA ASN B 577 -11.15 8.74 -11.53
C ASN B 577 -11.43 7.26 -11.32
N VAL B 578 -12.57 6.81 -11.85
CA VAL B 578 -12.93 5.40 -11.84
C VAL B 578 -13.31 4.99 -13.25
N CYS B 579 -12.58 4.01 -13.79
CA CYS B 579 -12.84 3.55 -15.15
C CYS B 579 -14.17 2.84 -15.26
N GLU B 580 -15.09 3.45 -16.00
CA GLU B 580 -16.39 2.85 -16.27
C GLU B 580 -16.27 1.90 -17.45
N CYS B 581 -16.19 0.61 -17.17
CA CYS B 581 -15.89 -0.39 -18.20
C CYS B 581 -17.16 -1.05 -18.74
N HIS B 582 -17.38 -0.92 -20.05
CA HIS B 582 -18.49 -1.61 -20.69
C HIS B 582 -18.12 -3.08 -20.86
N SER B 583 -19.03 -3.85 -21.47
CA SER B 583 -18.85 -5.29 -21.60
C SER B 583 -18.66 -5.93 -20.22
N GLY B 584 -17.68 -6.83 -20.11
CA GLY B 584 -17.45 -7.53 -18.87
C GLY B 584 -16.06 -7.34 -18.28
N TYR B 585 -15.34 -6.35 -18.80
CA TYR B 585 -13.98 -6.08 -18.32
C TYR B 585 -14.00 -5.45 -16.94
N GLN B 586 -13.13 -5.95 -16.07
CA GLN B 586 -13.15 -5.59 -14.65
C GLN B 586 -12.21 -4.43 -14.31
N LEU B 587 -12.21 -4.04 -13.04
CA LEU B 587 -11.46 -2.89 -12.57
C LEU B 587 -10.01 -3.29 -12.26
N PRO B 588 -9.08 -2.32 -12.19
CA PRO B 588 -9.28 -0.87 -12.33
C PRO B 588 -9.22 -0.36 -13.77
N LEU B 589 -8.30 -0.90 -14.56
CA LEU B 589 -7.97 -0.32 -15.85
C LEU B 589 -8.52 -1.08 -17.05
N CYS B 590 -9.45 -2.01 -16.78
CA CYS B 590 -10.19 -2.72 -17.83
C CYS B 590 -9.30 -3.53 -18.78
N GLN B 591 -8.26 -4.17 -18.25
CA GLN B 591 -7.36 -4.96 -19.07
C GLN B 591 -7.94 -6.33 -19.41
N GLU B 592 -8.43 -7.02 -18.39
CA GLU B 592 -8.88 -8.40 -18.53
C GLU B 592 -10.39 -8.54 -18.38
N CYS B 593 -10.96 -9.50 -19.10
CA CYS B 593 -12.36 -9.88 -18.92
C CYS B 593 -12.45 -11.39 -18.70
N PRO B 594 -12.56 -11.81 -17.42
CA PRO B 594 -12.56 -13.22 -17.04
C PRO B 594 -13.75 -14.01 -17.57
N GLY B 595 -14.93 -13.38 -17.59
CA GLY B 595 -16.15 -14.07 -17.95
C GLY B 595 -16.64 -13.83 -19.36
N CYS B 596 -15.72 -13.50 -20.27
CA CYS B 596 -16.06 -13.29 -21.66
C CYS B 596 -16.12 -14.60 -22.43
N PRO B 597 -16.98 -14.66 -23.47
CA PRO B 597 -16.99 -15.82 -24.36
C PRO B 597 -15.70 -15.89 -25.19
N SER B 598 -15.43 -17.03 -25.82
CA SER B 598 -14.20 -17.19 -26.57
C SER B 598 -14.32 -16.56 -27.96
N PRO B 599 -13.34 -15.71 -28.32
CA PRO B 599 -13.31 -14.99 -29.60
C PRO B 599 -12.95 -15.89 -30.78
N CYS B 600 -12.45 -17.08 -30.47
CA CYS B 600 -11.88 -17.99 -31.47
C CYS B 600 -12.77 -18.22 -32.68
N GLY B 601 -14.03 -18.56 -32.42
CA GLY B 601 -14.94 -19.00 -33.47
C GLY B 601 -15.18 -18.05 -34.63
N LYS B 602 -15.12 -16.75 -34.38
CA LYS B 602 -15.50 -15.77 -35.38
C LYS B 602 -14.33 -15.20 -36.18
N TYR B 603 -13.12 -15.56 -35.78
CA TYR B 603 -11.92 -15.07 -36.45
C TYR B 603 -11.27 -16.13 -37.34
N ILE B 604 -11.95 -17.25 -37.52
CA ILE B 604 -11.42 -18.33 -38.34
C ILE B 604 -11.30 -17.91 -39.80
N SER B 605 -12.28 -17.14 -40.28
CA SER B 605 -12.25 -16.66 -41.65
C SER B 605 -11.10 -15.67 -41.83
N CYS B 606 -10.92 -14.80 -40.83
CA CYS B 606 -9.83 -13.84 -40.85
C CYS B 606 -8.47 -14.53 -40.75
N ALA B 607 -8.41 -15.60 -39.96
CA ALA B 607 -7.19 -16.38 -39.82
C ALA B 607 -6.81 -17.04 -41.15
N GLU B 608 -7.82 -17.56 -41.86
CA GLU B 608 -7.61 -18.19 -43.16
C GLU B 608 -7.20 -17.15 -44.20
N CYS B 609 -7.77 -15.96 -44.07
CA CYS B 609 -7.45 -14.84 -44.95
C CYS B 609 -5.98 -14.43 -44.86
N LEU B 610 -5.54 -14.10 -43.65
CA LEU B 610 -4.20 -13.56 -43.44
C LEU B 610 -3.10 -14.54 -43.82
N LYS B 611 -3.20 -15.78 -43.35
CA LYS B 611 -2.11 -16.74 -43.48
C LYS B 611 -2.12 -17.49 -44.81
N PHE B 612 -3.31 -17.94 -45.24
CA PHE B 612 -3.40 -18.83 -46.39
C PHE B 612 -3.98 -18.15 -47.62
N GLU B 613 -4.33 -16.87 -47.47
CA GLU B 613 -4.82 -16.05 -48.58
C GLU B 613 -5.96 -16.71 -49.35
N LYS B 614 -6.94 -17.23 -48.62
CA LYS B 614 -8.07 -17.91 -49.25
C LYS B 614 -9.32 -17.83 -48.38
N GLY B 615 -10.35 -18.56 -48.78
CA GLY B 615 -11.62 -18.54 -48.08
C GLY B 615 -12.49 -17.39 -48.55
N PRO B 616 -13.55 -17.08 -47.78
CA PRO B 616 -14.46 -16.00 -48.16
C PRO B 616 -13.80 -14.64 -48.04
N PHE B 617 -12.67 -14.57 -47.34
CA PHE B 617 -12.02 -13.28 -47.07
C PHE B 617 -10.77 -13.02 -47.90
N GLY B 618 -10.70 -13.57 -49.12
CA GLY B 618 -9.61 -13.27 -50.03
C GLY B 618 -9.89 -12.02 -50.86
N LYS B 619 -8.92 -11.10 -50.90
CA LYS B 619 -9.04 -9.78 -51.54
C LYS B 619 -10.05 -8.90 -50.78
N ASN B 620 -10.97 -9.59 -50.13
CA ASN B 620 -11.82 -9.13 -49.04
C ASN B 620 -11.04 -8.57 -47.87
N CYS B 621 -9.80 -9.06 -47.74
CA CYS B 621 -9.07 -9.21 -46.47
C CYS B 621 -8.97 -7.99 -45.55
N SER B 622 -8.04 -7.07 -45.87
CA SER B 622 -7.74 -5.93 -45.02
C SER B 622 -8.99 -5.17 -44.58
N ALA B 623 -9.99 -5.15 -45.45
CA ALA B 623 -11.25 -4.48 -45.14
C ALA B 623 -12.08 -5.26 -44.14
N ALA B 624 -11.97 -6.59 -44.20
CA ALA B 624 -12.81 -7.47 -43.40
C ALA B 624 -12.21 -7.81 -42.04
N CYS B 625 -10.94 -7.46 -41.84
CA CYS B 625 -10.27 -7.74 -40.57
C CYS B 625 -9.48 -6.54 -40.05
N PRO B 626 -10.19 -5.48 -39.63
CA PRO B 626 -9.55 -4.23 -39.21
C PRO B 626 -8.75 -4.35 -37.91
N GLY B 627 -9.24 -5.16 -36.97
CA GLY B 627 -8.63 -5.25 -35.66
C GLY B 627 -7.58 -6.34 -35.49
N LEU B 628 -7.22 -6.99 -36.59
CA LEU B 628 -6.26 -8.09 -36.50
C LEU B 628 -4.90 -7.75 -37.11
N GLN B 629 -3.85 -7.97 -36.32
CA GLN B 629 -2.49 -7.81 -36.79
C GLN B 629 -1.80 -9.18 -36.81
N LEU B 630 -1.22 -9.53 -37.96
CA LEU B 630 -0.64 -10.86 -38.12
C LEU B 630 0.80 -10.94 -37.62
N SER B 631 1.11 -12.03 -36.93
CA SER B 631 2.47 -12.31 -36.49
C SER B 631 2.92 -13.67 -37.01
N ASN B 632 4.08 -13.71 -37.67
CA ASN B 632 4.61 -14.97 -38.18
C ASN B 632 5.36 -15.75 -37.11
N ASN B 633 5.39 -15.19 -35.91
CA ASN B 633 5.97 -15.87 -34.75
C ASN B 633 4.91 -16.05 -33.67
N PRO B 634 5.03 -17.12 -32.87
CA PRO B 634 4.07 -17.43 -31.80
C PRO B 634 3.84 -16.26 -30.85
N VAL B 635 2.59 -16.10 -30.41
CA VAL B 635 2.23 -15.04 -29.49
C VAL B 635 1.76 -15.60 -28.16
N LYS B 636 1.58 -14.73 -27.17
CA LYS B 636 1.33 -15.15 -25.80
C LYS B 636 -0.15 -15.10 -25.43
N GLY B 637 -1.02 -15.19 -26.42
CA GLY B 637 -2.45 -15.10 -26.18
C GLY B 637 -3.14 -16.43 -25.90
N ARG B 638 -4.40 -16.54 -26.33
CA ARG B 638 -5.20 -17.74 -26.10
C ARG B 638 -5.26 -18.64 -27.35
N THR B 639 -5.26 -19.94 -27.11
CA THR B 639 -5.21 -20.92 -28.20
C THR B 639 -6.55 -21.09 -28.91
N CYS B 640 -6.49 -21.30 -30.23
CA CYS B 640 -7.69 -21.52 -31.03
C CYS B 640 -7.44 -22.56 -32.11
N LYS B 641 -8.48 -23.32 -32.46
CA LYS B 641 -8.44 -24.23 -33.60
C LYS B 641 -9.84 -24.43 -34.16
N GLU B 642 -10.04 -24.01 -35.40
CA GLU B 642 -11.34 -24.12 -36.04
C GLU B 642 -11.22 -24.64 -37.47
N ARG B 643 -12.35 -24.93 -38.09
CA ARG B 643 -12.36 -25.42 -39.47
C ARG B 643 -12.50 -24.28 -40.46
N ASP B 644 -11.60 -24.24 -41.44
CA ASP B 644 -11.58 -23.16 -42.42
C ASP B 644 -12.61 -23.38 -43.52
N SER B 645 -12.47 -22.63 -44.61
CA SER B 645 -13.44 -22.64 -45.70
C SER B 645 -13.60 -23.99 -46.36
N GLU B 646 -12.52 -24.77 -46.44
CA GLU B 646 -12.57 -26.05 -47.13
C GLU B 646 -12.59 -27.23 -46.17
N GLY B 647 -12.74 -26.95 -44.87
CA GLY B 647 -12.99 -27.99 -43.89
C GLY B 647 -11.81 -28.40 -43.02
N CYS B 648 -10.62 -27.90 -43.34
CA CYS B 648 -9.42 -28.27 -42.58
C CYS B 648 -9.32 -27.47 -41.28
N TRP B 649 -8.66 -28.06 -40.29
CA TRP B 649 -8.53 -27.41 -38.98
C TRP B 649 -7.33 -26.48 -38.92
N VAL B 650 -7.60 -25.20 -38.64
CA VAL B 650 -6.55 -24.20 -38.58
C VAL B 650 -6.26 -23.75 -37.16
N ALA B 651 -5.03 -23.94 -36.71
CA ALA B 651 -4.62 -23.55 -35.37
C ALA B 651 -4.09 -22.11 -35.38
N TYR B 652 -4.53 -21.33 -34.40
CA TYR B 652 -4.07 -19.96 -34.27
C TYR B 652 -4.23 -19.44 -32.84
N THR B 653 -3.55 -18.33 -32.55
CA THR B 653 -3.52 -17.77 -31.21
C THR B 653 -3.87 -16.28 -31.24
N LEU B 654 -4.54 -15.81 -30.20
CA LEU B 654 -4.98 -14.41 -30.14
C LEU B 654 -4.45 -13.69 -28.90
N GLU B 655 -3.50 -12.77 -29.11
CA GLU B 655 -3.01 -11.93 -28.02
C GLU B 655 -3.67 -10.56 -28.07
N GLN B 656 -4.53 -10.29 -27.09
CA GLN B 656 -5.34 -9.08 -27.10
C GLN B 656 -4.52 -7.82 -26.87
N GLN B 657 -4.91 -6.74 -27.55
CA GLN B 657 -4.23 -5.46 -27.41
C GLN B 657 -5.20 -4.37 -26.98
N ASP B 658 -4.66 -3.20 -26.63
CA ASP B 658 -5.48 -2.10 -26.15
C ASP B 658 -6.40 -1.58 -27.26
N GLY B 659 -7.68 -1.44 -26.93
CA GLY B 659 -8.67 -0.97 -27.89
C GLY B 659 -9.92 -1.82 -27.87
N MET B 660 -10.85 -1.53 -28.78
CA MET B 660 -12.08 -2.29 -28.87
C MET B 660 -11.94 -3.47 -29.82
N ASP B 661 -11.77 -4.67 -29.26
CA ASP B 661 -11.66 -5.90 -30.03
C ASP B 661 -10.53 -5.86 -31.05
N ARG B 662 -9.32 -5.58 -30.56
CA ARG B 662 -8.12 -5.62 -31.40
C ARG B 662 -7.13 -6.65 -30.87
N TYR B 663 -6.77 -7.60 -31.72
CA TYR B 663 -5.92 -8.71 -31.32
C TYR B 663 -4.68 -8.86 -32.18
N LEU B 664 -3.66 -9.52 -31.64
CA LEU B 664 -2.47 -9.88 -32.39
C LEU B 664 -2.49 -11.39 -32.67
N ILE B 665 -2.75 -11.75 -33.91
CA ILE B 665 -3.01 -13.15 -34.27
C ILE B 665 -1.80 -13.86 -34.90
N TYR B 666 -1.48 -15.03 -34.35
CA TYR B 666 -0.48 -15.91 -34.97
C TYR B 666 -1.14 -17.15 -35.52
N VAL B 667 -0.94 -17.42 -36.80
CA VAL B 667 -1.55 -18.59 -37.44
C VAL B 667 -0.49 -19.62 -37.83
N ASP B 668 -0.77 -20.88 -37.54
CA ASP B 668 0.12 -21.98 -37.88
C ASP B 668 0.01 -22.28 -39.38
N GLU B 669 1.15 -22.53 -40.02
CA GLU B 669 1.17 -22.81 -41.45
C GLU B 669 0.73 -24.24 -41.75
N SER B 670 0.82 -25.10 -40.75
CA SER B 670 0.44 -26.50 -40.90
C SER B 670 -1.02 -26.73 -40.50
N ARG B 671 -1.86 -27.01 -41.49
CA ARG B 671 -3.28 -27.30 -41.25
C ARG B 671 -3.48 -28.78 -40.97
N GLU B 672 -4.70 -29.15 -40.58
CA GLU B 672 -5.03 -30.53 -40.25
C GLU B 672 -6.25 -31.00 -41.04
N CYS B 673 -6.04 -31.96 -41.93
CA CYS B 673 -7.12 -32.50 -42.75
C CYS B 673 -7.15 -34.01 -42.63
N CYS B 674 -8.25 -34.61 -43.07
CA CYS B 674 -8.36 -36.06 -43.03
C CYS B 674 -7.79 -36.71 -44.29
N GLY B 675 -7.25 -35.89 -45.19
CA GLY B 675 -6.63 -36.37 -46.41
C GLY B 675 -5.34 -37.16 -46.21
N GLY B 676 -4.23 -36.44 -46.25
CA GLY B 676 -2.94 -37.02 -45.95
#